data_3UXL
#
_entry.id   3UXL
#
_cell.length_a   148.256
_cell.length_b   148.256
_cell.length_c   175.388
_cell.angle_alpha   90.00
_cell.angle_beta   90.00
_cell.angle_gamma   90.00
#
_symmetry.space_group_name_H-M   'I 4'
#
loop_
_entity.id
_entity.type
_entity.pdbx_description
1 polymer 'Mandelate racemase'
2 non-polymer 'MAGNESIUM ION'
3 non-polymer 1-hydroxy-2-oxo-1-phenylhydrazine
4 water water
#
_entity_poly.entity_id   1
_entity_poly.type   'polypeptide(L)'
_entity_poly.pdbx_seq_one_letter_code
;MASWSHPQFEKGALEVLFQGPGYHMSEVLITGLRTRAVNVPLAYPVHTAVGTVGTAPLVLIDLATSAGVVGHSYLFAYTP
VALKSLKQLLDDMAAMIVNEPLAPVSLEAMLAKRFCLAGYTGLIRMAAAGIDMAAWDALGKVHETPLVKLLGANARPVQA
YDSHSLDGVKLATERAVTAAELGFRAVKTKIGYPALDQDLAVVRSIRQAVGDDFGIMVDYNQSLDVPAAIKRSQALQQEG
VTWIEEPTLQHDYEGHQRIQSKLNVPVQMGENWLGPEEMFKALSIGACRLAMPDAMKIGGVTGWIRASALAQQFGIPMSS
HLFQEISAHLLAATPTAHWLERLDLAGSVIEPTLTFEGGNAVIPDLPGVGIIWREKEIGKYLV
;
_entity_poly.pdbx_strand_id   A,B,C,D
#
# COMPACT_ATOMS: atom_id res chain seq x y z
N GLU A 27 17.03 -22.09 13.20
CA GLU A 27 18.09 -21.21 13.71
C GLU A 27 17.91 -19.88 12.93
N VAL A 28 18.67 -19.57 11.86
CA VAL A 28 18.54 -18.25 11.20
C VAL A 28 17.14 -17.99 10.57
N LEU A 29 16.50 -16.87 10.98
CA LEU A 29 15.16 -16.54 10.50
C LEU A 29 15.15 -15.24 9.70
N ILE A 30 14.23 -15.13 8.75
CA ILE A 30 13.96 -13.86 8.08
C ILE A 30 13.17 -12.94 9.05
N THR A 31 13.60 -11.69 9.18
CA THR A 31 13.02 -10.81 10.17
C THR A 31 12.45 -9.53 9.54
N GLY A 32 12.70 -9.32 8.24
CA GLY A 32 12.12 -8.21 7.54
C GLY A 32 12.30 -8.30 6.05
N LEU A 33 11.43 -7.60 5.33
CA LEU A 33 11.59 -7.36 3.93
C LEU A 33 11.36 -5.90 3.63
N ARG A 34 12.26 -5.29 2.92
CA ARG A 34 12.07 -3.95 2.52
C ARG A 34 12.31 -3.80 1.03
N THR A 35 11.43 -3.10 0.35
CA THR A 35 11.61 -2.88 -1.08
C THR A 35 11.73 -1.40 -1.45
N ARG A 36 12.48 -1.08 -2.49
CA ARG A 36 12.52 0.29 -2.98
C ARG A 36 12.39 0.32 -4.49
N ALA A 37 11.40 1.04 -4.99
CA ALA A 37 11.21 1.21 -6.44
C ALA A 37 12.04 2.36 -6.94
N VAL A 38 12.88 2.11 -7.95
CA VAL A 38 13.67 3.16 -8.57
C VAL A 38 13.55 3.07 -10.08
N ASN A 39 13.75 4.21 -10.72
CA ASN A 39 13.65 4.31 -12.16
C ASN A 39 14.94 4.97 -12.57
N VAL A 40 15.88 4.19 -13.07
CA VAL A 40 17.21 4.72 -13.34
C VAL A 40 17.43 5.00 -14.82
N PRO A 41 17.65 6.29 -15.20
CA PRO A 41 17.95 6.64 -16.62
C PRO A 41 19.20 5.90 -17.07
N LEU A 42 19.21 5.44 -18.32
CA LEU A 42 20.39 4.68 -18.81
C LEU A 42 21.19 5.55 -19.79
N ALA A 43 22.50 5.44 -19.69
CA ALA A 43 23.39 6.10 -20.66
C ALA A 43 22.89 5.78 -22.08
N TYR A 44 22.69 4.48 -22.34
CA TYR A 44 22.19 4.08 -23.62
C TYR A 44 20.90 3.32 -23.42
N PRO A 45 19.76 3.96 -23.72
CA PRO A 45 18.43 3.34 -23.68
C PRO A 45 18.46 2.01 -24.45
N VAL A 46 17.77 0.98 -23.94
CA VAL A 46 17.77 -0.30 -24.63
C VAL A 46 16.65 -0.30 -25.67
N HIS A 47 16.99 0.14 -26.88
CA HIS A 47 16.08 0.04 -28.01
C HIS A 47 15.95 -1.40 -28.47
N THR A 48 14.72 -1.85 -28.75
CA THR A 48 14.49 -3.18 -29.36
C THR A 48 13.48 -3.02 -30.49
N ALA A 49 13.38 -4.04 -31.34
CA ALA A 49 12.47 -4.02 -32.45
C ALA A 49 11.01 -3.92 -31.99
N VAL A 50 10.71 -4.22 -30.72
CA VAL A 50 9.34 -4.18 -30.23
C VAL A 50 9.11 -3.13 -29.15
N GLY A 51 10.04 -2.19 -29.01
CA GLY A 51 9.88 -1.09 -28.07
C GLY A 51 11.22 -0.77 -27.41
N THR A 52 11.24 0.40 -26.79
CA THR A 52 12.42 0.92 -26.10
C THR A 52 12.23 0.91 -24.58
N VAL A 53 13.26 0.46 -23.86
CA VAL A 53 13.34 0.55 -22.42
C VAL A 53 14.35 1.70 -22.19
N GLY A 54 13.87 2.88 -21.78
CA GLY A 54 14.73 4.08 -21.72
C GLY A 54 15.33 4.30 -20.36
N THR A 55 14.67 3.72 -19.35
CA THR A 55 15.15 3.68 -17.98
C THR A 55 15.03 2.22 -17.48
N ALA A 56 15.77 1.90 -16.42
CA ALA A 56 15.63 0.61 -15.75
C ALA A 56 14.72 0.81 -14.52
N PRO A 57 13.47 0.31 -14.58
CA PRO A 57 12.57 0.30 -13.42
C PRO A 57 12.88 -0.96 -12.60
N LEU A 58 13.49 -0.76 -11.43
CA LEU A 58 13.98 -1.86 -10.59
C LEU A 58 13.33 -1.80 -9.23
N VAL A 59 13.14 -2.96 -8.62
CA VAL A 59 12.68 -3.00 -7.26
C VAL A 59 13.93 -3.48 -6.52
N LEU A 60 14.47 -2.66 -5.61
CA LEU A 60 15.63 -3.06 -4.79
C LEU A 60 15.15 -3.81 -3.52
N ILE A 61 15.72 -4.97 -3.24
CA ILE A 61 15.22 -5.79 -2.12
C ILE A 61 16.24 -5.93 -0.98
N ASP A 62 15.81 -5.69 0.26
CA ASP A 62 16.62 -5.97 1.47
C ASP A 62 15.88 -6.98 2.37
N LEU A 63 16.52 -8.12 2.63
CA LEU A 63 15.95 -9.20 3.45
C LEU A 63 16.73 -9.28 4.78
N ALA A 64 16.12 -8.80 5.86
CA ALA A 64 16.80 -8.68 7.12
C ALA A 64 16.74 -10.05 7.76
N THR A 65 17.77 -10.40 8.54
CA THR A 65 17.79 -11.72 9.17
C THR A 65 18.11 -11.61 10.67
N SER A 66 17.78 -12.68 11.41
CA SER A 66 18.07 -12.78 12.83
C SER A 66 19.56 -12.93 13.07
N ALA A 67 20.33 -13.16 12.01
CA ALA A 67 21.79 -13.20 12.14
C ALA A 67 22.32 -11.80 11.91
N GLY A 68 21.43 -10.84 11.64
CA GLY A 68 21.82 -9.44 11.49
C GLY A 68 22.30 -9.03 10.10
N VAL A 69 22.85 -9.98 9.33
CA VAL A 69 23.23 -9.65 7.96
C VAL A 69 21.93 -9.48 7.19
N VAL A 70 22.04 -8.74 6.09
CA VAL A 70 20.90 -8.37 5.26
C VAL A 70 21.23 -8.83 3.85
N GLY A 71 20.33 -9.66 3.30
CA GLY A 71 20.39 -10.07 1.89
C GLY A 71 19.92 -9.01 0.93
N HIS A 72 20.66 -8.81 -0.16
CA HIS A 72 20.28 -7.83 -1.19
C HIS A 72 19.99 -8.50 -2.52
N SER A 73 18.96 -8.05 -3.22
CA SER A 73 18.82 -8.43 -4.64
C SER A 73 17.97 -7.35 -5.26
N TYR A 74 17.71 -7.50 -6.54
CA TYR A 74 16.79 -6.59 -7.24
C TYR A 74 16.04 -7.29 -8.35
N LEU A 75 14.92 -6.68 -8.73
CA LEU A 75 14.10 -7.14 -9.85
C LEU A 75 14.09 -6.06 -10.95
N PHE A 76 13.98 -6.50 -12.20
CA PHE A 76 13.86 -5.60 -13.35
C PHE A 76 12.42 -5.73 -13.78
N ALA A 77 11.72 -4.60 -13.91
CA ALA A 77 10.26 -4.63 -14.17
C ALA A 77 9.95 -4.36 -15.64
N TYR A 78 11.01 -4.03 -16.42
CA TYR A 78 10.95 -3.88 -17.87
C TYR A 78 10.38 -2.53 -18.29
N THR A 79 9.24 -2.17 -17.75
CA THR A 79 8.56 -0.94 -18.05
C THR A 79 8.06 -0.29 -16.76
N PRO A 80 8.05 1.03 -16.70
CA PRO A 80 7.46 1.68 -15.51
C PRO A 80 6.02 1.24 -15.22
N VAL A 81 5.30 0.73 -16.22
CA VAL A 81 3.89 0.38 -16.05
C VAL A 81 3.75 -0.72 -15.01
N ALA A 82 4.77 -1.58 -14.89
CA ALA A 82 4.70 -2.76 -14.01
C ALA A 82 5.42 -2.52 -12.68
N LEU A 83 6.11 -1.38 -12.59
CA LEU A 83 6.97 -1.11 -11.45
C LEU A 83 6.23 -1.06 -10.07
N LYS A 84 5.20 -0.22 -9.94
CA LYS A 84 4.54 -0.12 -8.63
C LYS A 84 3.79 -1.37 -8.29
N SER A 85 3.27 -2.03 -9.29
CA SER A 85 2.54 -3.27 -9.06
C SER A 85 3.50 -4.33 -8.51
N LEU A 86 4.69 -4.36 -9.07
CA LEU A 86 5.66 -5.37 -8.64
C LEU A 86 6.16 -5.13 -7.18
N LYS A 87 6.43 -3.87 -6.86
CA LYS A 87 6.78 -3.52 -5.50
C LYS A 87 5.69 -3.89 -4.52
N GLN A 88 4.47 -3.56 -4.86
CA GLN A 88 3.31 -3.79 -3.96
C GLN A 88 3.20 -5.29 -3.75
N LEU A 89 3.44 -6.04 -4.82
CA LEU A 89 3.35 -7.47 -4.77
C LEU A 89 4.33 -8.09 -3.75
N LEU A 90 5.59 -7.71 -3.87
CA LEU A 90 6.57 -8.11 -2.86
C LEU A 90 6.21 -7.70 -1.45
N ASP A 91 5.76 -6.45 -1.29
CA ASP A 91 5.45 -5.91 0.04
C ASP A 91 4.37 -6.78 0.63
N ASP A 92 3.37 -7.18 -0.15
CA ASP A 92 2.31 -8.08 0.36
C ASP A 92 2.76 -9.54 0.56
N MET A 93 3.76 -9.97 -0.19
CA MET A 93 4.41 -11.27 0.01
C MET A 93 5.24 -11.34 1.28
N ALA A 94 5.65 -10.19 1.84
CA ALA A 94 6.44 -10.18 3.06
C ALA A 94 5.80 -11.01 4.17
N ALA A 95 4.47 -10.92 4.32
CA ALA A 95 3.76 -11.68 5.38
C ALA A 95 3.99 -13.17 5.28
N MET A 96 4.22 -13.66 4.07
CA MET A 96 4.49 -15.07 3.92
C MET A 96 5.90 -15.50 4.31
N ILE A 97 6.87 -14.59 4.28
CA ILE A 97 8.26 -15.01 4.49
C ILE A 97 8.93 -14.59 5.80
N VAL A 98 8.47 -13.49 6.40
CA VAL A 98 9.02 -12.99 7.65
C VAL A 98 8.74 -14.05 8.77
N ASN A 99 9.74 -14.36 9.59
CA ASN A 99 9.73 -15.45 10.59
C ASN A 99 9.92 -16.84 10.04
N GLU A 100 10.07 -16.97 8.72
CA GLU A 100 10.47 -18.27 8.15
C GLU A 100 11.97 -18.44 8.26
N PRO A 101 12.44 -19.68 8.42
CA PRO A 101 13.88 -19.90 8.34
C PRO A 101 14.50 -19.42 7.02
N LEU A 102 15.74 -18.91 7.10
CA LEU A 102 16.46 -18.51 5.90
C LEU A 102 16.97 -19.77 5.16
N ALA A 103 16.10 -20.40 4.38
CA ALA A 103 16.46 -21.69 3.74
C ALA A 103 15.82 -21.53 2.37
N PRO A 104 16.60 -20.99 1.38
CA PRO A 104 16.03 -20.57 0.11
C PRO A 104 15.19 -21.64 -0.57
N VAL A 105 15.67 -22.89 -0.52
CA VAL A 105 15.02 -24.01 -1.16
C VAL A 105 13.68 -24.34 -0.53
N SER A 106 13.60 -24.36 0.81
CA SER A 106 12.33 -24.65 1.47
C SER A 106 11.42 -23.44 1.31
N LEU A 107 12.00 -22.25 1.24
CA LEU A 107 11.18 -21.06 1.08
C LEU A 107 10.49 -21.05 -0.31
N GLU A 108 11.27 -21.40 -1.34
CA GLU A 108 10.74 -21.57 -2.71
C GLU A 108 9.60 -22.59 -2.76
N ALA A 109 9.78 -23.74 -2.12
CA ALA A 109 8.68 -24.78 -2.10
C ALA A 109 7.41 -24.23 -1.47
N MET A 110 7.59 -23.46 -0.39
CA MET A 110 6.45 -22.86 0.29
C MET A 110 5.73 -21.84 -0.62
N LEU A 111 6.50 -20.99 -1.29
CA LEU A 111 5.93 -20.03 -2.22
C LEU A 111 5.18 -20.68 -3.40
N ALA A 112 5.73 -21.72 -4.00
CA ALA A 112 5.03 -22.46 -5.03
C ALA A 112 3.69 -23.00 -4.52
N LYS A 113 3.63 -23.43 -3.28
CA LYS A 113 2.42 -23.92 -2.77
C LYS A 113 1.43 -22.80 -2.48
N ARG A 114 1.88 -21.73 -1.87
CA ARG A 114 1.01 -20.59 -1.61
C ARG A 114 0.40 -19.97 -2.90
N PHE A 115 1.13 -20.04 -4.02
CA PHE A 115 0.63 -19.47 -5.24
C PHE A 115 0.12 -20.51 -6.24
N CYS A 116 -0.07 -21.73 -5.72
CA CYS A 116 -0.59 -22.88 -6.44
C CYS A 116 -1.81 -22.48 -7.24
N LEU A 117 -2.77 -21.84 -6.57
CA LEU A 117 -4.07 -21.60 -7.22
C LEU A 117 -4.05 -20.39 -8.12
N ALA A 118 -3.35 -19.36 -7.69
CA ALA A 118 -3.37 -18.09 -8.39
C ALA A 118 -2.49 -18.03 -9.68
N GLY A 119 -1.50 -18.92 -9.76
CA GLY A 119 -0.63 -19.02 -10.95
C GLY A 119 0.77 -18.58 -10.59
N TYR A 120 1.66 -19.55 -10.41
CA TYR A 120 3.01 -19.35 -9.90
C TYR A 120 3.92 -18.99 -11.08
N THR A 121 3.63 -17.83 -11.66
CA THR A 121 4.25 -17.44 -12.89
C THR A 121 4.23 -15.92 -13.01
N GLY A 122 4.84 -15.38 -14.05
CA GLY A 122 4.81 -13.94 -14.24
C GLY A 122 5.26 -13.09 -13.07
N LEU A 123 4.51 -12.03 -12.78
CA LEU A 123 4.95 -11.14 -11.70
C LEU A 123 5.13 -11.87 -10.37
N ILE A 124 4.21 -12.76 -10.03
CA ILE A 124 4.35 -13.51 -8.81
C ILE A 124 5.66 -14.30 -8.77
N ARG A 125 5.95 -15.04 -9.85
CA ARG A 125 7.20 -15.83 -9.89
C ARG A 125 8.44 -14.89 -9.83
N MET A 126 8.35 -13.72 -10.47
CA MET A 126 9.47 -12.77 -10.41
C MET A 126 9.70 -12.27 -8.98
N ALA A 127 8.61 -11.97 -8.26
CA ALA A 127 8.68 -11.52 -6.85
C ALA A 127 9.37 -12.62 -6.04
N ALA A 128 8.84 -13.83 -6.15
CA ALA A 128 9.45 -14.98 -5.48
C ALA A 128 10.98 -15.13 -5.79
N ALA A 129 11.35 -14.92 -7.05
CA ALA A 129 12.77 -15.00 -7.42
C ALA A 129 13.61 -13.90 -6.76
N GLY A 130 13.08 -12.69 -6.62
CA GLY A 130 13.84 -11.65 -5.91
C GLY A 130 14.14 -11.99 -4.45
N ILE A 131 13.14 -12.58 -3.79
CA ILE A 131 13.28 -13.07 -2.46
C ILE A 131 14.38 -14.14 -2.41
N ASP A 132 14.32 -15.08 -3.33
CA ASP A 132 15.27 -16.15 -3.40
C ASP A 132 16.69 -15.65 -3.61
N MET A 133 16.84 -14.75 -4.54
CA MET A 133 18.17 -14.21 -4.73
C MET A 133 18.70 -13.43 -3.47
N ALA A 134 17.81 -12.72 -2.78
CA ALA A 134 18.28 -11.99 -1.59
C ALA A 134 18.51 -12.99 -0.44
N ALA A 135 17.73 -14.09 -0.42
CA ALA A 135 17.92 -15.10 0.63
C ALA A 135 19.25 -15.82 0.50
N TRP A 136 19.66 -16.10 -0.75
CA TRP A 136 20.95 -16.75 -0.98
C TRP A 136 22.09 -15.78 -0.72
N ASP A 137 21.89 -14.52 -1.06
CA ASP A 137 22.87 -13.52 -0.67
C ASP A 137 23.03 -13.52 0.86
N ALA A 138 21.89 -13.44 1.59
CA ALA A 138 21.93 -13.52 3.06
C ALA A 138 22.63 -14.79 3.55
N LEU A 139 22.33 -15.94 2.93
CA LEU A 139 22.95 -17.22 3.37
C LEU A 139 24.45 -17.21 3.16
N GLY A 140 24.91 -16.61 2.08
CA GLY A 140 26.32 -16.48 1.86
C GLY A 140 26.92 -15.57 2.90
N LYS A 141 26.20 -14.51 3.25
CA LYS A 141 26.61 -13.65 4.36
C LYS A 141 26.69 -14.35 5.74
N VAL A 142 25.64 -15.07 6.17
CA VAL A 142 25.71 -15.95 7.37
C VAL A 142 27.04 -16.76 7.45
N HIS A 143 27.51 -17.31 6.30
CA HIS A 143 28.65 -18.20 6.27
C HIS A 143 29.90 -17.50 5.88
N GLU A 144 29.80 -16.17 5.75
CA GLU A 144 30.92 -15.29 5.37
C GLU A 144 31.65 -15.83 4.15
N THR A 145 30.87 -16.26 3.17
CA THR A 145 31.49 -16.84 2.00
C THR A 145 30.82 -16.30 0.70
N PRO A 146 31.64 -16.02 -0.36
CA PRO A 146 31.01 -15.64 -1.62
C PRO A 146 30.00 -16.71 -2.03
N LEU A 147 28.92 -16.29 -2.67
CA LEU A 147 27.88 -17.22 -3.13
C LEU A 147 28.46 -18.41 -3.93
N VAL A 148 29.36 -18.16 -4.89
CA VAL A 148 29.87 -19.25 -5.75
C VAL A 148 30.44 -20.41 -4.90
N LYS A 149 31.14 -20.10 -3.84
CA LYS A 149 31.66 -21.07 -2.93
C LYS A 149 30.63 -21.80 -2.09
N LEU A 150 29.58 -21.14 -1.68
CA LEU A 150 28.47 -21.83 -0.98
C LEU A 150 27.78 -22.87 -1.90
N LEU A 151 27.85 -22.65 -3.21
CA LEU A 151 27.23 -23.56 -4.18
C LEU A 151 28.17 -24.73 -4.46
N GLY A 152 29.38 -24.68 -3.90
CA GLY A 152 30.33 -25.76 -4.06
C GLY A 152 31.28 -25.60 -5.25
N ALA A 153 31.35 -24.39 -5.80
CA ALA A 153 32.25 -24.14 -6.93
C ALA A 153 33.32 -23.12 -6.58
N ASN A 154 34.39 -23.06 -7.37
CA ASN A 154 35.43 -22.03 -7.24
C ASN A 154 35.02 -20.83 -8.06
N ALA A 155 35.43 -19.65 -7.62
CA ALA A 155 35.39 -18.47 -8.48
C ALA A 155 36.35 -18.70 -9.65
N ARG A 156 35.98 -18.24 -10.84
CA ARG A 156 36.90 -18.26 -11.99
C ARG A 156 36.43 -17.24 -13.01
N PRO A 157 37.34 -16.58 -13.74
CA PRO A 157 36.85 -15.54 -14.64
C PRO A 157 35.82 -16.08 -15.64
N VAL A 158 34.74 -15.35 -15.89
CA VAL A 158 33.74 -15.86 -16.85
C VAL A 158 33.69 -14.92 -18.06
N GLN A 159 33.90 -15.44 -19.28
CA GLN A 159 33.89 -14.57 -20.49
C GLN A 159 32.54 -13.84 -20.65
N ALA A 160 32.60 -12.55 -20.99
CA ALA A 160 31.41 -11.73 -21.04
C ALA A 160 31.28 -11.01 -22.39
N TYR A 161 30.06 -10.87 -22.90
CA TYR A 161 29.87 -10.03 -24.10
C TYR A 161 29.24 -8.75 -23.68
N ASP A 162 29.61 -7.68 -24.38
CA ASP A 162 29.05 -6.38 -24.05
C ASP A 162 27.76 -6.24 -24.82
N SER A 163 26.66 -6.02 -24.09
CA SER A 163 25.32 -6.13 -24.66
C SER A 163 24.75 -4.73 -24.99
N HIS A 164 24.51 -4.50 -26.29
CA HIS A 164 24.10 -3.20 -26.78
C HIS A 164 22.68 -3.28 -27.20
N SER A 165 22.24 -2.44 -28.13
CA SER A 165 20.81 -2.49 -28.47
C SER A 165 20.51 -2.11 -29.93
N LEU A 166 19.26 -1.78 -30.22
CA LEU A 166 18.85 -1.47 -31.58
C LEU A 166 19.33 -0.03 -31.88
N ASP A 167 20.63 0.11 -32.10
CA ASP A 167 21.31 1.41 -31.95
C ASP A 167 21.47 2.22 -33.26
N GLY A 168 21.19 1.62 -34.39
CA GLY A 168 21.51 2.24 -35.71
C GLY A 168 22.97 1.91 -36.03
N VAL A 169 23.30 1.92 -37.33
CA VAL A 169 24.68 1.56 -37.81
C VAL A 169 25.76 2.29 -37.02
N LYS A 170 25.68 3.61 -36.98
CA LYS A 170 26.69 4.43 -36.36
C LYS A 170 26.96 4.18 -34.86
N LEU A 171 25.95 4.22 -34.05
CA LEU A 171 26.13 3.99 -32.62
C LEU A 171 26.55 2.56 -32.32
N ALA A 172 25.95 1.61 -32.99
CA ALA A 172 26.34 0.19 -32.82
C ALA A 172 27.84 0.00 -33.09
N THR A 173 28.33 0.54 -34.21
CA THR A 173 29.79 0.41 -34.50
C THR A 173 30.66 1.09 -33.44
N GLU A 174 30.27 2.30 -33.07
CA GLU A 174 30.97 2.97 -32.00
C GLU A 174 30.96 2.18 -30.70
N ARG A 175 29.79 1.70 -30.26
CA ARG A 175 29.78 0.90 -29.00
C ARG A 175 30.61 -0.40 -29.14
N ALA A 176 30.61 -1.00 -30.33
CA ALA A 176 31.43 -2.20 -30.57
C ALA A 176 32.94 -1.88 -30.44
N VAL A 177 33.37 -0.76 -31.03
CA VAL A 177 34.78 -0.35 -30.90
C VAL A 177 35.17 -0.15 -29.46
N THR A 178 34.36 0.62 -28.74
CA THR A 178 34.56 0.80 -27.31
C THR A 178 34.70 -0.53 -26.53
N ALA A 179 33.76 -1.46 -26.73
CA ALA A 179 33.83 -2.77 -26.05
C ALA A 179 35.11 -3.53 -26.38
N ALA A 180 35.52 -3.52 -27.66
CA ALA A 180 36.76 -4.17 -28.06
C ALA A 180 37.97 -3.58 -27.34
N GLU A 181 38.01 -2.25 -27.20
CA GLU A 181 39.12 -1.56 -26.45
C GLU A 181 39.12 -1.92 -24.98
N LEU A 182 37.93 -2.11 -24.43
CA LEU A 182 37.84 -2.53 -23.03
C LEU A 182 38.25 -3.99 -22.85
N GLY A 183 38.53 -4.69 -23.93
CA GLY A 183 38.91 -6.09 -23.79
C GLY A 183 37.78 -7.13 -23.91
N PHE A 184 36.54 -6.73 -24.18
CA PHE A 184 35.48 -7.71 -24.54
C PHE A 184 35.78 -8.40 -25.88
N ARG A 185 35.50 -9.67 -25.94
CA ARG A 185 35.73 -10.44 -27.12
C ARG A 185 34.46 -10.68 -27.93
N ALA A 186 33.34 -10.19 -27.43
CA ALA A 186 32.08 -10.29 -28.14
C ALA A 186 31.18 -9.15 -27.76
N VAL A 187 30.27 -8.77 -28.65
CA VAL A 187 29.18 -7.84 -28.37
C VAL A 187 27.89 -8.44 -28.86
N LYS A 188 26.76 -7.94 -28.34
CA LYS A 188 25.44 -8.34 -28.86
C LYS A 188 24.75 -7.11 -29.29
N THR A 189 24.11 -7.16 -30.46
CA THR A 189 23.33 -6.03 -30.92
C THR A 189 21.88 -6.50 -31.12
N LYS A 190 20.92 -5.59 -30.96
CA LYS A 190 19.51 -5.93 -31.16
C LYS A 190 19.16 -5.47 -32.56
N ILE A 191 18.56 -6.38 -33.35
CA ILE A 191 18.19 -6.12 -34.73
C ILE A 191 16.67 -6.37 -34.94
N GLY A 192 16.20 -6.41 -36.17
CA GLY A 192 14.76 -6.33 -36.43
C GLY A 192 14.35 -4.96 -36.97
N TYR A 193 15.25 -4.32 -37.74
CA TYR A 193 14.93 -3.06 -38.43
C TYR A 193 13.89 -3.34 -39.48
N PRO A 194 13.21 -2.29 -39.98
CA PRO A 194 12.15 -2.52 -40.98
C PRO A 194 12.56 -3.42 -42.17
N ALA A 195 13.80 -3.27 -42.63
CA ALA A 195 14.33 -4.06 -43.74
C ALA A 195 15.48 -4.97 -43.27
N LEU A 196 15.47 -6.20 -43.77
CA LEU A 196 16.63 -7.09 -43.65
C LEU A 196 17.97 -6.38 -44.04
N ASP A 197 17.99 -5.65 -45.15
CA ASP A 197 19.21 -4.93 -45.57
C ASP A 197 19.83 -4.09 -44.45
N GLN A 198 19.00 -3.50 -43.61
CA GLN A 198 19.44 -2.81 -42.43
C GLN A 198 20.02 -3.69 -41.32
N ASP A 199 19.37 -4.80 -40.97
CA ASP A 199 20.01 -5.78 -40.05
C ASP A 199 21.41 -6.09 -40.55
N LEU A 200 21.52 -6.39 -41.85
CA LEU A 200 22.79 -6.88 -42.41
C LEU A 200 23.84 -5.76 -42.39
N ALA A 201 23.44 -4.54 -42.74
CA ALA A 201 24.39 -3.38 -42.68
C ALA A 201 25.00 -3.14 -41.26
N VAL A 202 24.18 -3.27 -40.22
CA VAL A 202 24.69 -3.11 -38.84
C VAL A 202 25.69 -4.21 -38.53
N VAL A 203 25.31 -5.45 -38.78
CA VAL A 203 26.24 -6.53 -38.53
C VAL A 203 27.54 -6.38 -39.33
N ARG A 204 27.45 -6.01 -40.61
CA ARG A 204 28.67 -5.73 -41.45
C ARG A 204 29.53 -4.65 -40.86
N SER A 205 28.91 -3.52 -40.52
CA SER A 205 29.69 -2.44 -39.97
C SER A 205 30.37 -2.84 -38.66
N ILE A 206 29.69 -3.60 -37.78
CA ILE A 206 30.36 -4.03 -36.54
C ILE A 206 31.54 -4.94 -36.90
N ARG A 207 31.30 -5.89 -37.81
CA ARG A 207 32.33 -6.86 -38.23
C ARG A 207 33.63 -6.14 -38.73
N GLN A 208 33.44 -5.17 -39.64
CA GLN A 208 34.58 -4.41 -40.18
C GLN A 208 35.34 -3.75 -39.01
N ALA A 209 34.61 -3.25 -38.00
CA ALA A 209 35.25 -2.59 -36.87
C ALA A 209 36.02 -3.50 -35.90
N VAL A 210 35.50 -4.70 -35.63
CA VAL A 210 36.07 -5.57 -34.58
C VAL A 210 36.88 -6.72 -35.11
N GLY A 211 36.76 -7.03 -36.41
CA GLY A 211 37.54 -8.12 -37.02
C GLY A 211 36.88 -9.49 -36.98
N ASP A 212 37.51 -10.44 -37.67
CA ASP A 212 36.90 -11.76 -37.87
C ASP A 212 36.98 -12.65 -36.62
N ASP A 213 37.93 -12.38 -35.73
CA ASP A 213 38.13 -13.14 -34.50
C ASP A 213 37.41 -12.44 -33.31
N PHE A 214 36.07 -12.46 -33.33
CA PHE A 214 35.26 -11.64 -32.42
C PHE A 214 33.78 -12.08 -32.53
N GLY A 215 33.08 -12.27 -31.40
CA GLY A 215 31.66 -12.64 -31.48
C GLY A 215 30.71 -11.45 -31.70
N ILE A 216 29.73 -11.65 -32.55
CA ILE A 216 28.68 -10.68 -32.73
C ILE A 216 27.39 -11.47 -32.50
N MET A 217 26.82 -11.38 -31.31
CA MET A 217 25.51 -12.00 -31.11
C MET A 217 24.46 -11.05 -31.64
N VAL A 218 23.33 -11.59 -32.12
CA VAL A 218 22.20 -10.77 -32.51
C VAL A 218 20.86 -11.22 -31.89
N ASP A 219 20.01 -10.24 -31.65
CA ASP A 219 18.81 -10.43 -30.88
C ASP A 219 17.68 -9.72 -31.59
N TYR A 220 16.67 -10.52 -31.98
CA TYR A 220 15.50 -10.02 -32.67
C TYR A 220 14.37 -9.64 -31.70
N ASN A 221 14.51 -9.95 -30.41
CA ASN A 221 13.42 -9.58 -29.48
C ASN A 221 12.01 -9.93 -29.98
N GLN A 222 11.84 -11.14 -30.49
CA GLN A 222 10.51 -11.74 -30.76
C GLN A 222 9.80 -11.14 -31.93
N SER A 223 10.53 -10.41 -32.79
CA SER A 223 9.86 -9.54 -33.72
C SER A 223 9.42 -10.15 -35.04
N LEU A 224 9.85 -11.37 -35.36
CA LEU A 224 9.54 -11.96 -36.67
C LEU A 224 8.57 -13.11 -36.50
N ASP A 225 7.79 -13.33 -37.55
CA ASP A 225 7.08 -14.60 -37.70
C ASP A 225 8.06 -15.66 -38.19
N VAL A 226 7.70 -16.94 -38.10
CA VAL A 226 8.65 -18.01 -38.47
C VAL A 226 9.24 -17.84 -39.89
N PRO A 227 8.40 -17.60 -40.92
CA PRO A 227 9.08 -17.53 -42.21
C PRO A 227 10.03 -16.33 -42.36
N ALA A 228 9.68 -15.16 -41.86
CA ALA A 228 10.60 -14.02 -41.95
C ALA A 228 11.85 -14.31 -41.11
N ALA A 229 11.68 -15.00 -39.99
CA ALA A 229 12.83 -15.43 -39.15
C ALA A 229 13.76 -16.40 -39.90
N ILE A 230 13.18 -17.31 -40.68
CA ILE A 230 13.99 -18.25 -41.43
C ILE A 230 14.72 -17.46 -42.51
N LYS A 231 14.04 -16.51 -43.13
CA LYS A 231 14.67 -15.78 -44.23
C LYS A 231 15.77 -14.84 -43.74
N ARG A 232 15.47 -14.02 -42.74
CA ARG A 232 16.48 -13.16 -42.15
C ARG A 232 17.61 -13.94 -41.53
N SER A 233 17.28 -15.00 -40.75
CA SER A 233 18.34 -15.78 -40.10
C SER A 233 19.30 -16.43 -41.11
N GLN A 234 18.78 -16.94 -42.22
CA GLN A 234 19.71 -17.55 -43.19
C GLN A 234 20.67 -16.50 -43.78
N ALA A 235 20.20 -15.27 -43.91
CA ALA A 235 21.03 -14.16 -44.49
C ALA A 235 22.07 -13.79 -43.44
N LEU A 236 21.65 -13.76 -42.16
CA LEU A 236 22.59 -13.38 -41.11
C LEU A 236 23.69 -14.40 -40.95
N GLN A 237 23.30 -15.66 -41.13
CA GLN A 237 24.22 -16.78 -40.99
C GLN A 237 25.27 -16.72 -42.10
N GLN A 238 24.92 -16.29 -43.32
CA GLN A 238 25.90 -16.07 -44.40
C GLN A 238 26.89 -14.99 -43.95
N GLU A 239 26.39 -13.94 -43.28
CA GLU A 239 27.27 -12.87 -42.76
C GLU A 239 28.27 -13.36 -41.75
N GLY A 240 27.86 -14.27 -40.86
CA GLY A 240 28.71 -14.72 -39.77
C GLY A 240 28.28 -14.00 -38.50
N VAL A 241 27.41 -14.65 -37.73
CA VAL A 241 26.99 -14.15 -36.42
C VAL A 241 27.13 -15.31 -35.44
N THR A 242 27.19 -14.97 -34.17
CA THR A 242 27.48 -15.97 -33.17
C THR A 242 26.22 -16.74 -32.73
N TRP A 243 25.10 -16.05 -32.65
CA TRP A 243 23.83 -16.69 -32.42
C TRP A 243 22.72 -15.78 -32.81
N ILE A 244 21.51 -16.37 -32.91
CA ILE A 244 20.31 -15.65 -33.27
C ILE A 244 19.30 -15.80 -32.12
N GLU A 245 19.04 -14.70 -31.43
CA GLU A 245 18.32 -14.75 -30.16
C GLU A 245 16.85 -14.34 -30.34
N GLU A 246 15.95 -15.14 -29.73
CA GLU A 246 14.50 -14.88 -29.79
C GLU A 246 14.00 -14.38 -31.15
N PRO A 247 14.19 -15.18 -32.18
CA PRO A 247 13.73 -14.69 -33.49
C PRO A 247 12.19 -14.52 -33.54
N THR A 248 11.43 -15.29 -32.72
CA THR A 248 9.98 -15.20 -32.76
C THR A 248 9.39 -15.10 -31.35
N LEU A 249 8.05 -15.09 -31.29
CA LEU A 249 7.32 -14.94 -30.01
C LEU A 249 7.88 -15.87 -28.95
N GLN A 250 8.20 -15.33 -27.78
CA GLN A 250 9.01 -16.10 -26.85
C GLN A 250 8.35 -17.42 -26.44
N HIS A 251 7.00 -17.50 -26.43
CA HIS A 251 6.38 -18.71 -25.85
C HIS A 251 6.28 -19.78 -26.93
N ASP A 252 6.61 -19.41 -28.17
CA ASP A 252 6.33 -20.31 -29.27
C ASP A 252 7.56 -21.18 -29.52
N TYR A 253 7.60 -22.26 -28.70
CA TYR A 253 8.74 -23.15 -28.65
C TYR A 253 8.77 -23.94 -29.93
N GLU A 254 7.59 -24.35 -30.41
CA GLU A 254 7.48 -25.16 -31.67
C GLU A 254 7.98 -24.29 -32.86
N GLY A 255 7.73 -23.00 -32.80
CA GLY A 255 8.13 -22.07 -33.87
C GLY A 255 9.62 -21.86 -33.91
N HIS A 256 10.20 -21.80 -32.70
CA HIS A 256 11.64 -21.72 -32.55
C HIS A 256 12.32 -22.94 -33.08
N GLN A 257 11.76 -24.11 -32.79
CA GLN A 257 12.27 -25.35 -33.36
C GLN A 257 12.25 -25.31 -34.91
N ARG A 258 11.12 -24.89 -35.49
CA ARG A 258 10.97 -24.80 -36.92
C ARG A 258 12.06 -23.84 -37.47
N ILE A 259 12.28 -22.69 -36.84
CA ILE A 259 13.36 -21.80 -37.23
C ILE A 259 14.75 -22.49 -37.13
N GLN A 260 15.00 -23.08 -35.95
CA GLN A 260 16.28 -23.73 -35.67
C GLN A 260 16.54 -24.83 -36.71
N SER A 261 15.45 -25.51 -37.13
CA SER A 261 15.57 -26.64 -38.10
C SER A 261 16.15 -26.21 -39.45
N LYS A 262 16.12 -24.91 -39.72
CA LYS A 262 16.57 -24.42 -41.02
C LYS A 262 17.89 -23.71 -40.91
N LEU A 263 18.54 -23.80 -39.73
CA LEU A 263 19.76 -23.03 -39.41
C LEU A 263 20.92 -23.91 -39.02
N ASN A 264 22.13 -23.51 -39.45
CA ASN A 264 23.36 -24.04 -38.86
C ASN A 264 23.72 -23.22 -37.62
N VAL A 265 23.68 -21.91 -37.75
CA VAL A 265 23.89 -21.00 -36.61
C VAL A 265 22.93 -21.39 -35.43
N PRO A 266 23.39 -21.22 -34.19
CA PRO A 266 22.44 -21.67 -33.14
C PRO A 266 21.36 -20.64 -32.83
N VAL A 267 20.13 -21.09 -32.63
CA VAL A 267 19.07 -20.25 -32.07
C VAL A 267 19.21 -20.21 -30.53
N GLN A 268 19.14 -19.01 -29.96
CA GLN A 268 19.39 -18.71 -28.56
C GLN A 268 18.08 -18.18 -27.96
N MET A 269 17.75 -18.62 -26.74
CA MET A 269 16.58 -18.07 -26.08
C MET A 269 16.67 -18.38 -24.60
N GLY A 270 15.68 -17.91 -23.83
CA GLY A 270 15.49 -18.41 -22.48
C GLY A 270 15.28 -17.31 -21.49
N GLU A 271 15.63 -16.07 -21.88
CA GLU A 271 15.48 -14.94 -20.94
C GLU A 271 14.05 -14.81 -20.48
N ASN A 272 13.10 -15.32 -21.27
CA ASN A 272 11.71 -15.22 -20.96
C ASN A 272 11.10 -16.47 -20.30
N TRP A 273 11.91 -17.49 -20.06
CA TRP A 273 11.38 -18.68 -19.39
C TRP A 273 11.06 -18.40 -17.93
N LEU A 274 9.81 -18.59 -17.57
CA LEU A 274 9.39 -18.35 -16.22
C LEU A 274 9.45 -19.66 -15.44
N GLY A 275 10.58 -19.85 -14.79
CA GLY A 275 10.84 -21.11 -14.10
C GLY A 275 11.52 -22.18 -14.96
N PRO A 276 12.26 -23.11 -14.32
CA PRO A 276 12.86 -24.18 -15.09
C PRO A 276 11.86 -25.09 -15.78
N GLU A 277 10.59 -25.14 -15.33
CA GLU A 277 9.64 -26.00 -16.00
C GLU A 277 9.37 -25.43 -17.42
N GLU A 278 9.54 -24.12 -17.65
CA GLU A 278 9.32 -23.60 -19.00
C GLU A 278 10.52 -23.93 -19.85
N MET A 279 11.70 -23.88 -19.25
CA MET A 279 12.90 -24.31 -19.93
C MET A 279 12.78 -25.77 -20.35
N PHE A 280 12.25 -26.62 -19.44
CA PHE A 280 12.16 -28.03 -19.74
C PHE A 280 11.28 -28.25 -20.98
N LYS A 281 10.12 -27.60 -21.02
CA LYS A 281 9.26 -27.65 -22.24
C LYS A 281 10.01 -27.21 -23.53
N ALA A 282 10.70 -26.08 -23.49
CA ALA A 282 11.36 -25.60 -24.70
C ALA A 282 12.41 -26.61 -25.19
N LEU A 283 13.26 -27.10 -24.29
CA LEU A 283 14.33 -28.02 -24.66
C LEU A 283 13.80 -29.37 -25.10
N SER A 284 12.70 -29.86 -24.45
CA SER A 284 12.05 -31.12 -24.85
C SER A 284 11.64 -31.23 -26.32
N ILE A 285 11.28 -30.11 -26.91
CA ILE A 285 10.95 -30.18 -28.32
C ILE A 285 12.01 -29.53 -29.20
N GLY A 286 13.17 -29.21 -28.64
CA GLY A 286 14.30 -28.83 -29.52
C GLY A 286 14.12 -27.40 -30.04
N ALA A 287 13.66 -26.46 -29.18
CA ALA A 287 13.40 -25.08 -29.62
C ALA A 287 14.70 -24.35 -29.97
N CYS A 288 15.84 -24.79 -29.43
CA CYS A 288 17.04 -23.92 -29.50
C CYS A 288 18.26 -24.77 -29.25
N ARG A 289 19.43 -24.31 -29.70
CA ARG A 289 20.67 -25.01 -29.39
C ARG A 289 21.54 -24.33 -28.31
N LEU A 290 21.10 -23.17 -27.83
CA LEU A 290 21.71 -22.45 -26.73
C LEU A 290 20.60 -21.98 -25.81
N ALA A 291 20.97 -21.74 -24.55
CA ALA A 291 20.04 -21.26 -23.57
C ALA A 291 20.65 -20.12 -22.80
N MET A 292 19.82 -19.14 -22.40
CA MET A 292 20.26 -18.06 -21.52
C MET A 292 19.19 -17.69 -20.48
N PRO A 293 18.98 -18.54 -19.48
CA PRO A 293 18.05 -18.13 -18.40
C PRO A 293 18.36 -16.74 -17.79
N ASP A 294 17.33 -16.09 -17.28
CA ASP A 294 17.40 -14.78 -16.60
C ASP A 294 17.28 -15.15 -15.11
N ALA A 295 18.28 -14.73 -14.32
CA ALA A 295 18.28 -15.12 -12.92
C ALA A 295 16.96 -14.82 -12.20
N MET A 296 16.25 -13.77 -12.63
CA MET A 296 14.95 -13.45 -12.03
C MET A 296 13.88 -14.38 -12.59
N LYS A 297 13.68 -14.36 -13.90
CA LYS A 297 12.60 -15.20 -14.44
C LYS A 297 12.72 -16.70 -14.19
N ILE A 298 13.95 -17.21 -14.15
CA ILE A 298 14.17 -18.64 -14.00
C ILE A 298 13.81 -19.12 -12.57
N GLY A 299 13.58 -18.18 -11.65
CA GLY A 299 13.41 -18.47 -10.22
C GLY A 299 14.60 -18.23 -9.28
N GLY A 300 15.49 -17.29 -9.62
CA GLY A 300 16.58 -16.93 -8.71
C GLY A 300 17.69 -17.99 -8.73
N VAL A 301 18.45 -18.04 -7.65
CA VAL A 301 19.48 -19.06 -7.53
C VAL A 301 18.91 -20.45 -7.57
N THR A 302 17.85 -20.69 -6.79
CA THR A 302 17.25 -22.01 -6.74
C THR A 302 16.79 -22.50 -8.14
N GLY A 303 16.10 -21.65 -8.90
CA GLY A 303 15.67 -22.02 -10.24
C GLY A 303 16.88 -22.15 -11.19
N TRP A 304 17.84 -21.25 -11.05
CA TRP A 304 19.01 -21.30 -11.91
C TRP A 304 19.77 -22.62 -11.77
N ILE A 305 19.97 -23.11 -10.57
CA ILE A 305 20.70 -24.36 -10.35
C ILE A 305 19.93 -25.56 -10.97
N ARG A 306 18.60 -25.51 -10.90
CA ARG A 306 17.79 -26.51 -11.59
C ARG A 306 17.94 -26.39 -13.10
N ALA A 307 17.93 -25.16 -13.62
CA ALA A 307 18.09 -24.91 -15.07
C ALA A 307 19.45 -25.45 -15.55
N SER A 308 20.50 -25.23 -14.76
CA SER A 308 21.83 -25.71 -15.17
C SER A 308 21.89 -27.23 -15.23
N ALA A 309 21.13 -27.94 -14.36
CA ALA A 309 21.06 -29.43 -14.42
C ALA A 309 20.42 -29.84 -15.73
N LEU A 310 19.34 -29.17 -16.09
CA LEU A 310 18.67 -29.43 -17.37
C LEU A 310 19.56 -29.13 -18.59
N ALA A 311 20.14 -27.93 -18.62
CA ALA A 311 21.02 -27.56 -19.75
C ALA A 311 22.12 -28.59 -19.91
N GLN A 312 22.60 -29.13 -18.80
CA GLN A 312 23.71 -30.09 -18.88
C GLN A 312 23.27 -31.40 -19.53
N GLN A 313 22.13 -31.92 -19.10
CA GLN A 313 21.58 -33.10 -19.69
C GLN A 313 21.11 -32.99 -21.13
N PHE A 314 20.59 -31.86 -21.52
CA PHE A 314 20.13 -31.67 -22.91
C PHE A 314 21.29 -31.21 -23.83
N GLY A 315 22.51 -31.12 -23.31
CA GLY A 315 23.65 -30.67 -24.10
C GLY A 315 23.53 -29.24 -24.62
N ILE A 316 23.15 -28.32 -23.71
CA ILE A 316 22.93 -26.96 -24.09
C ILE A 316 23.85 -26.03 -23.31
N PRO A 317 24.83 -25.39 -24.03
CA PRO A 317 25.63 -24.31 -23.44
C PRO A 317 24.73 -23.19 -22.92
N MET A 318 24.96 -22.76 -21.68
CA MET A 318 24.01 -21.96 -20.99
C MET A 318 24.68 -20.67 -20.59
N SER A 319 24.11 -19.59 -21.10
CA SER A 319 24.56 -18.25 -20.78
C SER A 319 23.56 -17.63 -19.80
N SER A 320 23.87 -16.40 -19.39
CA SER A 320 23.00 -15.62 -18.50
C SER A 320 22.33 -14.46 -19.28
N HIS A 321 21.27 -13.94 -18.69
CA HIS A 321 20.58 -12.73 -19.17
C HIS A 321 20.42 -11.72 -18.06
N LEU A 322 20.99 -10.53 -18.25
CA LEU A 322 21.04 -9.49 -17.21
C LEU A 322 21.54 -10.02 -15.86
N PHE A 323 21.27 -9.29 -14.78
CA PHE A 323 21.63 -9.71 -13.43
C PHE A 323 23.09 -10.13 -13.38
N GLN A 324 23.96 -9.30 -13.96
CA GLN A 324 25.37 -9.70 -14.09
C GLN A 324 26.05 -9.96 -12.75
N GLU A 325 25.62 -9.25 -11.72
CA GLU A 325 26.25 -9.40 -10.40
C GLU A 325 26.06 -10.84 -9.92
N ILE A 326 24.85 -11.35 -9.95
CA ILE A 326 24.65 -12.69 -9.39
C ILE A 326 25.05 -13.71 -10.48
N SER A 327 24.93 -13.32 -11.73
CA SER A 327 25.19 -14.28 -12.83
C SER A 327 26.64 -14.74 -12.88
N ALA A 328 27.57 -13.84 -12.56
CA ALA A 328 28.98 -14.24 -12.42
C ALA A 328 29.20 -15.41 -11.45
N HIS A 329 28.59 -15.35 -10.26
CA HIS A 329 28.58 -16.52 -9.37
C HIS A 329 27.94 -17.70 -10.01
N LEU A 330 26.78 -17.50 -10.61
CA LEU A 330 25.96 -18.66 -10.95
C LEU A 330 26.58 -19.41 -12.14
N LEU A 331 27.06 -18.64 -13.14
CA LEU A 331 27.81 -19.23 -14.28
C LEU A 331 28.98 -20.08 -13.83
N ALA A 332 29.65 -19.68 -12.76
CA ALA A 332 30.83 -20.42 -12.31
C ALA A 332 30.43 -21.77 -11.76
N ALA A 333 29.17 -21.88 -11.33
CA ALA A 333 28.64 -23.14 -10.84
C ALA A 333 27.89 -23.92 -11.94
N THR A 334 27.98 -23.48 -13.19
CA THR A 334 27.10 -24.00 -14.27
C THR A 334 27.90 -24.94 -15.20
N PRO A 335 27.57 -26.27 -15.21
CA PRO A 335 28.42 -27.20 -15.96
C PRO A 335 28.60 -26.81 -17.44
N THR A 336 27.57 -26.33 -18.15
CA THR A 336 27.73 -25.94 -19.55
C THR A 336 27.82 -24.40 -19.70
N ALA A 337 28.39 -23.72 -18.69
CA ALA A 337 28.53 -22.25 -18.69
C ALA A 337 29.11 -21.73 -20.03
N HIS A 338 28.49 -20.67 -20.59
CA HIS A 338 28.87 -20.21 -21.92
C HIS A 338 29.33 -18.79 -21.84
N TRP A 339 28.39 -17.84 -21.93
CA TRP A 339 28.68 -16.42 -21.79
C TRP A 339 27.94 -15.76 -20.64
N LEU A 340 28.53 -14.69 -20.07
CA LEU A 340 27.81 -13.80 -19.14
C LEU A 340 27.43 -12.63 -20.00
N GLU A 341 26.18 -12.23 -19.87
CA GLU A 341 25.74 -11.03 -20.53
C GLU A 341 26.07 -9.82 -19.67
N ARG A 342 26.81 -8.90 -20.24
CA ARG A 342 27.05 -7.66 -19.56
C ARG A 342 26.19 -6.53 -20.08
N LEU A 343 25.22 -6.16 -19.28
CA LEU A 343 24.37 -5.01 -19.53
C LEU A 343 24.11 -4.55 -18.14
N ASP A 344 24.67 -3.38 -17.82
CA ASP A 344 24.79 -2.95 -16.43
C ASP A 344 23.59 -2.11 -16.05
N LEU A 345 22.45 -2.77 -15.85
CA LEU A 345 21.20 -2.10 -15.50
C LEU A 345 21.21 -1.44 -14.13
N ALA A 346 21.87 -2.05 -13.14
CA ALA A 346 21.85 -1.57 -11.76
C ALA A 346 23.11 -0.79 -11.36
N GLY A 347 24.01 -0.58 -12.32
CA GLY A 347 25.27 0.10 -12.03
C GLY A 347 25.16 1.46 -11.34
N SER A 348 24.12 2.20 -11.65
CA SER A 348 23.89 3.47 -10.99
C SER A 348 23.61 3.37 -9.51
N VAL A 349 23.23 2.17 -9.02
CA VAL A 349 22.77 2.00 -7.62
C VAL A 349 23.50 0.89 -6.84
N ILE A 350 24.46 0.22 -7.48
CA ILE A 350 25.24 -0.89 -6.88
C ILE A 350 26.74 -0.60 -7.09
N GLU A 351 27.54 -0.67 -6.02
CA GLU A 351 28.99 -0.48 -6.10
C GLU A 351 29.58 -1.42 -7.12
N PRO A 352 30.54 -0.91 -7.93
CA PRO A 352 31.13 -1.74 -8.97
C PRO A 352 32.17 -2.71 -8.45
N THR A 353 31.77 -3.60 -7.57
CA THR A 353 32.63 -4.67 -7.07
C THR A 353 32.85 -5.81 -8.09
N LEU A 354 31.92 -6.06 -9.00
CA LEU A 354 32.21 -6.94 -10.13
C LEU A 354 33.07 -6.18 -11.19
N THR A 355 34.20 -6.77 -11.59
CA THR A 355 35.09 -6.11 -12.57
C THR A 355 35.26 -6.99 -13.82
N PHE A 356 35.93 -6.44 -14.84
CA PHE A 356 36.16 -7.13 -16.11
C PHE A 356 37.64 -7.03 -16.53
N GLU A 357 38.37 -8.14 -16.53
CA GLU A 357 39.78 -8.23 -16.99
C GLU A 357 39.80 -9.09 -18.25
N GLY A 358 40.29 -8.54 -19.37
CA GLY A 358 40.36 -9.29 -20.61
C GLY A 358 39.01 -9.79 -21.11
N GLY A 359 37.95 -9.07 -20.75
CA GLY A 359 36.60 -9.43 -21.22
C GLY A 359 35.94 -10.43 -20.29
N ASN A 360 36.63 -10.82 -19.23
CA ASN A 360 36.07 -11.76 -18.26
C ASN A 360 35.56 -11.12 -17.00
N ALA A 361 34.33 -11.47 -16.60
CA ALA A 361 33.79 -11.14 -15.26
C ALA A 361 34.62 -11.73 -14.15
N VAL A 362 34.94 -10.92 -13.14
CA VAL A 362 35.73 -11.35 -12.01
C VAL A 362 34.90 -11.20 -10.74
N ILE A 363 34.51 -12.31 -10.14
CA ILE A 363 33.70 -12.30 -8.93
C ILE A 363 34.50 -11.65 -7.80
N PRO A 364 33.95 -10.58 -7.15
CA PRO A 364 34.69 -10.02 -6.03
C PRO A 364 34.72 -10.99 -4.81
N ASP A 365 35.75 -10.85 -3.97
CA ASP A 365 35.91 -11.63 -2.75
C ASP A 365 35.11 -10.96 -1.63
N LEU A 366 33.80 -11.22 -1.63
CA LEU A 366 32.88 -10.56 -0.74
C LEU A 366 31.82 -11.59 -0.45
N PRO A 367 31.31 -11.61 0.78
CA PRO A 367 30.32 -12.63 1.13
C PRO A 367 29.03 -12.52 0.27
N GLY A 368 28.32 -13.62 0.07
CA GLY A 368 27.12 -13.63 -0.80
C GLY A 368 27.45 -13.11 -2.20
N VAL A 369 26.58 -12.29 -2.77
CA VAL A 369 26.69 -11.89 -4.17
C VAL A 369 27.70 -10.80 -4.39
N GLY A 370 28.03 -10.08 -3.32
CA GLY A 370 28.92 -8.91 -3.46
C GLY A 370 28.19 -7.64 -3.93
N ILE A 371 26.89 -7.57 -3.65
CA ILE A 371 26.10 -6.36 -3.95
C ILE A 371 26.16 -5.44 -2.73
N ILE A 372 26.55 -4.20 -2.98
CA ILE A 372 26.55 -3.13 -1.97
C ILE A 372 25.84 -1.93 -2.58
N TRP A 373 24.76 -1.50 -1.93
CA TRP A 373 23.98 -0.38 -2.43
C TRP A 373 24.76 0.92 -2.44
N ARG A 374 24.53 1.77 -3.44
CA ARG A 374 25.07 3.11 -3.40
C ARG A 374 23.97 4.01 -2.81
N GLU A 375 23.83 4.04 -1.48
CA GLU A 375 22.69 4.75 -0.83
C GLU A 375 22.52 6.20 -1.26
N LYS A 376 23.63 6.91 -1.46
CA LYS A 376 23.54 8.31 -1.89
C LYS A 376 22.91 8.36 -3.29
N GLU A 377 23.25 7.38 -4.14
CA GLU A 377 22.65 7.34 -5.47
C GLU A 377 21.17 6.96 -5.51
N ILE A 378 20.76 6.01 -4.69
CA ILE A 378 19.40 5.50 -4.72
C ILE A 378 18.38 6.62 -4.52
N GLY A 379 18.71 7.56 -3.61
CA GLY A 379 17.80 8.67 -3.29
C GLY A 379 17.35 9.47 -4.51
N LYS A 380 18.21 9.60 -5.52
CA LYS A 380 17.89 10.39 -6.72
C LYS A 380 16.90 9.70 -7.65
N TYR A 381 16.65 8.40 -7.46
CA TYR A 381 15.89 7.65 -8.48
C TYR A 381 14.62 7.04 -7.96
N LEU A 382 14.37 7.19 -6.64
CA LEU A 382 13.17 6.65 -6.01
C LEU A 382 11.93 7.18 -6.70
N VAL A 383 10.93 6.34 -6.87
CA VAL A 383 9.66 6.84 -7.33
C VAL A 383 8.59 6.37 -6.37
N GLU B 27 27.57 1.61 14.54
CA GLU B 27 27.44 0.18 14.85
C GLU B 27 25.93 -0.10 14.61
N VAL B 28 25.11 -0.48 15.61
CA VAL B 28 23.79 -1.06 15.32
C VAL B 28 22.80 -0.24 14.43
N LEU B 29 22.31 -0.86 13.34
CA LEU B 29 21.45 -0.13 12.42
C LEU B 29 20.09 -0.78 12.36
N ILE B 30 19.06 0.00 12.08
CA ILE B 30 17.74 -0.58 11.78
C ILE B 30 17.74 -1.18 10.37
N THR B 31 17.29 -2.43 10.23
CA THR B 31 17.40 -3.08 8.93
C THR B 31 16.03 -3.45 8.32
N GLY B 32 14.95 -3.31 9.09
CA GLY B 32 13.62 -3.55 8.57
C GLY B 32 12.53 -3.08 9.50
N LEU B 33 11.34 -2.87 8.92
CA LEU B 33 10.15 -2.59 9.66
C LEU B 33 9.02 -3.42 9.07
N ARG B 34 8.27 -4.05 9.93
CA ARG B 34 7.18 -4.88 9.52
C ARG B 34 6.01 -4.63 10.43
N THR B 35 4.83 -4.43 9.87
CA THR B 35 3.66 -4.14 10.67
C THR B 35 2.58 -5.17 10.39
N ARG B 36 1.78 -5.46 11.39
CA ARG B 36 0.64 -6.32 11.17
C ARG B 36 -0.57 -5.71 11.84
N ALA B 37 -1.66 -5.51 11.08
CA ALA B 37 -2.91 -5.00 11.63
C ALA B 37 -3.76 -6.16 12.11
N VAL B 38 -4.21 -6.08 13.35
CA VAL B 38 -5.07 -7.11 13.90
C VAL B 38 -6.22 -6.43 14.59
N ASN B 39 -7.32 -7.16 14.70
CA ASN B 39 -8.53 -6.66 15.28
C ASN B 39 -8.93 -7.74 16.25
N VAL B 40 -8.60 -7.54 17.52
CA VAL B 40 -8.77 -8.58 18.51
C VAL B 40 -10.04 -8.37 19.34
N PRO B 41 -11.01 -9.31 19.25
CA PRO B 41 -12.25 -9.18 20.06
C PRO B 41 -11.93 -9.25 21.54
N LEU B 42 -12.66 -8.50 22.38
CA LEU B 42 -12.34 -8.45 23.81
C LEU B 42 -13.39 -9.20 24.64
N ALA B 43 -12.92 -9.87 25.69
CA ALA B 43 -13.82 -10.48 26.67
C ALA B 43 -14.86 -9.45 27.11
N TYR B 44 -14.38 -8.28 27.55
CA TYR B 44 -15.28 -7.23 27.91
C TYR B 44 -15.02 -6.02 27.03
N PRO B 45 -15.95 -5.72 26.11
CA PRO B 45 -15.90 -4.52 25.27
C PRO B 45 -15.68 -3.30 26.19
N VAL B 46 -14.87 -2.34 25.75
CA VAL B 46 -14.68 -1.14 26.54
C VAL B 46 -15.78 -0.15 26.20
N HIS B 47 -16.88 -0.22 26.94
CA HIS B 47 -17.94 0.76 26.84
C HIS B 47 -17.52 2.08 27.46
N THR B 48 -17.79 3.20 26.78
CA THR B 48 -17.55 4.54 27.39
C THR B 48 -18.77 5.42 27.16
N ALA B 49 -18.82 6.58 27.82
CA ALA B 49 -19.97 7.43 27.70
C ALA B 49 -20.08 7.99 26.28
N VAL B 50 -18.99 7.95 25.49
CA VAL B 50 -18.97 8.53 24.17
C VAL B 50 -18.77 7.50 23.05
N GLY B 51 -18.99 6.22 23.35
CA GLY B 51 -18.87 5.16 22.36
C GLY B 51 -18.24 3.90 22.95
N THR B 52 -18.46 2.79 22.27
CA THR B 52 -17.93 1.51 22.70
C THR B 52 -16.80 1.09 21.77
N VAL B 53 -15.68 0.63 22.36
CA VAL B 53 -14.60 0.00 21.66
C VAL B 53 -14.74 -1.54 21.90
N GLY B 54 -15.22 -2.26 20.89
CA GLY B 54 -15.62 -3.68 21.13
C GLY B 54 -14.54 -4.68 20.83
N THR B 55 -13.59 -4.25 20.01
CA THR B 55 -12.37 -4.99 19.71
C THR B 55 -11.18 -4.02 19.88
N ALA B 56 -9.97 -4.57 20.00
CA ALA B 56 -8.74 -3.80 20.02
C ALA B 56 -8.11 -3.87 18.61
N PRO B 57 -8.21 -2.77 17.83
CA PRO B 57 -7.51 -2.69 16.56
C PRO B 57 -6.09 -2.23 16.84
N LEU B 58 -5.11 -3.10 16.62
CA LEU B 58 -3.70 -2.87 16.99
C LEU B 58 -2.85 -3.05 15.75
N VAL B 59 -1.80 -2.24 15.63
CA VAL B 59 -0.81 -2.46 14.62
C VAL B 59 0.37 -3.03 15.42
N LEU B 60 0.77 -4.26 15.10
CA LEU B 60 1.91 -4.91 15.76
C LEU B 60 3.20 -4.57 14.98
N ILE B 61 4.25 -4.16 15.69
CA ILE B 61 5.46 -3.65 15.01
C ILE B 61 6.69 -4.53 15.26
N ASP B 62 7.44 -4.88 14.21
CA ASP B 62 8.70 -5.61 14.31
C ASP B 62 9.82 -4.77 13.68
N LEU B 63 10.81 -4.41 14.48
CA LEU B 63 11.91 -3.54 14.04
C LEU B 63 13.21 -4.38 14.00
N ALA B 64 13.62 -4.74 12.79
CA ALA B 64 14.71 -5.67 12.62
C ALA B 64 16.00 -4.88 12.70
N THR B 65 17.06 -5.51 13.23
CA THR B 65 18.31 -4.79 13.39
C THR B 65 19.50 -5.59 12.86
N SER B 66 20.60 -4.87 12.61
CA SER B 66 21.81 -5.49 12.15
C SER B 66 22.49 -6.28 13.25
N ALA B 67 21.98 -6.21 14.48
CA ALA B 67 22.51 -7.03 15.56
C ALA B 67 21.65 -8.28 15.63
N GLY B 68 20.70 -8.39 14.69
CA GLY B 68 19.88 -9.60 14.59
C GLY B 68 18.66 -9.65 15.49
N VAL B 69 18.74 -9.02 16.66
CA VAL B 69 17.57 -8.95 17.52
C VAL B 69 16.52 -8.06 16.83
N VAL B 70 15.27 -8.33 17.20
CA VAL B 70 14.11 -7.64 16.65
C VAL B 70 13.35 -6.98 17.81
N GLY B 71 13.19 -5.66 17.69
CA GLY B 71 12.32 -4.84 18.54
C GLY B 71 10.84 -5.01 18.28
N HIS B 72 10.07 -5.19 19.35
CA HIS B 72 8.62 -5.35 19.23
C HIS B 72 7.88 -4.22 19.94
N SER B 73 6.81 -3.74 19.36
CA SER B 73 5.87 -2.85 20.07
C SER B 73 4.56 -2.97 19.33
N TYR B 74 3.54 -2.27 19.83
CA TYR B 74 2.27 -2.15 19.11
C TYR B 74 1.62 -0.80 19.38
N LEU B 75 0.70 -0.43 18.48
CA LEU B 75 -0.10 0.79 18.58
C LEU B 75 -1.57 0.38 18.73
N PHE B 76 -2.34 1.19 19.45
CA PHE B 76 -3.80 0.99 19.60
C PHE B 76 -4.42 2.06 18.73
N ALA B 77 -5.34 1.67 17.83
CA ALA B 77 -5.89 2.61 16.82
C ALA B 77 -7.27 3.12 17.21
N TYR B 78 -7.78 2.57 18.33
CA TYR B 78 -9.03 3.00 18.97
C TYR B 78 -10.25 2.44 18.27
N THR B 79 -10.35 2.70 16.99
CA THR B 79 -11.44 2.28 16.16
C THR B 79 -10.95 1.59 14.88
N PRO B 80 -11.67 0.60 14.37
CA PRO B 80 -11.26 0.03 13.09
C PRO B 80 -11.10 1.05 11.95
N VAL B 81 -11.74 2.21 12.09
CA VAL B 81 -11.77 3.21 11.05
C VAL B 81 -10.36 3.77 10.80
N ALA B 82 -9.53 3.77 11.85
CA ALA B 82 -8.18 4.34 11.78
C ALA B 82 -7.11 3.28 11.53
N LEU B 83 -7.53 2.02 11.58
CA LEU B 83 -6.56 0.92 11.60
C LEU B 83 -5.70 0.81 10.32
N LYS B 84 -6.34 0.73 9.15
CA LYS B 84 -5.54 0.53 7.94
C LYS B 84 -4.74 1.75 7.63
N SER B 85 -5.29 2.90 7.98
CA SER B 85 -4.60 4.16 7.77
C SER B 85 -3.30 4.20 8.59
N LEU B 86 -3.41 3.72 9.82
CA LEU B 86 -2.26 3.77 10.73
C LEU B 86 -1.16 2.74 10.29
N LYS B 87 -1.57 1.54 9.90
CA LYS B 87 -0.62 0.58 9.34
C LYS B 87 0.06 1.19 8.11
N GLN B 88 -0.73 1.76 7.22
CA GLN B 88 -0.18 2.31 5.93
C GLN B 88 0.84 3.40 6.26
N LEU B 89 0.50 4.22 7.26
CA LEU B 89 1.37 5.30 7.66
C LEU B 89 2.74 4.80 8.14
N LEU B 90 2.74 3.88 9.08
CA LEU B 90 3.99 3.24 9.50
C LEU B 90 4.78 2.64 8.33
N ASP B 91 4.09 1.87 7.45
CA ASP B 91 4.77 1.19 6.34
C ASP B 91 5.49 2.23 5.51
N ASP B 92 4.86 3.38 5.28
CA ASP B 92 5.48 4.43 4.46
C ASP B 92 6.57 5.20 5.20
N MET B 93 6.48 5.23 6.51
CA MET B 93 7.54 5.78 7.37
C MET B 93 8.79 4.93 7.39
N ALA B 94 8.68 3.66 6.98
CA ALA B 94 9.81 2.76 7.02
C ALA B 94 10.98 3.37 6.26
N ALA B 95 10.71 4.01 5.12
CA ALA B 95 11.81 4.58 4.29
C ALA B 95 12.68 5.55 5.05
N MET B 96 12.08 6.25 6.03
CA MET B 96 12.85 7.19 6.81
C MET B 96 13.70 6.56 7.90
N ILE B 97 13.39 5.35 8.35
CA ILE B 97 14.16 4.78 9.48
C ILE B 97 15.08 3.61 9.17
N VAL B 98 14.81 2.88 8.09
CA VAL B 98 15.62 1.71 7.75
C VAL B 98 17.03 2.22 7.36
N ASN B 99 18.06 1.61 7.89
CA ASN B 99 19.41 2.06 7.77
C ASN B 99 19.85 3.16 8.71
N GLU B 100 18.99 3.66 9.55
CA GLU B 100 19.41 4.62 10.57
C GLU B 100 20.00 3.86 11.74
N PRO B 101 20.96 4.46 12.45
CA PRO B 101 21.38 3.83 13.69
C PRO B 101 20.23 3.57 14.68
N LEU B 102 20.32 2.47 15.44
CA LEU B 102 19.26 2.17 16.42
C LEU B 102 19.50 3.09 17.63
N ALA B 103 19.00 4.31 17.57
CA ALA B 103 19.35 5.27 18.64
C ALA B 103 18.06 6.03 18.80
N PRO B 104 17.18 5.56 19.72
CA PRO B 104 15.81 6.06 19.78
C PRO B 104 15.68 7.58 19.87
N VAL B 105 16.52 8.21 20.69
CA VAL B 105 16.50 9.64 20.89
C VAL B 105 16.88 10.41 19.64
N SER B 106 17.91 9.96 18.92
CA SER B 106 18.31 10.65 17.68
C SER B 106 17.24 10.37 16.60
N LEU B 107 16.66 9.19 16.66
CA LEU B 107 15.66 8.82 15.68
C LEU B 107 14.41 9.68 15.86
N GLU B 108 13.97 9.84 17.13
CA GLU B 108 12.90 10.78 17.46
C GLU B 108 13.16 12.20 16.96
N ALA B 109 14.32 12.77 17.20
CA ALA B 109 14.63 14.14 16.69
C ALA B 109 14.47 14.20 15.17
N MET B 110 14.93 13.13 14.51
CA MET B 110 14.84 13.08 13.04
C MET B 110 13.38 13.07 12.55
N LEU B 111 12.55 12.25 13.18
CA LEU B 111 11.15 12.21 12.85
C LEU B 111 10.41 13.53 13.12
N ALA B 112 10.64 14.17 14.26
CA ALA B 112 10.10 15.49 14.49
C ALA B 112 10.47 16.49 13.37
N LYS B 113 11.69 16.43 12.88
CA LYS B 113 12.08 17.28 11.82
C LYS B 113 11.42 16.91 10.51
N ARG B 114 11.38 15.65 10.19
CA ARG B 114 10.75 15.24 8.93
C ARG B 114 9.23 15.55 8.90
N PHE B 115 8.60 15.59 10.05
CA PHE B 115 7.17 15.89 10.08
C PHE B 115 6.82 17.29 10.57
N CYS B 116 7.81 18.18 10.61
CA CYS B 116 7.71 19.56 11.11
CA CYS B 116 7.57 19.48 11.20
C CYS B 116 6.62 20.31 10.35
N LEU B 117 6.59 20.06 9.04
CA LEU B 117 5.66 20.80 8.17
C LEU B 117 4.27 20.22 8.18
N ALA B 118 4.18 18.90 8.12
CA ALA B 118 2.89 18.21 8.02
C ALA B 118 2.08 18.15 9.35
N GLY B 119 2.80 18.19 10.48
CA GLY B 119 2.16 18.25 11.81
C GLY B 119 2.53 17.02 12.59
N TYR B 120 3.47 17.17 13.52
CA TYR B 120 4.03 16.06 14.25
C TYR B 120 3.10 15.75 15.43
N THR B 121 1.88 15.28 15.12
CA THR B 121 0.86 15.05 16.10
C THR B 121 -0.09 13.98 15.59
N GLY B 122 -1.05 13.59 16.40
CA GLY B 122 -2.06 12.63 15.95
C GLY B 122 -1.50 11.33 15.39
N LEU B 123 -2.05 10.85 14.29
CA LEU B 123 -1.59 9.54 13.80
C LEU B 123 -0.06 9.51 13.50
N ILE B 124 0.49 10.57 12.92
CA ILE B 124 1.92 10.63 12.67
C ILE B 124 2.73 10.43 13.96
N ARG B 125 2.37 11.16 15.00
CA ARG B 125 3.09 11.07 16.29
C ARG B 125 2.89 9.67 16.93
N MET B 126 1.69 9.11 16.77
CA MET B 126 1.49 7.74 17.25
C MET B 126 2.40 6.75 16.50
N ALA B 127 2.49 6.90 15.17
CA ALA B 127 3.36 6.02 14.34
C ALA B 127 4.79 6.12 14.86
N ALA B 128 5.26 7.37 14.98
CA ALA B 128 6.62 7.61 15.48
C ALA B 128 6.84 7.00 16.89
N ALA B 129 5.84 7.09 17.76
CA ALA B 129 5.91 6.48 19.08
C ALA B 129 6.05 4.94 19.01
N GLY B 130 5.35 4.32 18.07
CA GLY B 130 5.49 2.86 17.92
C GLY B 130 6.89 2.41 17.55
N ILE B 131 7.50 3.18 16.68
CA ILE B 131 8.87 2.96 16.28
C ILE B 131 9.79 3.09 17.48
N ASP B 132 9.59 4.16 18.24
CA ASP B 132 10.42 4.47 19.38
C ASP B 132 10.30 3.37 20.42
N MET B 133 9.08 2.92 20.72
CA MET B 133 8.94 1.80 21.64
C MET B 133 9.62 0.51 21.11
N ALA B 134 9.56 0.29 19.80
CA ALA B 134 10.18 -0.96 19.27
C ALA B 134 11.71 -0.78 19.29
N ALA B 135 12.16 0.47 19.08
CA ALA B 135 13.59 0.75 19.03
C ALA B 135 14.24 0.56 20.41
N TRP B 136 13.53 0.99 21.47
CA TRP B 136 13.99 0.77 22.86
C TRP B 136 13.94 -0.69 23.24
N ASP B 137 12.91 -1.39 22.79
CA ASP B 137 12.88 -2.83 23.03
C ASP B 137 14.11 -3.46 22.38
N ALA B 138 14.36 -3.12 21.11
CA ALA B 138 15.57 -3.63 20.40
C ALA B 138 16.84 -3.25 21.14
N LEU B 139 16.93 -2.02 21.68
CA LEU B 139 18.19 -1.58 22.33
C LEU B 139 18.42 -2.36 23.61
N GLY B 140 17.35 -2.71 24.30
CA GLY B 140 17.48 -3.51 25.49
C GLY B 140 17.89 -4.90 25.14
N LYS B 141 17.38 -5.40 24.01
CA LYS B 141 17.83 -6.69 23.50
C LYS B 141 19.34 -6.72 23.11
N VAL B 142 19.82 -5.72 22.34
CA VAL B 142 21.25 -5.56 22.06
C VAL B 142 22.12 -5.69 23.34
N HIS B 143 21.67 -5.12 24.45
CA HIS B 143 22.42 -5.12 25.70
C HIS B 143 21.99 -6.20 26.63
N GLU B 144 21.11 -7.08 26.16
CA GLU B 144 20.61 -8.23 26.91
C GLU B 144 20.16 -7.80 28.29
N THR B 145 19.46 -6.67 28.33
CA THR B 145 19.02 -6.18 29.60
C THR B 145 17.52 -5.74 29.56
N PRO B 146 16.76 -6.04 30.64
CA PRO B 146 15.39 -5.53 30.67
C PRO B 146 15.44 -4.02 30.48
N LEU B 147 14.44 -3.48 29.82
CA LEU B 147 14.36 -2.05 29.55
C LEU B 147 14.53 -1.20 30.82
N VAL B 148 13.83 -1.54 31.90
CA VAL B 148 13.93 -0.72 33.11
C VAL B 148 15.37 -0.51 33.56
N LYS B 149 16.20 -1.55 33.39
CA LYS B 149 17.60 -1.48 33.82
C LYS B 149 18.41 -0.63 32.82
N LEU B 150 18.05 -0.65 31.54
CA LEU B 150 18.70 0.21 30.54
C LEU B 150 18.44 1.71 30.83
N LEU B 151 17.33 2.00 31.50
CA LEU B 151 16.93 3.38 31.80
C LEU B 151 17.57 3.81 33.10
N GLY B 152 18.27 2.88 33.74
CA GLY B 152 19.04 3.20 34.93
C GLY B 152 18.28 2.95 36.23
N ALA B 153 17.18 2.23 36.18
CA ALA B 153 16.41 1.93 37.39
C ALA B 153 16.35 0.44 37.68
N ASN B 154 15.96 0.03 38.89
CA ASN B 154 15.72 -1.37 39.22
C ASN B 154 14.29 -1.72 38.92
N ALA B 155 14.06 -2.99 38.61
CA ALA B 155 12.69 -3.50 38.58
C ALA B 155 12.14 -3.40 40.01
N ARG B 156 10.89 -2.96 40.19
CA ARG B 156 10.21 -3.03 41.51
C ARG B 156 8.76 -3.41 41.22
N PRO B 157 8.04 -4.11 42.14
CA PRO B 157 6.60 -4.28 41.88
C PRO B 157 5.86 -2.94 41.75
N VAL B 158 4.98 -2.77 40.78
CA VAL B 158 4.26 -1.47 40.66
C VAL B 158 2.76 -1.71 40.86
N GLN B 159 2.14 -1.03 41.82
CA GLN B 159 0.71 -1.23 42.13
C GLN B 159 -0.17 -0.93 40.91
N ALA B 160 -1.17 -1.77 40.67
CA ALA B 160 -1.99 -1.68 39.47
C ALA B 160 -3.47 -1.68 39.81
N TYR B 161 -4.26 -0.93 39.05
CA TYR B 161 -5.72 -1.02 39.23
C TYR B 161 -6.26 -1.78 38.09
N ASP B 162 -7.32 -2.54 38.34
CA ASP B 162 -7.91 -3.28 37.26
C ASP B 162 -8.91 -2.37 36.56
N SER B 163 -8.73 -2.16 35.27
CA SER B 163 -9.45 -1.13 34.56
C SER B 163 -10.66 -1.69 33.80
N HIS B 164 -11.85 -1.26 34.19
CA HIS B 164 -13.12 -1.81 33.66
C HIS B 164 -13.77 -0.82 32.74
N SER B 165 -15.09 -0.87 32.58
CA SER B 165 -15.72 0.11 31.67
C SER B 165 -17.14 0.54 32.06
N LEU B 166 -17.87 1.11 31.11
CA LEU B 166 -19.20 1.59 31.36
C LEU B 166 -20.15 0.36 31.38
N ASP B 167 -20.06 -0.39 32.47
CA ASP B 167 -20.50 -1.80 32.46
C ASP B 167 -21.95 -2.04 32.92
N GLY B 168 -22.58 -1.04 33.49
CA GLY B 168 -23.89 -1.22 34.17
C GLY B 168 -23.59 -1.69 35.60
N VAL B 169 -24.52 -1.42 36.53
CA VAL B 169 -24.35 -1.79 37.97
C VAL B 169 -23.90 -3.24 38.16
N LYS B 170 -24.67 -4.20 37.64
CA LYS B 170 -24.36 -5.64 37.82
C LYS B 170 -22.97 -6.08 37.35
N LEU B 171 -22.65 -5.87 36.09
CA LEU B 171 -21.30 -6.29 35.60
C LEU B 171 -20.16 -5.54 36.32
N ALA B 172 -20.33 -4.25 36.55
CA ALA B 172 -19.28 -3.47 37.25
C ALA B 172 -18.98 -4.08 38.64
N THR B 173 -20.03 -4.37 39.41
CA THR B 173 -19.82 -4.98 40.75
C THR B 173 -19.18 -6.36 40.62
N GLU B 174 -19.69 -7.17 39.71
CA GLU B 174 -19.05 -8.47 39.44
C GLU B 174 -17.58 -8.32 39.04
N ARG B 175 -17.25 -7.45 38.08
CA ARG B 175 -15.80 -7.34 37.71
C ARG B 175 -14.95 -6.80 38.87
N ALA B 176 -15.53 -5.92 39.69
CA ALA B 176 -14.83 -5.41 40.88
C ALA B 176 -14.53 -6.53 41.90
N VAL B 177 -15.51 -7.42 42.13
CA VAL B 177 -15.30 -8.57 43.03
C VAL B 177 -14.19 -9.46 42.53
N THR B 178 -14.27 -9.84 41.27
CA THR B 178 -13.19 -10.60 40.66
C THR B 178 -11.79 -9.98 40.87
N ALA B 179 -11.67 -8.67 40.58
CA ALA B 179 -10.38 -7.96 40.71
C ALA B 179 -9.86 -8.00 42.16
N ALA B 180 -10.75 -7.80 43.14
CA ALA B 180 -10.37 -7.86 44.54
C ALA B 180 -9.90 -9.27 44.90
N GLU B 181 -10.58 -10.31 44.39
CA GLU B 181 -10.11 -11.72 44.59
C GLU B 181 -8.73 -11.92 43.98
N LEU B 182 -8.47 -11.30 42.82
CA LEU B 182 -7.14 -11.45 42.24
C LEU B 182 -6.04 -10.70 42.98
N GLY B 183 -6.41 -9.93 43.99
CA GLY B 183 -5.40 -9.17 44.74
C GLY B 183 -5.21 -7.71 44.29
N PHE B 184 -5.94 -7.21 43.30
CA PHE B 184 -5.95 -5.76 42.99
C PHE B 184 -6.57 -4.95 44.14
N ARG B 185 -5.96 -3.81 44.44
CA ARG B 185 -6.39 -2.98 45.56
C ARG B 185 -7.18 -1.78 45.04
N ALA B 186 -7.41 -1.75 43.73
CA ALA B 186 -8.16 -0.68 43.08
C ALA B 186 -8.72 -1.14 41.75
N VAL B 187 -9.88 -0.60 41.36
CA VAL B 187 -10.47 -0.76 40.04
C VAL B 187 -10.84 0.63 39.50
N LYS B 188 -10.96 0.75 38.19
CA LYS B 188 -11.49 1.95 37.57
C LYS B 188 -12.72 1.58 36.80
N THR B 189 -13.76 2.38 36.94
CA THR B 189 -14.96 2.17 36.15
C THR B 189 -15.18 3.42 35.28
N LYS B 190 -15.82 3.27 34.13
CA LYS B 190 -16.11 4.40 33.24
C LYS B 190 -17.57 4.73 33.48
N ILE B 191 -17.84 6.03 33.67
CA ILE B 191 -19.15 6.55 34.02
C ILE B 191 -19.52 7.69 33.01
N GLY B 192 -20.57 8.44 33.31
CA GLY B 192 -21.23 9.28 32.32
C GLY B 192 -22.53 8.70 31.77
N TYR B 193 -23.28 7.99 32.63
CA TYR B 193 -24.62 7.46 32.33
C TYR B 193 -25.54 8.64 32.15
N PRO B 194 -26.72 8.41 31.53
CA PRO B 194 -27.64 9.52 31.26
C PRO B 194 -27.91 10.41 32.49
N ALA B 195 -28.09 9.77 33.65
CA ALA B 195 -28.40 10.44 34.89
C ALA B 195 -27.21 10.29 35.84
N LEU B 196 -26.91 11.38 36.56
CA LEU B 196 -25.99 11.33 37.71
C LEU B 196 -26.36 10.17 38.68
N ASP B 197 -27.65 9.99 39.00
CA ASP B 197 -28.07 8.93 39.97
C ASP B 197 -27.53 7.55 39.60
N GLN B 198 -27.41 7.32 38.29
CA GLN B 198 -26.78 6.10 37.80
C GLN B 198 -25.25 6.04 38.02
N ASP B 199 -24.50 7.13 37.76
CA ASP B 199 -23.06 7.11 38.05
C ASP B 199 -22.93 6.75 39.53
N LEU B 200 -23.73 7.40 40.37
CA LEU B 200 -23.62 7.22 41.82
C LEU B 200 -23.95 5.79 42.25
N ALA B 201 -25.00 5.21 41.66
CA ALA B 201 -25.39 3.78 42.02
C ALA B 201 -24.29 2.73 41.70
N VAL B 202 -23.57 2.95 40.57
CA VAL B 202 -22.47 2.05 40.21
C VAL B 202 -21.36 2.18 41.24
N VAL B 203 -20.95 3.40 41.50
CA VAL B 203 -19.89 3.58 42.47
C VAL B 203 -20.28 3.02 43.86
N ARG B 204 -21.50 3.27 44.28
CA ARG B 204 -22.02 2.71 45.58
C ARG B 204 -21.98 1.20 45.57
N SER B 205 -22.51 0.61 44.50
CA SER B 205 -22.52 -0.84 44.45
C SER B 205 -21.11 -1.42 44.46
N ILE B 206 -20.15 -0.79 43.75
CA ILE B 206 -18.78 -1.28 43.79
C ILE B 206 -18.22 -1.14 45.21
N ARG B 207 -18.43 0.04 45.81
CA ARG B 207 -17.97 0.31 47.19
C ARG B 207 -18.42 -0.80 48.17
N GLN B 208 -19.71 -1.09 48.17
CA GLN B 208 -20.26 -2.13 49.06
C GLN B 208 -19.54 -3.46 48.83
N ALA B 209 -19.22 -3.79 47.57
CA ALA B 209 -18.55 -5.05 47.25
C ALA B 209 -17.09 -5.14 47.70
N VAL B 210 -16.32 -4.06 47.54
CA VAL B 210 -14.84 -4.09 47.78
C VAL B 210 -14.41 -3.52 49.12
N GLY B 211 -15.32 -2.78 49.79
CA GLY B 211 -15.00 -2.21 51.09
C GLY B 211 -14.37 -0.84 51.06
N ASP B 212 -14.26 -0.24 52.24
CA ASP B 212 -13.79 1.15 52.38
C ASP B 212 -12.27 1.32 52.11
N ASP B 213 -11.49 0.25 52.29
CA ASP B 213 -10.03 0.31 52.10
C ASP B 213 -9.66 -0.25 50.70
N PHE B 214 -10.03 0.51 49.67
CA PHE B 214 -9.97 0.04 48.27
C PHE B 214 -10.17 1.24 47.33
N GLY B 215 -9.34 1.40 46.30
CA GLY B 215 -9.54 2.52 45.36
C GLY B 215 -10.60 2.26 44.30
N ILE B 216 -11.39 3.28 43.99
CA ILE B 216 -12.33 3.23 42.88
C ILE B 216 -12.04 4.47 42.04
N MET B 217 -11.31 4.32 40.95
CA MET B 217 -11.15 5.46 40.08
C MET B 217 -12.40 5.51 39.20
N VAL B 218 -12.73 6.71 38.72
CA VAL B 218 -13.81 6.86 37.76
C VAL B 218 -13.38 7.72 36.56
N ASP B 219 -13.96 7.39 35.41
CA ASP B 219 -13.56 7.96 34.14
C ASP B 219 -14.80 8.38 33.36
N TYR B 220 -14.87 9.68 33.05
CA TYR B 220 -15.97 10.24 32.28
C TYR B 220 -15.73 10.25 30.78
N ASN B 221 -14.52 9.96 30.34
CA ASN B 221 -14.30 9.92 28.90
C ASN B 221 -14.81 11.17 28.17
N GLN B 222 -14.54 12.35 28.73
CA GLN B 222 -14.69 13.64 28.01
C GLN B 222 -16.12 14.01 27.83
N SER B 223 -17.03 13.38 28.59
CA SER B 223 -18.43 13.43 28.23
C SER B 223 -19.23 14.59 28.81
N LEU B 224 -18.70 15.37 29.75
CA LEU B 224 -19.52 16.45 30.35
C LEU B 224 -19.01 17.82 29.91
N ASP B 225 -19.90 18.80 29.96
CA ASP B 225 -19.48 20.19 29.92
C ASP B 225 -18.97 20.58 31.31
N VAL B 226 -18.26 21.69 31.43
CA VAL B 226 -17.71 22.09 32.73
C VAL B 226 -18.81 22.15 33.86
N PRO B 227 -19.96 22.81 33.61
CA PRO B 227 -20.81 22.87 34.80
C PRO B 227 -21.35 21.49 35.21
N ALA B 228 -21.70 20.63 34.26
CA ALA B 228 -22.23 19.31 34.61
C ALA B 228 -21.10 18.50 35.28
N ALA B 229 -19.87 18.74 34.86
CA ALA B 229 -18.68 18.07 35.48
C ALA B 229 -18.46 18.50 36.93
N ILE B 230 -18.69 19.77 37.22
CA ILE B 230 -18.56 20.25 38.58
C ILE B 230 -19.71 19.64 39.41
N LYS B 231 -20.91 19.57 38.85
CA LYS B 231 -22.02 19.04 39.65
C LYS B 231 -21.85 17.54 39.92
N ARG B 232 -21.60 16.76 38.87
CA ARG B 232 -21.42 15.33 39.04
C ARG B 232 -20.23 15.03 39.90
N SER B 233 -19.12 15.76 39.63
CA SER B 233 -17.89 15.52 40.37
C SER B 233 -18.03 15.82 41.87
N GLN B 234 -18.73 16.88 42.22
CA GLN B 234 -18.93 17.13 43.66
C GLN B 234 -19.76 16.02 44.33
N ALA B 235 -20.71 15.45 43.61
CA ALA B 235 -21.54 14.37 44.16
C ALA B 235 -20.68 13.11 44.28
N LEU B 236 -19.80 12.87 43.31
CA LEU B 236 -18.94 11.68 43.39
C LEU B 236 -17.94 11.77 44.52
N GLN B 237 -17.46 13.00 44.75
CA GLN B 237 -16.51 13.25 45.82
C GLN B 237 -17.16 12.99 47.19
N GLN B 238 -18.44 13.28 47.34
CA GLN B 238 -19.15 12.94 48.60
C GLN B 238 -19.18 11.41 48.72
N GLU B 239 -19.37 10.68 47.61
CA GLU B 239 -19.30 9.20 47.67
C GLU B 239 -17.97 8.64 48.11
N GLY B 240 -16.86 9.28 47.74
CA GLY B 240 -15.54 8.73 47.96
C GLY B 240 -15.13 8.00 46.68
N VAL B 241 -14.37 8.70 45.85
CA VAL B 241 -13.72 8.11 44.67
C VAL B 241 -12.26 8.52 44.70
N THR B 242 -11.44 7.76 44.01
CA THR B 242 -10.02 7.97 44.09
C THR B 242 -9.56 9.10 43.13
N TRP B 243 -10.19 9.20 41.98
CA TRP B 243 -9.93 10.32 41.10
C TRP B 243 -11.03 10.41 40.11
N ILE B 244 -11.09 11.56 39.42
CA ILE B 244 -12.08 11.82 38.40
C ILE B 244 -11.34 12.10 37.08
N GLU B 245 -11.49 11.18 36.12
CA GLU B 245 -10.63 11.21 34.93
C GLU B 245 -11.36 11.83 33.73
N GLU B 246 -10.68 12.72 33.00
CA GLU B 246 -11.23 13.34 31.77
C GLU B 246 -12.69 13.73 31.89
N PRO B 247 -13.00 14.59 32.85
CA PRO B 247 -14.41 14.96 33.00
C PRO B 247 -14.94 15.72 31.77
N THR B 248 -14.06 16.44 31.03
CA THR B 248 -14.53 17.22 29.87
C THR B 248 -13.63 16.99 28.67
N LEU B 249 -13.90 17.72 27.57
CA LEU B 249 -13.14 17.55 26.32
C LEU B 249 -11.66 17.60 26.56
N GLN B 250 -10.95 16.60 26.02
CA GLN B 250 -9.58 16.35 26.45
C GLN B 250 -8.67 17.54 26.21
N HIS B 251 -8.93 18.33 25.16
CA HIS B 251 -7.98 19.40 24.81
C HIS B 251 -8.23 20.63 25.66
N ASP B 252 -9.37 20.62 26.37
CA ASP B 252 -9.77 21.84 27.07
C ASP B 252 -9.14 21.87 28.46
N TYR B 253 -7.88 22.34 28.46
CA TYR B 253 -7.07 22.35 29.67
C TYR B 253 -7.63 23.38 30.61
N GLU B 254 -8.04 24.55 30.07
CA GLU B 254 -8.63 25.63 30.92
C GLU B 254 -9.92 25.11 31.61
N GLY B 255 -10.66 24.29 30.92
CA GLY B 255 -11.93 23.78 31.45
C GLY B 255 -11.70 22.78 32.54
N HIS B 256 -10.68 21.95 32.35
CA HIS B 256 -10.20 21.04 33.38
C HIS B 256 -9.75 21.73 34.62
N GLN B 257 -8.98 22.79 34.45
CA GLN B 257 -8.62 23.65 35.58
C GLN B 257 -9.86 24.21 36.33
N ARG B 258 -10.83 24.74 35.58
CA ARG B 258 -12.04 25.26 36.17
C ARG B 258 -12.74 24.13 36.99
N ILE B 259 -12.82 22.91 36.46
CA ILE B 259 -13.42 21.80 37.19
C ILE B 259 -12.57 21.45 38.43
N GLN B 260 -11.25 21.31 38.23
CA GLN B 260 -10.33 21.01 39.33
C GLN B 260 -10.47 22.03 40.46
N SER B 261 -10.71 23.31 40.11
CA SER B 261 -10.79 24.42 41.11
C SER B 261 -11.96 24.27 42.10
N LYS B 262 -12.93 23.46 41.72
CA LYS B 262 -14.13 23.24 42.53
C LYS B 262 -14.09 21.93 43.26
N LEU B 263 -12.94 21.23 43.22
CA LEU B 263 -12.83 19.86 43.74
C LEU B 263 -11.70 19.70 44.74
N ASN B 264 -11.93 18.85 45.74
CA ASN B 264 -10.85 18.34 46.59
C ASN B 264 -10.24 17.09 45.99
N VAL B 265 -11.11 16.18 45.55
CA VAL B 265 -10.66 14.99 44.81
C VAL B 265 -9.81 15.40 43.58
N PRO B 266 -8.83 14.57 43.22
CA PRO B 266 -7.96 15.03 42.10
C PRO B 266 -8.60 14.78 40.75
N VAL B 267 -8.52 15.76 39.88
CA VAL B 267 -8.84 15.54 38.47
C VAL B 267 -7.63 14.88 37.79
N GLN B 268 -7.90 13.83 37.02
CA GLN B 268 -6.91 12.98 36.35
C GLN B 268 -7.09 13.14 34.83
N MET B 269 -5.98 13.20 34.11
CA MET B 269 -6.05 13.22 32.67
C MET B 269 -4.66 12.87 32.10
N GLY B 270 -4.54 12.82 30.77
CA GLY B 270 -3.23 12.80 30.14
C GLY B 270 -3.15 11.74 29.07
N GLU B 271 -4.07 10.75 29.12
CA GLU B 271 -4.01 9.67 28.14
C GLU B 271 -4.07 10.24 26.72
N ASN B 272 -4.60 11.46 26.57
CA ASN B 272 -4.78 12.04 25.26
C ASN B 272 -3.72 13.08 24.88
N TRP B 273 -2.76 13.31 25.75
CA TRP B 273 -1.66 14.26 25.38
C TRP B 273 -0.80 13.70 24.31
N LEU B 274 -0.71 14.41 23.20
CA LEU B 274 0.10 13.97 22.12
C LEU B 274 1.44 14.65 22.26
N GLY B 275 2.36 13.93 22.89
CA GLY B 275 3.68 14.48 23.16
C GLY B 275 3.78 15.20 24.51
N PRO B 276 4.99 15.22 25.11
CA PRO B 276 5.11 15.94 26.37
C PRO B 276 4.87 17.44 26.26
N GLU B 277 4.94 18.02 25.04
CA GLU B 277 4.66 19.44 24.93
C GLU B 277 3.15 19.70 25.23
N GLU B 278 2.29 18.72 25.04
CA GLU B 278 0.88 18.91 25.37
C GLU B 278 0.71 18.74 26.88
N MET B 279 1.40 17.78 27.46
CA MET B 279 1.47 17.70 28.89
C MET B 279 1.92 19.02 29.54
N PHE B 280 2.98 19.60 29.01
CA PHE B 280 3.49 20.82 29.56
C PHE B 280 2.46 21.95 29.55
N LYS B 281 1.77 22.14 28.42
CA LYS B 281 0.66 23.12 28.36
C LYS B 281 -0.44 22.83 29.44
N ALA B 282 -0.83 21.58 29.61
CA ALA B 282 -1.90 21.26 30.58
C ALA B 282 -1.46 21.61 32.01
N LEU B 283 -0.27 21.16 32.38
CA LEU B 283 0.23 21.35 33.74
C LEU B 283 0.53 22.79 34.04
N SER B 284 1.00 23.56 33.02
CA SER B 284 1.26 25.01 33.18
C SER B 284 0.06 25.85 33.65
N ILE B 285 -1.14 25.42 33.29
CA ILE B 285 -2.27 26.20 33.73
C ILE B 285 -3.07 25.45 34.79
N GLY B 286 -2.53 24.34 35.29
CA GLY B 286 -3.13 23.71 36.48
C GLY B 286 -4.39 22.94 36.08
N ALA B 287 -4.34 22.18 34.97
CA ALA B 287 -5.53 21.49 34.49
C ALA B 287 -5.91 20.35 35.42
N CYS B 288 -4.95 19.82 36.16
CA CYS B 288 -5.19 18.55 36.85
C CYS B 288 -4.19 18.39 37.99
N ARG B 289 -4.51 17.53 38.95
CA ARG B 289 -3.58 17.23 40.01
C ARG B 289 -2.90 15.85 39.90
N LEU B 290 -3.35 15.04 38.93
CA LEU B 290 -2.74 13.75 38.58
C LEU B 290 -2.57 13.73 37.06
N ALA B 291 -1.64 12.87 36.60
CA ALA B 291 -1.34 12.71 35.20
C ALA B 291 -1.23 11.25 34.88
N MET B 292 -1.71 10.87 33.70
CA MET B 292 -1.54 9.49 33.20
C MET B 292 -1.21 9.48 31.70
N PRO B 293 0.02 9.82 31.35
CA PRO B 293 0.39 9.66 29.93
C PRO B 293 0.18 8.22 29.36
N ASP B 294 -0.04 8.15 28.06
CA ASP B 294 -0.22 6.91 27.29
C ASP B 294 1.12 6.71 26.57
N ALA B 295 1.75 5.56 26.76
CA ALA B 295 3.07 5.32 26.20
C ALA B 295 3.16 5.64 24.70
N MET B 296 2.05 5.47 23.96
CA MET B 296 2.00 5.75 22.53
C MET B 296 1.87 7.24 22.33
N LYS B 297 0.78 7.82 22.83
CA LYS B 297 0.51 9.23 22.58
C LYS B 297 1.57 10.19 23.10
N ILE B 298 2.20 9.83 24.21
CA ILE B 298 3.19 10.69 24.83
C ILE B 298 4.50 10.74 24.00
N GLY B 299 4.67 9.82 23.04
CA GLY B 299 5.93 9.72 22.26
C GLY B 299 6.80 8.49 22.60
N GLY B 300 6.20 7.41 23.14
CA GLY B 300 6.96 6.20 23.41
C GLY B 300 7.82 6.35 24.66
N VAL B 301 8.86 5.54 24.77
CA VAL B 301 9.79 5.67 25.88
C VAL B 301 10.41 7.05 25.92
N THR B 302 10.85 7.53 24.76
CA THR B 302 11.55 8.81 24.73
C THR B 302 10.64 9.97 25.27
N GLY B 303 9.41 10.07 24.80
CA GLY B 303 8.48 11.05 25.33
C GLY B 303 8.08 10.74 26.78
N TRP B 304 7.94 9.46 27.12
CA TRP B 304 7.57 9.15 28.52
C TRP B 304 8.58 9.67 29.52
N ILE B 305 9.86 9.44 29.26
CA ILE B 305 10.92 9.88 30.15
C ILE B 305 10.90 11.42 30.29
N ARG B 306 10.58 12.12 29.20
CA ARG B 306 10.44 13.56 29.28
C ARG B 306 9.23 13.92 30.15
N ALA B 307 8.10 13.22 29.94
CA ALA B 307 6.89 13.43 30.72
C ALA B 307 7.18 13.26 32.22
N SER B 308 7.94 12.23 32.57
CA SER B 308 8.22 11.97 33.99
C SER B 308 9.05 13.09 34.60
N ALA B 309 9.95 13.71 33.82
CA ALA B 309 10.71 14.85 34.30
C ALA B 309 9.78 15.99 34.56
N LEU B 310 8.83 16.24 33.66
CA LEU B 310 7.80 17.27 33.88
C LEU B 310 6.92 17.02 35.11
N ALA B 311 6.33 15.81 35.18
CA ALA B 311 5.49 15.45 36.33
C ALA B 311 6.25 15.62 37.64
N GLN B 312 7.55 15.30 37.63
CA GLN B 312 8.30 15.46 38.89
C GLN B 312 8.40 16.94 39.33
N GLN B 313 8.73 17.83 38.39
CA GLN B 313 8.84 19.25 38.77
C GLN B 313 7.53 19.90 39.10
N PHE B 314 6.44 19.53 38.40
CA PHE B 314 5.11 20.08 38.69
C PHE B 314 4.41 19.41 39.91
N GLY B 315 5.08 18.48 40.58
CA GLY B 315 4.52 17.83 41.75
C GLY B 315 3.29 17.02 41.42
N ILE B 316 3.39 16.24 40.32
CA ILE B 316 2.25 15.49 39.85
C ILE B 316 2.55 14.00 39.85
N PRO B 317 1.86 13.22 40.75
CA PRO B 317 1.89 11.75 40.68
C PRO B 317 1.47 11.26 39.31
N MET B 318 2.25 10.36 38.72
CA MET B 318 2.07 10.05 37.35
C MET B 318 1.81 8.56 37.17
N SER B 319 0.67 8.26 36.57
CA SER B 319 0.25 6.89 36.27
C SER B 319 0.40 6.63 34.77
N SER B 320 0.12 5.39 34.39
CA SER B 320 0.14 5.01 32.98
C SER B 320 -1.29 4.83 32.39
N HIS B 321 -1.38 4.85 31.07
CA HIS B 321 -2.62 4.54 30.35
C HIS B 321 -2.36 3.46 29.31
N LEU B 322 -3.02 2.31 29.47
CA LEU B 322 -2.79 1.12 28.63
C LEU B 322 -1.32 0.76 28.51
N PHE B 323 -0.96 -0.02 27.50
CA PHE B 323 0.43 -0.39 27.26
C PHE B 323 1.09 -0.91 28.53
N GLN B 324 0.38 -1.81 29.21
CA GLN B 324 0.85 -2.30 30.51
C GLN B 324 2.21 -2.97 30.45
N GLU B 325 2.49 -3.62 29.33
CA GLU B 325 3.78 -4.32 29.16
C GLU B 325 4.93 -3.35 29.28
N ILE B 326 4.88 -2.27 28.53
CA ILE B 326 6.01 -1.35 28.57
C ILE B 326 5.85 -0.43 29.78
N SER B 327 4.61 -0.20 30.20
CA SER B 327 4.39 0.78 31.30
C SER B 327 5.00 0.32 32.62
N ALA B 328 4.99 -1.00 32.86
CA ALA B 328 5.62 -1.54 34.08
C ALA B 328 7.09 -1.14 34.17
N HIS B 329 7.81 -1.24 33.06
CA HIS B 329 9.17 -0.72 33.01
C HIS B 329 9.19 0.77 33.22
N LEU B 330 8.35 1.48 32.51
CA LEU B 330 8.48 2.95 32.49
C LEU B 330 8.16 3.55 33.89
N LEU B 331 7.08 3.05 34.50
CA LEU B 331 6.71 3.44 35.88
C LEU B 331 7.85 3.23 36.88
N ALA B 332 8.62 2.17 36.70
CA ALA B 332 9.71 1.88 37.65
C ALA B 332 10.82 2.92 37.54
N ALA B 333 10.88 3.61 36.39
CA ALA B 333 11.84 4.66 36.18
C ALA B 333 11.24 6.05 36.41
N THR B 334 10.02 6.11 36.96
CA THR B 334 9.29 7.41 37.01
C THR B 334 9.29 8.00 38.42
N PRO B 335 9.99 9.15 38.65
CA PRO B 335 10.09 9.65 40.03
C PRO B 335 8.75 9.76 40.78
N THR B 336 7.68 10.26 40.15
CA THR B 336 6.39 10.33 40.86
C THR B 336 5.43 9.18 40.48
N ALA B 337 5.98 8.00 40.16
CA ALA B 337 5.15 6.81 39.76
C ALA B 337 3.94 6.61 40.70
N HIS B 338 2.75 6.38 40.14
CA HIS B 338 1.54 6.34 40.95
C HIS B 338 0.89 4.99 40.76
N TRP B 339 0.07 4.85 39.71
CA TRP B 339 -0.53 3.57 39.36
C TRP B 339 -0.18 3.10 37.96
N LEU B 340 -0.16 1.78 37.75
CA LEU B 340 -0.19 1.17 36.42
C LEU B 340 -1.63 0.82 36.15
N GLU B 341 -2.08 1.20 34.96
CA GLU B 341 -3.37 0.79 34.47
C GLU B 341 -3.31 -0.59 33.84
N ARG B 342 -4.09 -1.50 34.42
CA ARG B 342 -4.19 -2.84 33.88
C ARG B 342 -5.47 -2.99 33.03
N LEU B 343 -5.27 -2.93 31.72
CA LEU B 343 -6.35 -3.21 30.78
C LEU B 343 -5.63 -3.92 29.68
N ASP B 344 -5.89 -5.22 29.57
CA ASP B 344 -5.00 -6.08 28.80
C ASP B 344 -5.47 -6.20 27.36
N LEU B 345 -5.26 -5.13 26.58
CA LEU B 345 -5.68 -5.05 25.18
C LEU B 345 -4.96 -6.01 24.23
N ALA B 346 -3.68 -6.25 24.47
CA ALA B 346 -2.84 -7.12 23.63
C ALA B 346 -2.68 -8.54 24.16
N GLY B 347 -3.37 -8.87 25.25
CA GLY B 347 -3.29 -10.21 25.86
C GLY B 347 -3.48 -11.39 24.91
N SER B 348 -4.41 -11.25 23.99
CA SER B 348 -4.63 -12.30 23.00
C SER B 348 -3.45 -12.57 22.09
N VAL B 349 -2.48 -11.66 21.97
CA VAL B 349 -1.38 -11.78 20.98
C VAL B 349 0.05 -11.63 21.53
N ILE B 350 0.16 -11.47 22.85
CA ILE B 350 1.45 -11.31 23.53
C ILE B 350 1.51 -12.29 24.72
N GLU B 351 2.60 -13.04 24.83
CA GLU B 351 2.76 -13.97 25.96
C GLU B 351 2.60 -13.21 27.27
N PRO B 352 1.90 -13.83 28.26
CA PRO B 352 1.75 -13.23 29.59
C PRO B 352 3.00 -13.35 30.45
N THR B 353 4.07 -12.69 30.04
CA THR B 353 5.29 -12.63 30.81
C THR B 353 5.21 -11.59 31.92
N LEU B 354 4.44 -10.52 31.71
CA LEU B 354 4.09 -9.63 32.83
C LEU B 354 3.06 -10.32 33.75
N THR B 355 3.36 -10.39 35.05
CA THR B 355 2.41 -11.03 36.01
C THR B 355 1.97 -10.04 37.09
N PHE B 356 0.99 -10.44 37.91
CA PHE B 356 0.48 -9.61 38.99
C PHE B 356 0.50 -10.34 40.33
N GLU B 357 1.30 -9.88 41.30
CA GLU B 357 1.35 -10.46 42.67
C GLU B 357 0.83 -9.44 43.67
N GLY B 358 -0.26 -9.76 44.38
CA GLY B 358 -0.81 -8.84 45.37
C GLY B 358 -1.20 -7.51 44.74
N GLY B 359 -1.57 -7.54 43.46
CA GLY B 359 -2.08 -6.36 42.76
C GLY B 359 -0.94 -5.52 42.17
N ASN B 360 0.28 -5.98 42.30
CA ASN B 360 1.43 -5.27 41.72
C ASN B 360 1.92 -5.93 40.44
N ALA B 361 2.14 -5.12 39.40
CA ALA B 361 2.82 -5.60 38.16
C ALA B 361 4.27 -6.02 38.44
N VAL B 362 4.68 -7.17 37.89
CA VAL B 362 6.02 -7.69 38.10
C VAL B 362 6.73 -7.78 36.74
N ILE B 363 7.76 -6.96 36.53
CA ILE B 363 8.46 -6.95 35.27
C ILE B 363 9.12 -8.32 35.09
N PRO B 364 8.90 -9.00 33.94
CA PRO B 364 9.64 -10.25 33.73
C PRO B 364 11.14 -9.98 33.55
N ASP B 365 11.96 -10.98 33.91
CA ASP B 365 13.40 -10.91 33.70
C ASP B 365 13.72 -11.34 32.26
N LEU B 366 13.60 -10.39 31.33
CA LEU B 366 13.72 -10.66 29.90
C LEU B 366 14.25 -9.41 29.26
N PRO B 367 15.11 -9.56 28.24
CA PRO B 367 15.70 -8.38 27.59
C PRO B 367 14.60 -7.43 27.03
N GLY B 368 14.88 -6.12 27.01
CA GLY B 368 13.88 -5.12 26.54
C GLY B 368 12.57 -5.17 27.32
N VAL B 369 11.45 -5.11 26.62
CA VAL B 369 10.15 -4.98 27.25
C VAL B 369 9.64 -6.30 27.75
N GLY B 370 10.16 -7.40 27.19
CA GLY B 370 9.60 -8.72 27.48
C GLY B 370 8.32 -9.04 26.73
N ILE B 371 8.16 -8.47 25.54
CA ILE B 371 7.05 -8.83 24.65
C ILE B 371 7.49 -9.97 23.74
N ILE B 372 6.71 -11.05 23.76
CA ILE B 372 6.90 -12.22 22.88
C ILE B 372 5.57 -12.47 22.19
N TRP B 373 5.58 -12.39 20.85
CA TRP B 373 4.35 -12.61 20.09
C TRP B 373 3.79 -14.01 20.26
N ARG B 374 2.47 -14.15 20.30
CA ARG B 374 1.86 -15.46 20.22
C ARG B 374 1.50 -15.67 18.75
N GLU B 375 2.50 -16.09 17.95
CA GLU B 375 2.33 -16.20 16.48
C GLU B 375 1.10 -17.00 16.05
N LYS B 376 0.84 -18.12 16.70
CA LYS B 376 -0.35 -18.94 16.36
C LYS B 376 -1.63 -18.11 16.56
N GLU B 377 -1.65 -17.26 17.59
CA GLU B 377 -2.82 -16.42 17.85
C GLU B 377 -3.00 -15.25 16.86
N ILE B 378 -1.90 -14.62 16.44
CA ILE B 378 -1.98 -13.43 15.58
C ILE B 378 -2.70 -13.78 14.27
N GLY B 379 -2.47 -15.00 13.77
CA GLY B 379 -3.05 -15.40 12.48
C GLY B 379 -4.56 -15.28 12.45
N LYS B 380 -5.22 -15.49 13.59
CA LYS B 380 -6.69 -15.50 13.65
C LYS B 380 -7.25 -14.09 13.60
N TYR B 381 -6.41 -13.08 13.85
CA TYR B 381 -6.98 -11.76 14.07
C TYR B 381 -6.56 -10.78 13.00
N LEU B 382 -5.68 -11.24 12.10
CA LEU B 382 -5.17 -10.41 11.01
C LEU B 382 -6.30 -9.80 10.19
N VAL B 383 -6.10 -8.55 9.78
CA VAL B 383 -7.08 -7.84 8.98
C VAL B 383 -6.43 -7.13 7.80
N GLU C 27 -15.54 6.89 -34.70
CA GLU C 27 -14.86 5.85 -33.88
C GLU C 27 -15.21 6.06 -32.39
N VAL C 28 -15.85 5.08 -31.75
CA VAL C 28 -16.01 5.06 -30.28
C VAL C 28 -14.66 4.89 -29.58
N LEU C 29 -14.39 5.72 -28.58
CA LEU C 29 -13.08 5.69 -27.94
C LEU C 29 -13.21 5.32 -26.46
N ILE C 30 -12.16 4.72 -25.93
CA ILE C 30 -12.08 4.51 -24.49
C ILE C 30 -11.66 5.84 -23.86
N THR C 31 -12.37 6.26 -22.83
CA THR C 31 -12.05 7.56 -22.23
C THR C 31 -11.49 7.46 -20.81
N GLY C 32 -11.63 6.31 -20.17
CA GLY C 32 -11.13 6.14 -18.82
C GLY C 32 -11.31 4.74 -18.26
N LEU C 33 -10.50 4.45 -17.25
CA LEU C 33 -10.50 3.20 -16.55
C LEU C 33 -10.52 3.46 -15.06
N ARG C 34 -11.45 2.83 -14.34
CA ARG C 34 -11.50 2.90 -12.89
C ARG C 34 -11.61 1.48 -12.33
N THR C 35 -10.84 1.20 -11.28
CA THR C 35 -10.88 -0.10 -10.68
C THR C 35 -11.18 0.06 -9.21
N ARG C 36 -11.72 -0.98 -8.58
CA ARG C 36 -11.96 -0.97 -7.15
C ARG C 36 -11.67 -2.38 -6.62
N ALA C 37 -10.84 -2.48 -5.58
CA ALA C 37 -10.51 -3.77 -5.02
C ALA C 37 -11.44 -4.09 -3.87
N VAL C 38 -12.07 -5.27 -3.90
CA VAL C 38 -12.90 -5.69 -2.79
C VAL C 38 -12.46 -7.07 -2.33
N ASN C 39 -12.83 -7.41 -1.10
CA ASN C 39 -12.57 -8.70 -0.53
C ASN C 39 -13.92 -9.14 0.02
N VAL C 40 -14.62 -10.01 -0.71
CA VAL C 40 -16.05 -10.20 -0.45
C VAL C 40 -16.32 -11.55 0.19
N PRO C 41 -17.37 -11.63 1.02
CA PRO C 41 -17.54 -12.78 1.91
C PRO C 41 -18.14 -13.96 1.14
N LEU C 42 -17.72 -15.17 1.50
CA LEU C 42 -18.35 -16.29 0.83
C LEU C 42 -19.24 -17.03 1.82
N ALA C 43 -20.51 -17.23 1.45
CA ALA C 43 -21.41 -18.11 2.22
C ALA C 43 -20.65 -19.40 2.56
N TYR C 44 -19.95 -19.94 1.56
CA TYR C 44 -19.17 -21.14 1.77
C TYR C 44 -17.74 -20.97 1.31
N PRO C 45 -16.81 -20.90 2.28
CA PRO C 45 -15.41 -20.67 1.89
C PRO C 45 -14.97 -21.78 0.93
N VAL C 46 -14.15 -21.46 -0.08
CA VAL C 46 -13.69 -22.51 -1.01
C VAL C 46 -12.43 -23.23 -0.48
N HIS C 47 -12.64 -24.38 0.19
CA HIS C 47 -11.56 -25.26 0.65
C HIS C 47 -11.11 -26.12 -0.47
N THR C 48 -9.78 -26.20 -0.64
CA THR C 48 -9.15 -27.10 -1.61
C THR C 48 -8.04 -27.84 -0.89
N ALA C 49 -7.52 -28.89 -1.50
CA ALA C 49 -6.52 -29.71 -0.91
C ALA C 49 -5.18 -28.95 -0.81
N VAL C 50 -5.06 -27.80 -1.47
CA VAL C 50 -3.83 -26.99 -1.35
C VAL C 50 -4.04 -25.67 -0.60
N GLY C 51 -5.17 -25.53 0.10
CA GLY C 51 -5.44 -24.26 0.82
C GLY C 51 -6.83 -23.75 0.58
N THR C 52 -7.21 -22.79 1.42
CA THR C 52 -8.57 -22.27 1.43
C THR C 52 -8.67 -20.85 0.92
N VAL C 53 -9.69 -20.62 0.11
CA VAL C 53 -10.07 -19.28 -0.31
C VAL C 53 -11.37 -18.92 0.42
N GLY C 54 -11.24 -18.20 1.53
CA GLY C 54 -12.35 -17.96 2.48
C GLY C 54 -13.18 -16.77 2.09
N THR C 55 -12.57 -15.83 1.38
CA THR C 55 -13.27 -14.69 0.86
C THR C 55 -12.76 -14.48 -0.58
N ALA C 56 -13.49 -13.67 -1.36
CA ALA C 56 -13.17 -13.40 -2.77
C ALA C 56 -12.46 -12.08 -2.98
N PRO C 57 -11.16 -12.14 -3.29
CA PRO C 57 -10.51 -10.86 -3.59
C PRO C 57 -10.75 -10.49 -5.06
N LEU C 58 -11.51 -9.42 -5.32
CA LEU C 58 -11.92 -9.06 -6.69
C LEU C 58 -11.46 -7.66 -7.11
N VAL C 59 -11.09 -7.46 -8.37
CA VAL C 59 -10.95 -6.10 -8.89
C VAL C 59 -12.14 -5.79 -9.82
N LEU C 60 -12.92 -4.76 -9.50
CA LEU C 60 -14.12 -4.41 -10.28
C LEU C 60 -13.71 -3.36 -11.24
N ILE C 61 -14.05 -3.54 -12.51
CA ILE C 61 -13.48 -2.69 -13.56
C ILE C 61 -14.60 -1.93 -14.28
N ASP C 62 -14.42 -0.61 -14.40
CA ASP C 62 -15.33 0.24 -15.18
C ASP C 62 -14.51 0.87 -16.29
N LEU C 63 -14.98 0.68 -17.51
CA LEU C 63 -14.29 1.17 -18.68
C LEU C 63 -15.21 2.17 -19.32
N ALA C 64 -14.81 3.44 -19.25
CA ALA C 64 -15.63 4.53 -19.75
C ALA C 64 -15.34 4.76 -21.21
N THR C 65 -16.38 5.12 -21.96
CA THR C 65 -16.29 5.33 -23.40
C THR C 65 -16.85 6.69 -23.84
N SER C 66 -16.52 7.09 -25.05
CA SER C 66 -16.96 8.37 -25.61
C SER C 66 -18.39 8.28 -26.18
N ALA C 67 -19.00 7.11 -26.10
CA ALA C 67 -20.38 6.95 -26.54
C ALA C 67 -21.24 7.02 -25.30
N GLY C 68 -20.61 7.24 -24.16
CA GLY C 68 -21.36 7.42 -22.94
C GLY C 68 -21.67 6.16 -22.15
N VAL C 69 -21.40 4.99 -22.70
CA VAL C 69 -21.61 3.76 -21.93
C VAL C 69 -20.35 3.35 -21.16
N VAL C 70 -20.58 2.54 -20.16
CA VAL C 70 -19.56 2.07 -19.30
C VAL C 70 -19.49 0.57 -19.32
N GLY C 71 -18.34 0.07 -19.70
CA GLY C 71 -18.11 -1.39 -19.67
C GLY C 71 -17.75 -1.84 -18.26
N HIS C 72 -18.26 -3.02 -17.87
CA HIS C 72 -18.00 -3.64 -16.58
C HIS C 72 -17.43 -5.03 -16.73
N SER C 73 -16.42 -5.36 -15.91
CA SER C 73 -15.96 -6.74 -15.74
C SER C 73 -15.35 -6.79 -14.38
N TYR C 74 -14.90 -7.96 -13.98
CA TYR C 74 -14.09 -8.09 -12.79
C TYR C 74 -13.00 -9.16 -12.91
N LEU C 75 -11.98 -9.06 -12.07
CA LEU C 75 -10.89 -10.04 -12.00
C LEU C 75 -10.95 -10.69 -10.65
N PHE C 76 -10.56 -11.96 -10.60
CA PHE C 76 -10.47 -12.70 -9.37
C PHE C 76 -8.99 -12.88 -9.10
N ALA C 77 -8.52 -12.36 -7.96
CA ALA C 77 -7.08 -12.44 -7.60
C ALA C 77 -6.65 -13.61 -6.70
N TYR C 78 -7.61 -14.46 -6.32
CA TYR C 78 -7.36 -15.74 -5.65
C TYR C 78 -6.98 -15.64 -4.19
N THR C 79 -5.96 -14.83 -3.92
CA THR C 79 -5.45 -14.51 -2.61
C THR C 79 -5.39 -12.99 -2.40
N PRO C 80 -5.67 -12.52 -1.20
CA PRO C 80 -5.55 -11.05 -0.98
C PRO C 80 -4.11 -10.54 -1.19
N VAL C 81 -3.16 -11.46 -1.06
CA VAL C 81 -1.77 -11.14 -1.30
C VAL C 81 -1.53 -10.53 -2.71
N ALA C 82 -2.33 -10.93 -3.68
CA ALA C 82 -2.11 -10.42 -5.06
C ALA C 82 -3.06 -9.26 -5.42
N LEU C 83 -3.98 -8.95 -4.52
CA LEU C 83 -5.07 -8.01 -4.83
C LEU C 83 -4.64 -6.57 -5.08
N LYS C 84 -3.87 -5.98 -4.21
CA LYS C 84 -3.50 -4.62 -4.43
C LYS C 84 -2.60 -4.50 -5.65
N SER C 85 -1.75 -5.48 -5.84
CA SER C 85 -0.78 -5.49 -6.96
C SER C 85 -1.52 -5.47 -8.32
N LEU C 86 -2.63 -6.22 -8.36
CA LEU C 86 -3.45 -6.37 -9.58
C LEU C 86 -4.18 -5.07 -9.88
N LYS C 87 -4.81 -4.51 -8.86
CA LYS C 87 -5.44 -3.19 -9.00
C LYS C 87 -4.42 -2.11 -9.45
N GLN C 88 -3.24 -2.10 -8.83
CA GLN C 88 -2.25 -1.10 -9.16
C GLN C 88 -1.85 -1.22 -10.62
N LEU C 89 -1.73 -2.47 -11.09
CA LEU C 89 -1.24 -2.72 -12.45
C LEU C 89 -2.24 -2.16 -13.46
N LEU C 90 -3.53 -2.46 -13.23
CA LEU C 90 -4.60 -1.95 -14.08
C LEU C 90 -4.62 -0.44 -14.14
N ASP C 91 -4.52 0.20 -12.96
CA ASP C 91 -4.50 1.67 -12.88
C ASP C 91 -3.32 2.21 -13.67
N ASP C 92 -2.19 1.51 -13.61
CA ASP C 92 -1.02 2.00 -14.33
C ASP C 92 -1.16 1.77 -15.82
N MET C 93 -2.08 0.89 -16.21
CA MET C 93 -2.34 0.54 -17.61
C MET C 93 -3.36 1.49 -18.21
N ALA C 94 -4.03 2.27 -17.35
CA ALA C 94 -5.03 3.21 -17.82
C ALA C 94 -4.52 4.09 -18.98
N ALA C 95 -3.30 4.61 -18.83
CA ALA C 95 -2.76 5.59 -19.77
C ALA C 95 -2.52 4.99 -21.17
N MET C 96 -2.21 3.68 -21.25
CA MET C 96 -2.00 3.08 -22.56
C MET C 96 -3.32 2.72 -23.31
N ILE C 97 -4.45 2.64 -22.62
CA ILE C 97 -5.73 2.37 -23.28
C ILE C 97 -6.60 3.58 -23.49
N VAL C 98 -6.36 4.68 -22.75
CA VAL C 98 -7.25 5.85 -22.85
C VAL C 98 -7.01 6.48 -24.21
N ASN C 99 -8.10 6.81 -24.92
CA ASN C 99 -8.01 7.35 -26.28
C ASN C 99 -7.73 6.31 -27.35
N GLU C 100 -7.70 5.03 -26.97
CA GLU C 100 -7.67 3.96 -28.00
C GLU C 100 -9.09 3.69 -28.40
N PRO C 101 -9.30 3.26 -29.65
CA PRO C 101 -10.66 2.80 -30.05
C PRO C 101 -11.21 1.61 -29.21
N LEU C 102 -12.52 1.57 -28.96
CA LEU C 102 -13.09 0.47 -28.20
C LEU C 102 -13.20 -0.71 -29.17
N ALA C 103 -12.09 -1.34 -29.51
CA ALA C 103 -12.08 -2.44 -30.51
C ALA C 103 -11.26 -3.48 -29.80
N PRO C 104 -11.94 -4.38 -29.02
CA PRO C 104 -11.23 -5.26 -28.09
C PRO C 104 -10.15 -6.11 -28.75
N VAL C 105 -10.35 -6.52 -30.01
CA VAL C 105 -9.40 -7.41 -30.67
C VAL C 105 -8.12 -6.63 -30.98
N SER C 106 -8.25 -5.41 -31.48
CA SER C 106 -7.07 -4.56 -31.75
C SER C 106 -6.43 -4.13 -30.44
N LEU C 107 -7.23 -3.94 -29.41
CA LEU C 107 -6.70 -3.52 -28.15
C LEU C 107 -5.88 -4.65 -27.51
N GLU C 108 -6.36 -5.88 -27.63
CA GLU C 108 -5.59 -7.06 -27.18
C GLU C 108 -4.24 -7.18 -27.90
N ALA C 109 -4.21 -7.00 -29.21
CA ALA C 109 -2.92 -7.08 -29.93
C ALA C 109 -1.96 -5.99 -29.46
N MET C 110 -2.48 -4.78 -29.24
CA MET C 110 -1.65 -3.67 -28.74
C MET C 110 -1.04 -4.03 -27.36
N LEU C 111 -1.86 -4.60 -26.47
CA LEU C 111 -1.37 -5.02 -25.16
C LEU C 111 -0.37 -6.20 -25.23
N ALA C 112 -0.60 -7.18 -26.11
CA ALA C 112 0.34 -8.27 -26.29
C ALA C 112 1.70 -7.71 -26.71
N LYS C 113 1.69 -6.72 -27.62
CA LYS C 113 2.93 -6.05 -28.04
C LYS C 113 3.54 -5.21 -26.91
N ARG C 114 2.73 -4.39 -26.22
CA ARG C 114 3.31 -3.55 -25.14
C ARG C 114 3.95 -4.40 -24.04
N PHE C 115 3.38 -5.58 -23.74
CA PHE C 115 3.96 -6.47 -22.72
C PHE C 115 4.87 -7.60 -23.23
N CYS C 116 5.30 -7.46 -24.49
CA CYS C 116 6.17 -8.42 -25.20
C CYS C 116 7.36 -8.78 -24.34
N LEU C 117 8.01 -7.73 -23.85
CA LEU C 117 9.32 -7.86 -23.18
C LEU C 117 9.14 -8.31 -21.77
N ALA C 118 8.17 -7.73 -21.08
CA ALA C 118 7.98 -8.01 -19.66
C ALA C 118 7.43 -9.41 -19.37
N GLY C 119 6.69 -9.96 -20.32
CA GLY C 119 6.07 -11.30 -20.12
C GLY C 119 4.56 -11.15 -20.07
N TYR C 120 3.93 -11.48 -21.20
CA TYR C 120 2.50 -11.34 -21.36
C TYR C 120 1.78 -12.53 -20.76
N THR C 121 1.92 -12.66 -19.44
CA THR C 121 1.36 -13.80 -18.80
C THR C 121 1.01 -13.39 -17.41
N GLY C 122 0.43 -14.28 -16.63
CA GLY C 122 0.25 -14.05 -15.20
C GLY C 122 -0.61 -12.86 -14.89
N LEU C 123 -0.20 -12.07 -13.90
CA LEU C 123 -0.98 -10.89 -13.50
C LEU C 123 -1.23 -9.93 -14.64
N ILE C 124 -0.22 -9.72 -15.49
CA ILE C 124 -0.34 -8.77 -16.58
C ILE C 124 -1.38 -9.28 -17.59
N ARG C 125 -1.32 -10.57 -17.92
CA ARG C 125 -2.32 -11.15 -18.83
C ARG C 125 -3.73 -11.08 -18.20
N MET C 126 -3.82 -11.31 -16.89
CA MET C 126 -5.13 -11.25 -16.21
C MET C 126 -5.71 -9.86 -16.29
N ALA C 127 -4.88 -8.85 -16.09
CA ALA C 127 -5.30 -7.46 -16.19
C ALA C 127 -5.76 -7.15 -17.61
N ALA C 128 -4.96 -7.54 -18.62
CA ALA C 128 -5.37 -7.40 -20.04
C ALA C 128 -6.71 -8.07 -20.33
N ALA C 129 -6.91 -9.27 -19.79
CA ALA C 129 -8.25 -9.93 -19.86
C ALA C 129 -9.37 -9.10 -19.21
N GLY C 130 -9.10 -8.53 -18.04
CA GLY C 130 -10.14 -7.66 -17.38
C GLY C 130 -10.57 -6.50 -18.28
N ILE C 131 -9.60 -5.85 -18.92
CA ILE C 131 -9.86 -4.81 -19.88
C ILE C 131 -10.69 -5.35 -21.05
N ASP C 132 -10.26 -6.50 -21.59
CA ASP C 132 -10.96 -7.11 -22.70
C ASP C 132 -12.42 -7.34 -22.36
N MET C 133 -12.71 -7.96 -21.21
CA MET C 133 -14.11 -8.27 -20.85
C MET C 133 -15.00 -7.01 -20.65
N ALA C 134 -14.42 -5.98 -20.07
CA ALA C 134 -15.13 -4.70 -19.94
C ALA C 134 -15.35 -4.07 -21.32
N ALA C 135 -14.38 -4.24 -22.23
CA ALA C 135 -14.49 -3.68 -23.58
C ALA C 135 -15.59 -4.36 -24.39
N TRP C 136 -15.68 -5.67 -24.30
CA TRP C 136 -16.77 -6.36 -24.99
C TRP C 136 -18.10 -6.06 -24.34
N ASP C 137 -18.15 -5.90 -23.03
CA ASP C 137 -19.39 -5.43 -22.40
C ASP C 137 -19.75 -4.06 -23.00
N ALA C 138 -18.78 -3.15 -23.08
CA ALA C 138 -19.03 -1.83 -23.60
C ALA C 138 -19.52 -1.91 -25.03
N LEU C 139 -18.94 -2.79 -25.84
CA LEU C 139 -19.29 -2.89 -27.28
C LEU C 139 -20.74 -3.42 -27.50
N GLY C 140 -21.14 -4.39 -26.69
CA GLY C 140 -22.53 -4.84 -26.61
C GLY C 140 -23.48 -3.70 -26.26
N LYS C 141 -23.11 -2.89 -25.26
CA LYS C 141 -23.88 -1.65 -24.87
C LYS C 141 -23.96 -0.60 -25.98
N VAL C 142 -22.85 -0.35 -26.69
CA VAL C 142 -22.85 0.54 -27.84
C VAL C 142 -23.92 0.10 -28.85
N HIS C 143 -24.01 -1.21 -29.12
CA HIS C 143 -25.01 -1.76 -30.05
C HIS C 143 -26.28 -2.27 -29.36
N GLU C 144 -26.42 -1.99 -28.07
CA GLU C 144 -27.66 -2.28 -27.34
C GLU C 144 -28.08 -3.72 -27.54
N THR C 145 -27.13 -4.64 -27.44
CA THR C 145 -27.34 -6.05 -27.75
C THR C 145 -26.60 -6.93 -26.72
N PRO C 146 -27.24 -8.02 -26.27
CA PRO C 146 -26.54 -8.92 -25.37
C PRO C 146 -25.27 -9.44 -26.06
N LEU C 147 -24.21 -9.69 -25.30
CA LEU C 147 -22.93 -10.08 -25.84
C LEU C 147 -23.06 -11.29 -26.77
N VAL C 148 -23.80 -12.31 -26.33
CA VAL C 148 -23.99 -13.51 -27.10
C VAL C 148 -24.48 -13.21 -28.53
N LYS C 149 -25.37 -12.28 -28.68
CA LYS C 149 -25.80 -11.91 -29.99
C LYS C 149 -24.79 -11.12 -30.78
N LEU C 150 -24.03 -10.31 -30.11
CA LEU C 150 -22.96 -9.59 -30.78
C LEU C 150 -21.93 -10.59 -31.33
N LEU C 151 -21.79 -11.76 -30.68
CA LEU C 151 -20.83 -12.77 -31.15
C LEU C 151 -21.41 -13.58 -32.29
N GLY C 152 -22.66 -13.28 -32.67
CA GLY C 152 -23.34 -13.92 -33.80
C GLY C 152 -24.07 -15.19 -33.43
N ALA C 153 -24.27 -15.42 -32.13
CA ALA C 153 -24.95 -16.63 -31.68
C ALA C 153 -26.29 -16.30 -31.03
N ASN C 154 -27.13 -17.33 -30.80
CA ASN C 154 -28.48 -17.18 -30.18
C ASN C 154 -28.32 -17.47 -28.70
N ALA C 155 -29.00 -16.74 -27.84
CA ALA C 155 -29.06 -17.12 -26.41
C ALA C 155 -29.72 -18.50 -26.31
N ARG C 156 -29.23 -19.35 -25.43
CA ARG C 156 -29.91 -20.62 -25.22
C ARG C 156 -29.59 -20.96 -23.77
N PRO C 157 -30.44 -21.72 -23.08
CA PRO C 157 -30.06 -22.14 -21.72
C PRO C 157 -28.84 -23.05 -21.72
N VAL C 158 -27.93 -22.88 -20.75
CA VAL C 158 -26.70 -23.70 -20.69
C VAL C 158 -26.67 -24.53 -19.41
N GLN C 159 -26.56 -25.85 -19.53
CA GLN C 159 -26.55 -26.70 -18.32
C GLN C 159 -25.43 -26.28 -17.36
N ALA C 160 -25.69 -26.31 -16.05
CA ALA C 160 -24.77 -25.82 -15.06
C ALA C 160 -24.65 -26.78 -13.92
N TYR C 161 -23.43 -26.93 -13.40
CA TYR C 161 -23.23 -27.73 -12.22
C TYR C 161 -22.94 -26.80 -11.06
N ASP C 162 -23.37 -27.22 -9.88
CA ASP C 162 -23.16 -26.39 -8.69
C ASP C 162 -21.86 -26.79 -8.08
N SER C 163 -21.00 -25.80 -7.90
CA SER C 163 -19.64 -26.08 -7.54
C SER C 163 -19.39 -25.88 -6.05
N HIS C 164 -19.02 -26.95 -5.37
CA HIS C 164 -18.84 -26.95 -3.93
C HIS C 164 -17.37 -27.07 -3.63
N SER C 165 -16.96 -27.52 -2.46
CA SER C 165 -15.53 -27.50 -2.16
C SER C 165 -15.12 -28.67 -1.32
N LEU C 166 -13.95 -28.62 -0.70
CA LEU C 166 -13.44 -29.71 0.13
C LEU C 166 -14.15 -29.66 1.50
N ASP C 167 -15.38 -30.16 1.51
CA ASP C 167 -16.39 -29.76 2.50
C ASP C 167 -16.58 -30.75 3.66
N GLY C 168 -16.04 -31.96 3.54
CA GLY C 168 -16.24 -33.02 4.55
C GLY C 168 -17.52 -33.77 4.22
N VAL C 169 -17.62 -35.05 4.59
CA VAL C 169 -18.75 -35.87 4.19
C VAL C 169 -20.09 -35.19 4.49
N LYS C 170 -20.25 -34.67 5.71
CA LYS C 170 -21.55 -34.09 6.13
C LYS C 170 -22.02 -32.90 5.27
N LEU C 171 -21.22 -31.84 5.21
CA LEU C 171 -21.61 -30.65 4.43
C LEU C 171 -21.62 -30.95 2.92
N ALA C 172 -20.68 -31.78 2.44
CA ALA C 172 -20.65 -32.09 1.00
C ALA C 172 -22.02 -32.65 0.59
N THR C 173 -22.52 -33.57 1.41
CA THR C 173 -23.77 -34.29 1.10
C THR C 173 -24.96 -33.34 1.15
N GLU C 174 -25.01 -32.48 2.17
CA GLU C 174 -26.04 -31.45 2.27
C GLU C 174 -26.03 -30.51 1.08
N ARG C 175 -24.86 -30.01 0.69
CA ARG C 175 -24.81 -29.05 -0.45
C ARG C 175 -25.32 -29.69 -1.72
N ALA C 176 -24.99 -30.98 -1.87
CA ALA C 176 -25.45 -31.81 -2.99
C ALA C 176 -26.98 -31.91 -3.04
N VAL C 177 -27.57 -32.34 -1.92
CA VAL C 177 -29.03 -32.42 -1.81
C VAL C 177 -29.70 -31.11 -2.17
N THR C 178 -29.29 -30.03 -1.52
CA THR C 178 -29.78 -28.67 -1.81
C THR C 178 -29.65 -28.30 -3.30
N ALA C 179 -28.47 -28.53 -3.88
CA ALA C 179 -28.28 -28.27 -5.31
C ALA C 179 -29.31 -29.08 -6.14
N ALA C 180 -29.50 -30.35 -5.75
CA ALA C 180 -30.43 -31.23 -6.47
C ALA C 180 -31.84 -30.71 -6.26
N GLU C 181 -32.16 -30.29 -5.02
CA GLU C 181 -33.45 -29.64 -4.74
C GLU C 181 -33.72 -28.43 -5.65
N LEU C 182 -32.69 -27.63 -5.91
CA LEU C 182 -32.85 -26.47 -6.79
C LEU C 182 -32.88 -26.82 -8.28
N GLY C 183 -32.79 -28.11 -8.61
CA GLY C 183 -32.89 -28.56 -10.00
C GLY C 183 -31.57 -28.71 -10.80
N PHE C 184 -30.42 -28.53 -10.14
CA PHE C 184 -29.15 -28.87 -10.77
C PHE C 184 -29.04 -30.35 -11.02
N ARG C 185 -28.46 -30.67 -12.18
CA ARG C 185 -28.29 -32.06 -12.61
C ARG C 185 -26.89 -32.62 -12.26
N ALA C 186 -26.03 -31.77 -11.68
CA ALA C 186 -24.67 -32.18 -11.25
C ALA C 186 -24.08 -31.19 -10.29
N VAL C 187 -23.07 -31.63 -9.54
CA VAL C 187 -22.34 -30.81 -8.61
C VAL C 187 -20.89 -31.20 -8.76
N LYS C 188 -19.99 -30.31 -8.36
CA LYS C 188 -18.58 -30.66 -8.24
C LYS C 188 -18.17 -30.53 -6.81
N THR C 189 -17.40 -31.50 -6.32
CA THR C 189 -16.82 -31.41 -5.01
C THR C 189 -15.30 -31.46 -5.15
N LYS C 190 -14.62 -30.75 -4.25
CA LYS C 190 -13.17 -30.68 -4.31
C LYS C 190 -12.66 -31.73 -3.39
N ILE C 191 -11.75 -32.57 -3.88
CA ILE C 191 -11.18 -33.66 -3.10
C ILE C 191 -9.65 -33.59 -2.98
N GLY C 192 -9.05 -34.66 -2.49
CA GLY C 192 -7.64 -34.61 -2.07
C GLY C 192 -7.46 -34.61 -0.56
N TYR C 193 -8.35 -35.30 0.16
CA TYR C 193 -8.23 -35.49 1.60
C TYR C 193 -6.98 -36.28 1.89
N PRO C 194 -6.49 -36.23 3.15
CA PRO C 194 -5.26 -36.97 3.47
C PRO C 194 -5.28 -38.44 3.00
N ALA C 195 -6.44 -39.07 2.96
CA ALA C 195 -6.48 -40.46 2.56
C ALA C 195 -7.48 -40.65 1.45
N LEU C 196 -7.12 -41.53 0.51
CA LEU C 196 -8.02 -41.99 -0.55
C LEU C 196 -9.42 -42.43 -0.01
N ASP C 197 -9.45 -43.27 1.01
CA ASP C 197 -10.75 -43.68 1.61
C ASP C 197 -11.66 -42.48 1.91
N GLN C 198 -11.08 -41.38 2.38
CA GLN C 198 -11.86 -40.16 2.63
C GLN C 198 -12.43 -39.53 1.34
N ASP C 199 -11.68 -39.57 0.24
CA ASP C 199 -12.19 -39.09 -1.06
C ASP C 199 -13.40 -39.93 -1.43
N LEU C 200 -13.25 -41.24 -1.25
CA LEU C 200 -14.29 -42.19 -1.68
C LEU C 200 -15.53 -42.06 -0.79
N ALA C 201 -15.35 -41.92 0.53
CA ALA C 201 -16.51 -41.78 1.45
C ALA C 201 -17.33 -40.52 1.12
N VAL C 202 -16.65 -39.43 0.78
CA VAL C 202 -17.37 -38.22 0.37
C VAL C 202 -18.17 -38.48 -0.91
N VAL C 203 -17.53 -39.11 -1.88
CA VAL C 203 -18.20 -39.33 -3.16
C VAL C 203 -19.36 -40.33 -2.98
N ARG C 204 -19.11 -41.43 -2.27
CA ARG C 204 -20.21 -42.41 -2.01
C ARG C 204 -21.41 -41.78 -1.29
N SER C 205 -21.12 -40.92 -0.31
CA SER C 205 -22.17 -40.27 0.45
C SER C 205 -23.01 -39.27 -0.42
N ILE C 206 -22.33 -38.53 -1.29
CA ILE C 206 -23.03 -37.69 -2.28
C ILE C 206 -23.89 -38.56 -3.17
N ARG C 207 -23.31 -39.66 -3.66
CA ARG C 207 -23.99 -40.62 -4.55
C ARG C 207 -25.29 -41.27 -3.98
N GLN C 208 -25.20 -41.86 -2.77
CA GLN C 208 -26.40 -42.35 -2.04
C GLN C 208 -27.50 -41.28 -2.03
N ALA C 209 -27.14 -40.02 -1.78
CA ALA C 209 -28.15 -38.94 -1.63
C ALA C 209 -28.70 -38.30 -2.90
N VAL C 210 -28.01 -38.44 -4.03
CA VAL C 210 -28.49 -37.81 -5.26
C VAL C 210 -29.06 -38.86 -6.21
N GLY C 211 -28.70 -40.12 -5.99
CA GLY C 211 -29.02 -41.20 -6.94
C GLY C 211 -28.07 -41.29 -8.13
N ASP C 212 -28.28 -42.32 -8.94
CA ASP C 212 -27.41 -42.64 -10.07
C ASP C 212 -27.50 -41.69 -11.29
N ASP C 213 -28.62 -41.00 -11.45
CA ASP C 213 -28.77 -40.13 -12.61
C ASP C 213 -28.41 -38.69 -12.24
N PHE C 214 -27.12 -38.48 -11.96
CA PHE C 214 -26.67 -37.21 -11.44
C PHE C 214 -25.15 -37.16 -11.57
N GLY C 215 -24.63 -36.05 -12.06
CA GLY C 215 -23.19 -35.89 -12.19
C GLY C 215 -22.48 -35.48 -10.90
N ILE C 216 -21.39 -36.17 -10.61
CA ILE C 216 -20.51 -35.81 -9.53
C ILE C 216 -19.14 -35.53 -10.17
N MET C 217 -18.79 -34.28 -10.43
CA MET C 217 -17.41 -33.94 -10.85
C MET C 217 -16.51 -33.80 -9.60
N VAL C 218 -15.27 -34.25 -9.70
CA VAL C 218 -14.33 -34.14 -8.61
C VAL C 218 -13.08 -33.36 -9.08
N ASP C 219 -12.49 -32.62 -8.14
CA ASP C 219 -11.40 -31.71 -8.44
C ASP C 219 -10.30 -31.89 -7.40
N TYR C 220 -9.10 -32.27 -7.85
CA TYR C 220 -7.97 -32.48 -6.93
C TYR C 220 -7.14 -31.26 -6.66
N ASN C 221 -7.38 -30.20 -7.43
CA ASN C 221 -6.63 -28.96 -7.30
C ASN C 221 -5.12 -29.20 -7.26
N GLN C 222 -4.62 -30.01 -8.19
CA GLN C 222 -3.18 -30.08 -8.41
C GLN C 222 -2.45 -30.76 -7.29
N SER C 223 -3.17 -31.44 -6.39
CA SER C 223 -2.54 -31.92 -5.15
C SER C 223 -1.78 -33.23 -5.23
N LEU C 224 -1.94 -34.02 -6.28
CA LEU C 224 -1.32 -35.33 -6.34
C LEU C 224 -0.14 -35.33 -7.31
N ASP C 225 0.83 -36.21 -7.07
CA ASP C 225 1.87 -36.46 -8.05
C ASP C 225 1.29 -37.51 -9.01
N VAL C 226 1.97 -37.77 -10.13
CA VAL C 226 1.39 -38.59 -11.18
C VAL C 226 1.01 -40.02 -10.71
N PRO C 227 1.88 -40.70 -9.95
CA PRO C 227 1.44 -42.06 -9.53
C PRO C 227 0.24 -42.07 -8.55
N ALA C 228 0.26 -41.19 -7.56
CA ALA C 228 -0.85 -41.00 -6.65
C ALA C 228 -2.12 -40.68 -7.43
N ALA C 229 -1.99 -39.80 -8.41
CA ALA C 229 -3.14 -39.45 -9.25
C ALA C 229 -3.71 -40.64 -10.03
N ILE C 230 -2.84 -41.55 -10.49
CA ILE C 230 -3.29 -42.70 -11.25
C ILE C 230 -4.01 -43.64 -10.27
N LYS C 231 -3.49 -43.81 -9.06
CA LYS C 231 -4.08 -44.74 -8.07
C LYS C 231 -5.44 -44.23 -7.62
N ARG C 232 -5.48 -42.99 -7.17
CA ARG C 232 -6.71 -42.36 -6.69
C ARG C 232 -7.73 -42.32 -7.78
N SER C 233 -7.29 -41.90 -8.98
CA SER C 233 -8.22 -41.74 -10.08
C SER C 233 -8.83 -43.03 -10.52
N GLN C 234 -8.07 -44.13 -10.54
CA GLN C 234 -8.66 -45.40 -10.95
C GLN C 234 -9.69 -45.90 -9.91
N ALA C 235 -9.51 -45.54 -8.63
CA ALA C 235 -10.46 -45.94 -7.63
C ALA C 235 -11.70 -45.05 -7.76
N LEU C 236 -11.50 -43.77 -8.09
CA LEU C 236 -12.69 -42.90 -8.24
C LEU C 236 -13.49 -43.27 -9.45
N GLN C 237 -12.79 -43.73 -10.47
CA GLN C 237 -13.47 -44.10 -11.70
C GLN C 237 -14.38 -45.33 -11.50
N GLN C 238 -13.98 -46.22 -10.63
CA GLN C 238 -14.74 -47.36 -10.22
C GLN C 238 -16.02 -46.87 -9.56
N GLU C 239 -15.93 -45.81 -8.79
CA GLU C 239 -17.09 -45.16 -8.12
C GLU C 239 -18.09 -44.51 -9.05
N GLY C 240 -17.68 -44.19 -10.27
CA GLY C 240 -18.50 -43.38 -11.17
C GLY C 240 -18.38 -41.94 -10.71
N VAL C 241 -17.49 -41.19 -11.36
CA VAL C 241 -17.47 -39.73 -11.26
C VAL C 241 -17.53 -39.20 -12.70
N THR C 242 -17.93 -37.96 -12.87
CA THR C 242 -18.18 -37.43 -14.20
C THR C 242 -16.84 -36.99 -14.86
N TRP C 243 -15.91 -36.52 -14.03
CA TRP C 243 -14.60 -36.16 -14.52
C TRP C 243 -13.73 -35.92 -13.36
N ILE C 244 -12.43 -36.05 -13.60
CA ILE C 244 -11.39 -35.80 -12.63
C ILE C 244 -10.57 -34.59 -13.06
N GLU C 245 -10.61 -33.54 -12.24
CA GLU C 245 -10.12 -32.24 -12.58
C GLU C 245 -8.77 -31.94 -11.90
N GLU C 246 -7.85 -31.37 -12.69
CA GLU C 246 -6.51 -31.00 -12.25
C GLU C 246 -5.92 -31.98 -11.26
N PRO C 247 -5.71 -33.22 -11.69
CA PRO C 247 -5.13 -34.20 -10.77
C PRO C 247 -3.70 -33.85 -10.30
N THR C 248 -2.91 -33.16 -11.13
CA THR C 248 -1.55 -32.88 -10.76
C THR C 248 -1.18 -31.39 -11.05
N LEU C 249 0.06 -31.02 -10.77
CA LEU C 249 0.54 -29.66 -11.11
C LEU C 249 0.02 -29.15 -12.42
N GLN C 250 -0.63 -27.99 -12.38
CA GLN C 250 -1.37 -27.47 -13.53
C GLN C 250 -0.51 -27.33 -14.82
N HIS C 251 0.74 -26.86 -14.68
CA HIS C 251 1.57 -26.62 -15.88
C HIS C 251 2.08 -27.95 -16.42
N ASP C 252 1.86 -29.05 -15.70
CA ASP C 252 2.50 -30.29 -16.12
C ASP C 252 1.59 -31.06 -17.05
N TYR C 253 1.60 -30.63 -18.31
CA TYR C 253 0.74 -31.21 -19.33
C TYR C 253 1.16 -32.65 -19.67
N GLU C 254 2.45 -32.91 -19.73
CA GLU C 254 2.95 -34.31 -19.96
C GLU C 254 2.42 -35.26 -18.83
N GLY C 255 2.43 -34.77 -17.60
CA GLY C 255 1.99 -35.54 -16.46
C GLY C 255 0.51 -35.80 -16.49
N HIS C 256 -0.27 -34.80 -16.85
CA HIS C 256 -1.69 -35.01 -17.11
C HIS C 256 -1.96 -36.04 -18.16
N GLN C 257 -1.20 -35.95 -19.27
CA GLN C 257 -1.31 -36.94 -20.31
C GLN C 257 -1.02 -38.33 -19.74
N ARG C 258 0.01 -38.46 -18.88
CA ARG C 258 0.34 -39.80 -18.35
C ARG C 258 -0.85 -40.37 -17.49
N ILE C 259 -1.43 -39.53 -16.63
CA ILE C 259 -2.64 -39.86 -15.87
C ILE C 259 -3.79 -40.16 -16.76
N GLN C 260 -4.07 -39.31 -17.75
CA GLN C 260 -5.16 -39.57 -18.70
C GLN C 260 -5.00 -40.93 -19.41
N SER C 261 -3.75 -41.30 -19.72
CA SER C 261 -3.51 -42.55 -20.42
C SER C 261 -3.96 -43.77 -19.61
N LYS C 262 -4.09 -43.62 -18.30
CA LYS C 262 -4.45 -44.80 -17.48
C LYS C 262 -5.93 -44.80 -17.11
N LEU C 263 -6.73 -43.98 -17.78
CA LEU C 263 -8.09 -43.71 -17.36
C LEU C 263 -9.05 -43.75 -18.53
N ASN C 264 -10.30 -44.19 -18.23
CA ASN C 264 -11.43 -44.11 -19.18
C ASN C 264 -12.24 -42.85 -18.93
N VAL C 265 -12.49 -42.55 -17.64
CA VAL C 265 -13.09 -41.27 -17.24
C VAL C 265 -12.21 -40.10 -17.72
N PRO C 266 -12.81 -38.97 -18.10
CA PRO C 266 -11.95 -37.91 -18.67
C PRO C 266 -11.23 -37.09 -17.62
N VAL C 267 -9.99 -36.70 -17.96
CA VAL C 267 -9.27 -35.78 -17.16
C VAL C 267 -9.74 -34.42 -17.64
N GLN C 268 -9.92 -33.48 -16.71
CA GLN C 268 -10.45 -32.16 -16.95
C GLN C 268 -9.40 -31.16 -16.48
N MET C 269 -9.19 -30.07 -17.22
CA MET C 269 -8.29 -29.00 -16.77
C MET C 269 -8.56 -27.79 -17.59
N GLY C 270 -7.82 -26.69 -17.32
CA GLY C 270 -7.91 -25.53 -18.20
C GLY C 270 -8.07 -24.24 -17.42
N GLU C 271 -8.54 -24.33 -16.17
CA GLU C 271 -8.78 -23.08 -15.42
C GLU C 271 -7.53 -22.26 -15.27
N ASN C 272 -6.37 -22.92 -15.34
CA ASN C 272 -5.11 -22.25 -15.14
C ASN C 272 -4.37 -21.93 -16.42
N TRP C 273 -4.96 -22.17 -17.58
CA TRP C 273 -4.26 -21.84 -18.86
C TRP C 273 -4.20 -20.37 -19.02
N LEU C 274 -3.03 -19.78 -19.12
CA LEU C 274 -2.92 -18.35 -19.32
C LEU C 274 -2.77 -18.06 -20.79
N GLY C 275 -3.92 -17.81 -21.41
CA GLY C 275 -3.97 -17.56 -22.86
C GLY C 275 -4.27 -18.85 -23.66
N PRO C 276 -4.86 -18.70 -24.86
CA PRO C 276 -5.08 -19.89 -25.68
C PRO C 276 -3.77 -20.60 -26.13
N GLU C 277 -2.63 -19.96 -25.95
CA GLU C 277 -1.41 -20.61 -26.35
C GLU C 277 -1.03 -21.64 -25.33
N GLU C 278 -1.54 -21.50 -24.12
CA GLU C 278 -1.25 -22.54 -23.14
C GLU C 278 -2.19 -23.73 -23.36
N MET C 279 -3.45 -23.42 -23.61
CA MET C 279 -4.40 -24.41 -23.96
C MET C 279 -3.90 -25.23 -25.17
N PHE C 280 -3.37 -24.53 -26.19
CA PHE C 280 -2.88 -25.21 -27.39
C PHE C 280 -1.80 -26.18 -27.06
N LYS C 281 -0.83 -25.79 -26.22
CA LYS C 281 0.24 -26.72 -25.81
C LYS C 281 -0.32 -27.92 -25.08
N ALA C 282 -1.30 -27.74 -24.18
CA ALA C 282 -1.80 -28.86 -23.39
C ALA C 282 -2.53 -29.87 -24.31
N LEU C 283 -3.37 -29.36 -25.21
CA LEU C 283 -4.13 -30.23 -26.11
C LEU C 283 -3.25 -30.92 -27.15
N SER C 284 -2.20 -30.25 -27.66
CA SER C 284 -1.26 -30.82 -28.57
C SER C 284 -0.59 -32.11 -28.08
N ILE C 285 -0.35 -32.22 -26.79
CA ILE C 285 0.24 -33.42 -26.28
C ILE C 285 -0.77 -34.32 -25.54
N GLY C 286 -2.05 -34.03 -25.69
CA GLY C 286 -3.08 -34.91 -25.16
C GLY C 286 -3.19 -34.91 -23.64
N ALA C 287 -3.08 -33.75 -23.00
CA ALA C 287 -3.12 -33.68 -21.53
C ALA C 287 -4.46 -34.12 -20.96
N CYS C 288 -5.53 -33.91 -21.71
CA CYS C 288 -6.84 -34.02 -21.15
C CYS C 288 -7.85 -34.33 -22.23
N ARG C 289 -9.02 -34.80 -21.83
CA ARG C 289 -10.10 -35.07 -22.79
C ARG C 289 -11.27 -34.09 -22.65
N LEU C 290 -11.16 -33.17 -21.69
CA LEU C 290 -12.16 -32.09 -21.48
C LEU C 290 -11.36 -30.84 -21.17
N ALA C 291 -11.93 -29.69 -21.47
CA ALA C 291 -11.28 -28.45 -21.13
C ALA C 291 -12.28 -27.49 -20.46
N MET C 292 -11.78 -26.64 -19.57
CA MET C 292 -12.61 -25.62 -18.97
C MET C 292 -11.77 -24.34 -18.81
N PRO C 293 -11.55 -23.58 -19.90
CA PRO C 293 -10.91 -22.29 -19.73
C PRO C 293 -11.65 -21.39 -18.71
N ASP C 294 -10.90 -20.43 -18.17
CA ASP C 294 -11.34 -19.43 -17.22
C ASP C 294 -11.40 -18.11 -17.99
N ALA C 295 -12.58 -17.50 -18.02
CA ALA C 295 -12.75 -16.32 -18.85
C ALA C 295 -11.62 -15.28 -18.66
N MET C 296 -11.11 -15.16 -17.44
CA MET C 296 -10.04 -14.21 -17.13
C MET C 296 -8.72 -14.74 -17.62
N LYS C 297 -8.31 -15.92 -17.17
CA LYS C 297 -6.97 -16.42 -17.56
C LYS C 297 -6.79 -16.72 -19.04
N ILE C 298 -7.86 -17.13 -19.70
CA ILE C 298 -7.74 -17.47 -21.10
C ILE C 298 -7.58 -16.22 -21.96
N GLY C 299 -7.77 -15.03 -21.38
CA GLY C 299 -7.65 -13.77 -22.15
C GLY C 299 -8.99 -13.09 -22.44
N GLY C 300 -9.98 -13.27 -21.56
CA GLY C 300 -11.27 -12.56 -21.75
C GLY C 300 -12.08 -13.14 -22.90
N VAL C 301 -13.00 -12.34 -23.42
CA VAL C 301 -13.84 -12.78 -24.55
C VAL C 301 -12.95 -13.09 -25.78
N THR C 302 -12.01 -12.19 -26.06
CA THR C 302 -11.09 -12.41 -27.19
C THR C 302 -10.33 -13.74 -27.07
N GLY C 303 -9.65 -13.99 -25.96
CA GLY C 303 -9.04 -15.29 -25.79
C GLY C 303 -10.04 -16.44 -25.76
N TRP C 304 -11.23 -16.23 -25.23
CA TRP C 304 -12.21 -17.36 -25.13
C TRP C 304 -12.62 -17.88 -26.49
N ILE C 305 -12.89 -16.93 -27.37
CA ILE C 305 -13.30 -17.24 -28.74
C ILE C 305 -12.22 -18.03 -29.50
N ARG C 306 -10.95 -17.61 -29.38
CA ARG C 306 -9.82 -18.44 -29.86
C ARG C 306 -9.80 -19.82 -29.21
N ALA C 307 -9.89 -19.88 -27.89
CA ALA C 307 -9.98 -21.16 -27.17
C ALA C 307 -11.07 -22.09 -27.73
N SER C 308 -12.25 -21.55 -27.97
CA SER C 308 -13.35 -22.34 -28.55
C SER C 308 -13.04 -22.93 -29.91
N ALA C 309 -12.32 -22.18 -30.76
CA ALA C 309 -11.85 -22.65 -32.04
C ALA C 309 -10.93 -23.85 -31.86
N LEU C 310 -9.94 -23.76 -30.97
CA LEU C 310 -9.11 -24.92 -30.58
C LEU C 310 -9.90 -26.14 -30.05
N ALA C 311 -10.76 -25.96 -29.04
CA ALA C 311 -11.48 -27.13 -28.49
C ALA C 311 -12.24 -27.88 -29.58
N GLN C 312 -12.78 -27.11 -30.52
CA GLN C 312 -13.56 -27.67 -31.61
C GLN C 312 -12.72 -28.53 -32.50
N GLN C 313 -11.57 -27.99 -32.95
CA GLN C 313 -10.70 -28.81 -33.82
C GLN C 313 -10.11 -29.98 -33.06
N PHE C 314 -9.73 -29.76 -31.81
CA PHE C 314 -9.17 -30.87 -31.06
C PHE C 314 -10.25 -31.87 -30.55
N GLY C 315 -11.56 -31.60 -30.76
CA GLY C 315 -12.62 -32.56 -30.27
C GLY C 315 -12.76 -32.57 -28.77
N ILE C 316 -12.72 -31.39 -28.13
CA ILE C 316 -12.69 -31.31 -26.73
C ILE C 316 -13.90 -30.53 -26.27
N PRO C 317 -14.87 -31.22 -25.60
CA PRO C 317 -15.99 -30.55 -24.93
C PRO C 317 -15.52 -29.48 -23.98
N MET C 318 -16.03 -28.26 -24.12
CA MET C 318 -15.45 -27.11 -23.43
C MET C 318 -16.42 -26.50 -22.39
N SER C 319 -16.03 -26.48 -21.12
CA SER C 319 -16.82 -25.86 -20.07
C SER C 319 -16.18 -24.53 -19.63
N SER C 320 -16.82 -23.86 -18.68
CA SER C 320 -16.29 -22.65 -18.10
C SER C 320 -15.74 -22.89 -16.69
N HIS C 321 -14.96 -21.93 -16.24
CA HIS C 321 -14.45 -21.91 -14.86
C HIS C 321 -14.70 -20.52 -14.34
N LEU C 322 -15.52 -20.49 -13.30
CA LEU C 322 -15.91 -19.22 -12.68
C LEU C 322 -16.51 -18.22 -13.70
N PHE C 323 -16.56 -16.94 -13.33
CA PHE C 323 -17.02 -15.93 -14.25
C PHE C 323 -18.35 -16.30 -14.88
N GLN C 324 -19.24 -16.82 -14.04
CA GLN C 324 -20.49 -17.38 -14.54
C GLN C 324 -21.31 -16.38 -15.36
N GLU C 325 -21.27 -15.11 -15.01
CA GLU C 325 -22.05 -14.11 -15.72
C GLU C 325 -21.64 -14.02 -17.19
N ILE C 326 -20.35 -13.88 -17.46
CA ILE C 326 -19.96 -13.76 -18.87
C ILE C 326 -19.89 -15.18 -19.54
N SER C 327 -19.63 -16.19 -18.75
CA SER C 327 -19.51 -17.55 -19.32
C SER C 327 -20.81 -18.08 -19.90
N ALA C 328 -21.96 -17.66 -19.35
CA ALA C 328 -23.25 -18.01 -19.96
C ALA C 328 -23.32 -17.50 -21.43
N HIS C 329 -22.92 -16.26 -21.69
CA HIS C 329 -22.85 -15.77 -23.08
C HIS C 329 -21.85 -16.53 -23.90
N LEU C 330 -20.68 -16.77 -23.30
CA LEU C 330 -19.55 -17.25 -24.08
C LEU C 330 -19.83 -18.69 -24.51
N LEU C 331 -20.34 -19.47 -23.60
CA LEU C 331 -20.66 -20.85 -23.87
C LEU C 331 -21.71 -21.02 -24.94
N ALA C 332 -22.69 -20.12 -24.98
CA ALA C 332 -23.68 -20.15 -26.07
C ALA C 332 -23.04 -19.93 -27.47
N ALA C 333 -21.87 -19.28 -27.52
CA ALA C 333 -21.16 -19.13 -28.79
C ALA C 333 -20.07 -20.20 -28.97
N THR C 334 -20.07 -21.25 -28.12
CA THR C 334 -18.95 -22.22 -28.11
C THR C 334 -19.35 -23.54 -28.78
N PRO C 335 -18.73 -23.89 -29.93
CA PRO C 335 -19.20 -25.08 -30.68
C PRO C 335 -19.25 -26.39 -29.88
N THR C 336 -18.30 -26.60 -28.95
CA THR C 336 -18.37 -27.81 -28.10
C THR C 336 -18.78 -27.53 -26.61
N ALA C 337 -19.55 -26.46 -26.40
CA ALA C 337 -19.99 -26.06 -25.08
C ALA C 337 -20.47 -27.29 -24.30
N HIS C 338 -19.98 -27.42 -23.08
CA HIS C 338 -20.23 -28.59 -22.30
C HIS C 338 -20.99 -28.23 -21.01
N TRP C 339 -20.29 -27.73 -19.98
CA TRP C 339 -20.99 -27.21 -18.78
C TRP C 339 -20.59 -25.81 -18.40
N LEU C 340 -21.52 -25.12 -17.73
CA LEU C 340 -21.20 -23.86 -17.02
C LEU C 340 -20.97 -24.18 -15.55
N GLU C 341 -19.88 -23.64 -15.02
CA GLU C 341 -19.64 -23.83 -13.62
C GLU C 341 -20.34 -22.77 -12.82
N ARG C 342 -21.20 -23.20 -11.90
CA ARG C 342 -21.85 -22.25 -10.98
C ARG C 342 -21.09 -22.09 -9.69
N LEU C 343 -20.43 -20.98 -9.56
CA LEU C 343 -19.74 -20.63 -8.32
C LEU C 343 -19.77 -19.12 -8.27
N ASP C 344 -20.65 -18.61 -7.44
CA ASP C 344 -21.06 -17.23 -7.56
C ASP C 344 -20.15 -16.35 -6.73
N LEU C 345 -18.94 -16.11 -7.25
CA LEU C 345 -17.94 -15.37 -6.48
C LEU C 345 -18.36 -13.94 -6.28
N ALA C 346 -19.07 -13.36 -7.23
CA ALA C 346 -19.28 -11.89 -7.23
C ALA C 346 -20.73 -11.48 -6.89
N GLY C 347 -21.54 -12.46 -6.49
CA GLY C 347 -22.97 -12.24 -6.09
C GLY C 347 -23.22 -11.08 -5.12
N SER C 348 -22.30 -10.89 -4.19
CA SER C 348 -22.42 -9.79 -3.22
C SER C 348 -22.35 -8.43 -3.83
N VAL C 349 -21.66 -8.29 -4.97
CA VAL C 349 -21.53 -6.96 -5.58
C VAL C 349 -22.10 -6.84 -6.97
N ILE C 350 -22.75 -7.91 -7.44
CA ILE C 350 -23.38 -7.94 -8.79
C ILE C 350 -24.86 -8.35 -8.73
N GLU C 351 -25.74 -7.54 -9.36
CA GLU C 351 -27.18 -7.84 -9.44
C GLU C 351 -27.44 -9.25 -10.00
N PRO C 352 -28.37 -10.03 -9.39
CA PRO C 352 -28.59 -11.40 -9.87
C PRO C 352 -29.49 -11.51 -11.16
N THR C 353 -29.04 -10.88 -12.24
CA THR C 353 -29.74 -10.92 -13.52
C THR C 353 -29.55 -12.27 -14.26
N LEU C 354 -28.46 -12.97 -13.96
CA LEU C 354 -28.34 -14.34 -14.43
C LEU C 354 -29.17 -15.22 -13.50
N THR C 355 -29.98 -16.10 -14.07
CA THR C 355 -30.83 -16.97 -13.26
C THR C 355 -30.63 -18.40 -13.68
N PHE C 356 -31.15 -19.31 -12.88
CA PHE C 356 -31.06 -20.71 -13.15
C PHE C 356 -32.49 -21.27 -13.17
N GLU C 357 -32.85 -21.92 -14.29
CA GLU C 357 -34.10 -22.64 -14.48
C GLU C 357 -33.83 -24.12 -14.80
N GLY C 358 -34.24 -25.01 -13.89
CA GLY C 358 -34.04 -26.44 -14.08
C GLY C 358 -32.57 -26.81 -14.28
N GLY C 359 -31.71 -26.05 -13.60
CA GLY C 359 -30.30 -26.31 -13.60
C GLY C 359 -29.55 -25.63 -14.74
N ASN C 360 -30.24 -24.91 -15.60
CA ASN C 360 -29.57 -24.24 -16.70
C ASN C 360 -29.46 -22.77 -16.44
N ALA C 361 -28.31 -22.22 -16.80
CA ALA C 361 -28.09 -20.78 -16.75
C ALA C 361 -28.92 -20.13 -17.84
N VAL C 362 -29.59 -19.03 -17.50
CA VAL C 362 -30.38 -18.28 -18.48
C VAL C 362 -29.79 -16.87 -18.64
N ILE C 363 -29.37 -16.53 -19.85
CA ILE C 363 -28.69 -15.26 -20.08
C ILE C 363 -29.75 -14.19 -19.98
N PRO C 364 -29.49 -13.09 -19.25
CA PRO C 364 -30.53 -12.05 -19.16
C PRO C 364 -30.65 -11.19 -20.43
N ASP C 365 -31.84 -10.62 -20.67
CA ASP C 365 -32.07 -9.73 -21.82
C ASP C 365 -31.55 -8.31 -21.59
N LEU C 366 -30.24 -8.17 -21.37
CA LEU C 366 -29.62 -6.88 -21.17
C LEU C 366 -28.47 -6.71 -22.15
N PRO C 367 -28.11 -5.47 -22.48
CA PRO C 367 -27.02 -5.29 -23.43
C PRO C 367 -25.64 -5.68 -22.81
N GLY C 368 -24.64 -5.91 -23.67
CA GLY C 368 -23.39 -6.49 -23.22
C GLY C 368 -23.59 -7.73 -22.33
N VAL C 369 -22.92 -7.76 -21.19
CA VAL C 369 -22.87 -8.94 -20.35
C VAL C 369 -24.04 -9.08 -19.35
N GLY C 370 -24.68 -7.97 -19.04
CA GLY C 370 -25.77 -7.98 -18.03
C GLY C 370 -25.27 -7.92 -16.60
N ILE C 371 -24.10 -7.34 -16.44
CA ILE C 371 -23.48 -7.13 -15.14
C ILE C 371 -23.88 -5.73 -14.73
N ILE C 372 -24.59 -5.66 -13.60
CA ILE C 372 -24.93 -4.39 -12.94
C ILE C 372 -24.41 -4.42 -11.49
N TRP C 373 -23.59 -3.42 -11.14
CA TRP C 373 -23.02 -3.29 -9.79
C TRP C 373 -24.09 -3.01 -8.74
N ARG C 374 -24.05 -3.74 -7.63
CA ARG C 374 -24.79 -3.33 -6.44
C ARG C 374 -23.92 -2.31 -5.68
N GLU C 375 -24.02 -1.06 -6.12
CA GLU C 375 -23.21 0.03 -5.62
C GLU C 375 -23.40 0.27 -4.13
N LYS C 376 -24.61 0.01 -3.64
CA LYS C 376 -24.86 0.18 -2.21
C LYS C 376 -23.99 -0.82 -1.42
N GLU C 377 -23.73 -1.99 -1.99
CA GLU C 377 -22.96 -3.04 -1.31
C GLU C 377 -21.42 -2.98 -1.45
N ILE C 378 -20.93 -2.34 -2.50
CA ILE C 378 -19.51 -2.34 -2.75
C ILE C 378 -18.76 -1.68 -1.59
N GLY C 379 -19.34 -0.59 -1.05
CA GLY C 379 -18.89 0.02 0.21
C GLY C 379 -18.51 -0.96 1.33
N LYS C 380 -19.29 -1.96 1.68
CA LYS C 380 -18.90 -2.81 2.77
C LYS C 380 -17.58 -3.51 2.60
N TYR C 381 -17.17 -3.68 1.37
CA TYR C 381 -16.04 -4.62 1.11
C TYR C 381 -14.75 -4.03 0.57
N LEU C 382 -14.72 -2.73 0.32
CA LEU C 382 -13.49 -2.06 -0.18
C LEU C 382 -12.27 -2.40 0.67
N VAL C 383 -11.20 -2.72 -0.03
CA VAL C 383 -9.90 -2.88 0.56
C VAL C 383 -9.21 -1.56 0.23
N GLU D 27 -34.09 15.79 4.23
CA GLU D 27 -34.15 15.99 2.76
C GLU D 27 -32.81 15.57 2.11
N VAL D 28 -31.88 16.50 1.81
CA VAL D 28 -30.62 16.13 1.08
C VAL D 28 -29.66 15.23 1.87
N LEU D 29 -29.23 14.13 1.25
CA LEU D 29 -28.36 13.16 1.92
C LEU D 29 -27.05 12.99 1.18
N ILE D 30 -26.02 12.63 1.93
CA ILE D 30 -24.75 12.22 1.34
C ILE D 30 -24.94 10.76 0.91
N THR D 31 -24.52 10.46 -0.32
CA THR D 31 -24.70 9.10 -0.84
C THR D 31 -23.39 8.35 -1.12
N GLY D 32 -22.26 9.06 -1.11
CA GLY D 32 -20.96 8.42 -1.32
C GLY D 32 -19.78 9.37 -1.26
N LEU D 33 -18.62 8.77 -1.01
CA LEU D 33 -17.36 9.45 -0.97
C LEU D 33 -16.35 8.75 -1.87
N ARG D 34 -15.66 9.52 -2.71
CA ARG D 34 -14.57 8.99 -3.54
C ARG D 34 -13.37 9.92 -3.39
N THR D 35 -12.19 9.32 -3.24
CA THR D 35 -11.00 10.10 -3.07
C THR D 35 -10.04 9.62 -4.13
N ARG D 36 -9.08 10.44 -4.50
CA ARG D 36 -8.03 10.04 -5.44
C ARG D 36 -6.72 10.68 -5.01
N ALA D 37 -5.64 9.91 -4.86
CA ALA D 37 -4.38 10.49 -4.43
C ALA D 37 -3.54 10.90 -5.61
N VAL D 38 -3.07 12.13 -5.65
CA VAL D 38 -2.18 12.55 -6.73
C VAL D 38 -0.92 13.14 -6.13
N ASN D 39 0.12 13.18 -6.95
CA ASN D 39 1.38 13.75 -6.57
C ASN D 39 1.72 14.63 -7.73
N VAL D 40 1.52 15.93 -7.57
CA VAL D 40 1.50 16.81 -8.74
C VAL D 40 2.71 17.68 -8.77
N PRO D 41 3.09 18.16 -9.97
CA PRO D 41 4.40 18.77 -10.11
C PRO D 41 4.33 20.24 -9.78
N LEU D 42 5.41 20.76 -9.23
CA LEU D 42 5.38 22.19 -9.01
C LEU D 42 6.39 22.83 -9.94
N ALA D 43 5.94 23.83 -10.70
CA ALA D 43 6.83 24.68 -11.51
C ALA D 43 7.98 25.15 -10.63
N TYR D 44 7.64 25.52 -9.39
CA TYR D 44 8.67 25.90 -8.43
C TYR D 44 8.54 25.12 -7.15
N PRO D 45 9.52 24.25 -6.87
CA PRO D 45 9.42 23.41 -5.66
C PRO D 45 9.47 24.30 -4.43
N VAL D 46 8.64 24.00 -3.41
CA VAL D 46 8.63 24.84 -2.19
C VAL D 46 9.76 24.43 -1.23
N HIS D 47 10.89 25.13 -1.36
CA HIS D 47 12.02 25.02 -0.43
C HIS D 47 11.75 25.83 0.81
N THR D 48 11.99 25.20 1.96
CA THR D 48 11.87 25.85 3.26
C THR D 48 13.13 25.49 4.00
N ALA D 49 13.37 26.18 5.10
CA ALA D 49 14.56 26.00 5.89
C ALA D 49 14.56 24.64 6.59
N VAL D 50 13.41 23.96 6.66
CA VAL D 50 13.37 22.63 7.27
C VAL D 50 13.11 21.53 6.23
N GLY D 51 13.32 21.83 4.95
CA GLY D 51 13.12 20.81 3.91
C GLY D 51 12.25 21.26 2.77
N THR D 52 12.25 20.44 1.71
CA THR D 52 11.62 20.82 0.47
C THR D 52 10.41 19.97 0.16
N VAL D 53 9.37 20.64 -0.32
CA VAL D 53 8.20 20.02 -0.90
C VAL D 53 8.27 20.26 -2.43
N GLY D 54 8.75 19.24 -3.15
CA GLY D 54 9.06 19.36 -4.59
C GLY D 54 7.87 19.06 -5.45
N THR D 55 6.96 18.24 -4.92
CA THR D 55 5.71 17.93 -5.59
C THR D 55 4.60 18.17 -4.58
N ALA D 56 3.35 18.27 -5.05
CA ALA D 56 2.20 18.41 -4.17
C ALA D 56 1.45 17.10 -3.95
N PRO D 57 1.59 16.49 -2.78
CA PRO D 57 0.76 15.30 -2.62
C PRO D 57 -0.65 15.68 -2.14
N LEU D 58 -1.67 15.43 -2.97
CA LEU D 58 -3.06 15.87 -2.75
C LEU D 58 -4.07 14.74 -2.66
N VAL D 59 -5.06 14.82 -1.78
CA VAL D 59 -6.20 13.93 -1.89
C VAL D 59 -7.41 14.70 -2.48
N LEU D 60 -7.95 14.22 -3.61
CA LEU D 60 -9.07 14.90 -4.28
C LEU D 60 -10.33 14.24 -3.84
N ILE D 61 -11.29 15.04 -3.38
CA ILE D 61 -12.46 14.46 -2.72
C ILE D 61 -13.72 14.77 -3.52
N ASP D 62 -14.53 13.76 -3.78
CA ASP D 62 -15.85 13.95 -4.40
C ASP D 62 -16.86 13.40 -3.40
N LEU D 63 -17.80 14.26 -3.02
CA LEU D 63 -18.86 13.90 -2.10
C LEU D 63 -20.16 13.90 -2.88
N ALA D 64 -20.74 12.71 -3.01
CA ALA D 64 -21.96 12.52 -3.78
C ALA D 64 -23.16 12.70 -2.88
N THR D 65 -24.22 13.27 -3.46
CA THR D 65 -25.45 13.61 -2.73
C THR D 65 -26.69 13.10 -3.45
N SER D 66 -27.80 12.98 -2.72
CA SER D 66 -29.08 12.55 -3.28
C SER D 66 -29.79 13.67 -4.06
N ALA D 67 -29.21 14.87 -4.10
CA ALA D 67 -29.75 15.94 -4.91
C ALA D 67 -29.06 15.90 -6.26
N GLY D 68 -28.18 14.93 -6.43
CA GLY D 68 -27.52 14.75 -7.71
C GLY D 68 -26.36 15.70 -7.97
N VAL D 69 -25.99 16.52 -6.99
CA VAL D 69 -24.78 17.32 -7.11
C VAL D 69 -23.62 16.65 -6.38
N VAL D 70 -22.41 17.05 -6.78
CA VAL D 70 -21.19 16.46 -6.28
C VAL D 70 -20.27 17.55 -5.74
N GLY D 71 -19.96 17.45 -4.44
CA GLY D 71 -19.03 18.37 -3.79
C GLY D 71 -17.60 17.97 -4.03
N HIS D 72 -16.74 18.98 -4.27
CA HIS D 72 -15.30 18.81 -4.47
C HIS D 72 -14.53 19.57 -3.43
N SER D 73 -13.46 18.95 -2.90
CA SER D 73 -12.44 19.64 -2.11
C SER D 73 -11.18 18.84 -2.29
N TYR D 74 -10.12 19.27 -1.65
CA TYR D 74 -8.90 18.50 -1.64
C TYR D 74 -8.10 18.75 -0.38
N LEU D 75 -7.22 17.81 -0.05
CA LEU D 75 -6.37 17.92 1.13
C LEU D 75 -4.97 17.95 0.62
N PHE D 76 -4.10 18.64 1.34
CA PHE D 76 -2.69 18.68 1.08
C PHE D 76 -2.01 17.86 2.18
N ALA D 77 -1.26 16.82 1.79
CA ALA D 77 -0.61 15.89 2.75
C ALA D 77 0.88 16.19 3.07
N TYR D 78 1.37 17.27 2.45
CA TYR D 78 2.69 17.87 2.73
C TYR D 78 3.87 17.04 2.25
N THR D 79 3.86 15.76 2.59
CA THR D 79 4.88 14.78 2.20
C THR D 79 4.19 13.53 1.64
N PRO D 80 4.77 12.92 0.61
CA PRO D 80 4.20 11.67 0.06
C PRO D 80 4.07 10.59 1.11
N VAL D 81 4.92 10.65 2.13
CA VAL D 81 4.90 9.67 3.21
C VAL D 81 3.51 9.59 3.91
N ALA D 82 2.78 10.68 3.92
CA ALA D 82 1.46 10.68 4.62
C ALA D 82 0.29 10.47 3.66
N LEU D 83 0.59 10.44 2.36
CA LEU D 83 -0.45 10.51 1.34
C LEU D 83 -1.39 9.31 1.30
N LYS D 84 -0.88 8.09 1.22
CA LYS D 84 -1.78 6.96 1.09
C LYS D 84 -2.54 6.76 2.40
N SER D 85 -1.91 7.07 3.53
CA SER D 85 -2.54 6.94 4.85
C SER D 85 -3.79 7.83 4.93
N LEU D 86 -3.66 9.03 4.35
CA LEU D 86 -4.70 10.07 4.41
C LEU D 86 -5.87 9.64 3.53
N LYS D 87 -5.56 9.25 2.29
CA LYS D 87 -6.59 8.67 1.42
C LYS D 87 -7.33 7.46 2.04
N GLN D 88 -6.57 6.53 2.61
CA GLN D 88 -7.13 5.33 3.19
C GLN D 88 -8.08 5.70 4.36
N LEU D 89 -7.68 6.72 5.12
CA LEU D 89 -8.46 7.09 6.30
C LEU D 89 -9.82 7.63 5.84
N LEU D 90 -9.77 8.48 4.82
CA LEU D 90 -11.00 9.03 4.23
C LEU D 90 -11.92 7.97 3.70
N ASP D 91 -11.37 7.00 2.94
CA ASP D 91 -12.16 5.87 2.40
C ASP D 91 -12.80 5.11 3.53
N ASP D 92 -12.07 4.96 4.63
CA ASP D 92 -12.58 4.16 5.72
C ASP D 92 -13.65 4.94 6.49
N MET D 93 -13.66 6.26 6.28
CA MET D 93 -14.62 7.15 6.91
C MET D 93 -15.90 7.24 6.10
N ALA D 94 -15.86 6.81 4.84
CA ALA D 94 -17.04 6.88 3.97
C ALA D 94 -18.29 6.31 4.64
N ALA D 95 -18.19 5.17 5.30
CA ALA D 95 -19.35 4.50 5.86
C ALA D 95 -20.04 5.31 6.97
N MET D 96 -19.25 6.12 7.71
CA MET D 96 -19.75 7.02 8.73
C MET D 96 -20.63 8.15 8.19
N ILE D 97 -20.33 8.66 6.98
CA ILE D 97 -21.06 9.82 6.45
C ILE D 97 -22.16 9.48 5.45
N VAL D 98 -22.09 8.28 4.84
CA VAL D 98 -23.05 7.93 3.80
C VAL D 98 -24.40 7.79 4.49
N ASN D 99 -25.42 8.38 3.86
CA ASN D 99 -26.79 8.40 4.44
C ASN D 99 -26.97 9.42 5.55
N GLU D 100 -25.94 10.24 5.81
CA GLU D 100 -26.11 11.37 6.73
C GLU D 100 -26.61 12.56 5.94
N PRO D 101 -27.42 13.43 6.58
CA PRO D 101 -27.80 14.69 5.91
C PRO D 101 -26.60 15.59 5.49
N LEU D 102 -26.71 16.26 4.36
CA LEU D 102 -25.64 17.11 3.91
C LEU D 102 -25.75 18.40 4.72
N ALA D 103 -25.37 18.35 5.99
CA ALA D 103 -25.49 19.53 6.89
C ALA D 103 -24.11 19.62 7.51
N PRO D 104 -23.20 20.41 6.91
CA PRO D 104 -21.78 20.34 7.30
C PRO D 104 -21.53 20.55 8.79
N VAL D 105 -22.28 21.47 9.42
CA VAL D 105 -22.07 21.77 10.86
C VAL D 105 -22.47 20.58 11.72
N SER D 106 -23.60 19.94 11.41
CA SER D 106 -23.99 18.74 12.18
C SER D 106 -23.05 17.57 11.90
N LEU D 107 -22.56 17.49 10.68
CA LEU D 107 -21.69 16.40 10.31
C LEU D 107 -20.34 16.53 11.08
N GLU D 108 -19.82 17.75 11.16
CA GLU D 108 -18.60 18.04 11.93
C GLU D 108 -18.78 17.65 13.40
N ALA D 109 -19.93 17.96 13.98
CA ALA D 109 -20.11 17.59 15.38
C ALA D 109 -20.16 16.06 15.51
N MET D 110 -20.75 15.37 14.52
CA MET D 110 -20.77 13.90 14.53
C MET D 110 -19.34 13.32 14.45
N LEU D 111 -18.51 13.89 13.59
CA LEU D 111 -17.12 13.47 13.47
C LEU D 111 -16.27 13.77 14.74
N ALA D 112 -16.44 14.93 15.38
CA ALA D 112 -15.74 15.25 16.61
C ALA D 112 -16.03 14.19 17.67
N LYS D 113 -17.28 13.77 17.74
CA LYS D 113 -17.71 12.78 18.70
C LYS D 113 -17.19 11.41 18.35
N ARG D 114 -17.33 11.02 17.11
CA ARG D 114 -16.87 9.69 16.73
CA ARG D 114 -16.85 9.74 16.61
C ARG D 114 -15.36 9.53 16.91
N PHE D 115 -14.58 10.62 16.74
CA PHE D 115 -13.12 10.59 16.98
C PHE D 115 -12.62 11.10 18.34
N CYS D 116 -13.55 11.24 19.27
CA CYS D 116 -13.34 11.70 20.64
C CYS D 116 -12.16 10.98 21.29
N LEU D 117 -12.24 9.65 21.20
CA LEU D 117 -11.33 8.77 21.91
C LEU D 117 -10.02 8.67 21.19
N ALA D 118 -10.08 8.50 19.88
CA ALA D 118 -8.86 8.34 19.10
C ALA D 118 -8.01 9.58 19.03
N GLY D 119 -8.64 10.75 19.12
CA GLY D 119 -7.89 12.03 19.02
C GLY D 119 -8.28 12.80 17.76
N TYR D 120 -9.14 13.79 17.95
CA TYR D 120 -9.67 14.57 16.84
C TYR D 120 -8.71 15.67 16.40
N THR D 121 -7.56 15.22 15.87
CA THR D 121 -6.53 16.16 15.53
C THR D 121 -5.77 15.51 14.40
N GLY D 122 -4.77 16.20 13.85
CA GLY D 122 -3.82 15.59 12.93
C GLY D 122 -4.49 15.12 11.66
N LEU D 123 -4.10 13.94 11.20
CA LEU D 123 -4.66 13.40 9.94
C LEU D 123 -6.15 13.24 9.99
N ILE D 124 -6.66 12.78 11.12
CA ILE D 124 -8.07 12.53 11.27
C ILE D 124 -8.80 13.87 11.14
N ARG D 125 -8.27 14.92 11.79
CA ARG D 125 -8.94 16.22 11.69
C ARG D 125 -8.85 16.78 10.25
N MET D 126 -7.73 16.54 9.57
CA MET D 126 -7.56 17.05 8.20
C MET D 126 -8.58 16.38 7.32
N ALA D 127 -8.76 15.07 7.49
CA ALA D 127 -9.74 14.32 6.74
C ALA D 127 -11.16 14.82 7.00
N ALA D 128 -11.54 15.00 8.28
CA ALA D 128 -12.81 15.69 8.64
C ALA D 128 -12.96 17.04 7.95
N ALA D 129 -11.90 17.85 7.94
CA ALA D 129 -11.92 19.10 7.15
C ALA D 129 -12.17 18.90 5.63
N GLY D 130 -11.57 17.86 5.05
CA GLY D 130 -11.79 17.63 3.60
C GLY D 130 -13.26 17.34 3.31
N ILE D 131 -13.87 16.50 4.15
CA ILE D 131 -15.28 16.22 4.08
C ILE D 131 -16.10 17.50 4.21
N ASP D 132 -15.79 18.29 5.24
CA ASP D 132 -16.48 19.55 5.48
C ASP D 132 -16.47 20.43 4.22
N MET D 133 -15.30 20.66 3.61
CA MET D 133 -15.18 21.60 2.45
C MET D 133 -15.94 21.09 1.20
N ALA D 134 -15.96 19.79 1.01
CA ALA D 134 -16.77 19.18 -0.05
C ALA D 134 -18.25 19.32 0.29
N ALA D 135 -18.61 19.14 1.57
CA ALA D 135 -20.00 19.33 1.98
C ALA D 135 -20.50 20.75 1.75
N TRP D 136 -19.68 21.75 2.06
CA TRP D 136 -20.13 23.12 1.81
C TRP D 136 -20.17 23.43 0.32
N ASP D 137 -19.25 22.87 -0.44
CA ASP D 137 -19.29 23.00 -1.90
C ASP D 137 -20.63 22.43 -2.39
N ALA D 138 -21.01 21.26 -1.86
CA ALA D 138 -22.23 20.60 -2.26
C ALA D 138 -23.46 21.39 -1.89
N LEU D 139 -23.47 21.96 -0.68
CA LEU D 139 -24.59 22.82 -0.22
C LEU D 139 -24.76 24.12 -1.07
N GLY D 140 -23.64 24.75 -1.43
CA GLY D 140 -23.64 25.85 -2.42
C GLY D 140 -24.32 25.42 -3.73
N LYS D 141 -23.87 24.28 -4.30
CA LYS D 141 -24.48 23.68 -5.51
C LYS D 141 -25.98 23.36 -5.36
N VAL D 142 -26.40 22.82 -4.22
CA VAL D 142 -27.81 22.55 -3.95
C VAL D 142 -28.60 23.85 -4.10
N HIS D 143 -28.08 24.94 -3.56
CA HIS D 143 -28.75 26.26 -3.67
C HIS D 143 -28.24 27.10 -4.84
N GLU D 144 -27.49 26.48 -5.75
CA GLU D 144 -27.08 27.15 -6.99
C GLU D 144 -26.48 28.52 -6.68
N THR D 145 -25.67 28.58 -5.62
CA THR D 145 -25.11 29.85 -5.14
C THR D 145 -23.62 29.72 -4.75
N PRO D 146 -22.80 30.74 -5.07
CA PRO D 146 -21.40 30.71 -4.68
C PRO D 146 -21.33 30.65 -3.16
N LEU D 147 -20.32 29.95 -2.64
CA LEU D 147 -20.20 29.74 -1.20
C LEU D 147 -20.26 31.05 -0.43
N VAL D 148 -19.57 32.07 -0.92
CA VAL D 148 -19.50 33.33 -0.21
C VAL D 148 -20.89 33.88 0.02
N LYS D 149 -21.75 33.78 -0.99
CA LYS D 149 -23.12 34.29 -0.89
C LYS D 149 -23.93 33.38 0.07
N LEU D 150 -23.63 32.09 0.11
CA LEU D 150 -24.33 31.19 1.05
C LEU D 150 -23.94 31.52 2.48
N LEU D 151 -22.75 32.07 2.69
CA LEU D 151 -22.30 32.40 4.07
C LEU D 151 -22.86 33.73 4.48
N GLY D 152 -23.61 34.37 3.57
CA GLY D 152 -24.33 35.59 3.88
C GLY D 152 -23.54 36.83 3.57
N ALA D 153 -22.44 36.70 2.81
CA ALA D 153 -21.56 37.80 2.47
C ALA D 153 -21.52 38.08 0.97
N ASN D 154 -21.01 39.26 0.57
CA ASN D 154 -20.91 39.63 -0.85
C ASN D 154 -19.55 39.22 -1.39
N ALA D 155 -19.50 38.81 -2.64
CA ALA D 155 -18.20 38.64 -3.30
C ALA D 155 -17.51 39.99 -3.35
N ARG D 156 -16.21 40.01 -3.20
CA ARG D 156 -15.50 41.27 -3.29
C ARG D 156 -14.09 40.82 -3.59
N PRO D 157 -13.32 41.60 -4.35
CA PRO D 157 -11.94 41.17 -4.60
C PRO D 157 -11.10 41.19 -3.33
N VAL D 158 -10.15 40.25 -3.19
CA VAL D 158 -9.34 40.13 -1.96
C VAL D 158 -7.85 40.27 -2.27
N GLN D 159 -7.17 41.24 -1.68
CA GLN D 159 -5.74 41.45 -2.00
C GLN D 159 -4.96 40.14 -1.73
N ALA D 160 -4.00 39.82 -2.59
CA ALA D 160 -3.32 38.54 -2.55
C ALA D 160 -1.86 38.79 -2.70
N TYR D 161 -1.04 38.05 -1.95
CA TYR D 161 0.40 38.10 -2.14
C TYR D 161 0.84 36.84 -2.84
N ASP D 162 1.93 36.94 -3.59
CA ASP D 162 2.40 35.80 -4.33
C ASP D 162 3.45 35.13 -3.48
N SER D 163 3.25 33.84 -3.24
CA SER D 163 4.05 33.13 -2.28
C SER D 163 5.16 32.31 -2.91
N HIS D 164 6.41 32.66 -2.58
CA HIS D 164 7.59 32.06 -3.17
C HIS D 164 8.28 31.20 -2.14
N SER D 165 9.56 30.92 -2.30
CA SER D 165 10.21 29.95 -1.41
C SER D 165 11.66 30.26 -1.10
N LEU D 166 12.31 29.36 -0.36
CA LEU D 166 13.71 29.60 -0.01
C LEU D 166 14.55 29.44 -1.30
N ASP D 167 14.54 30.50 -2.09
CA ASP D 167 14.83 30.40 -3.52
C ASP D 167 16.24 30.86 -3.90
N GLY D 168 16.97 31.47 -2.96
CA GLY D 168 18.29 32.02 -3.26
C GLY D 168 18.08 33.39 -3.87
N VAL D 169 19.09 34.26 -3.74
CA VAL D 169 19.01 35.64 -4.14
C VAL D 169 18.52 35.82 -5.58
N LYS D 170 19.15 35.11 -6.52
CA LYS D 170 18.84 35.32 -7.93
C LYS D 170 17.39 35.01 -8.25
N LEU D 171 16.92 33.80 -7.98
CA LEU D 171 15.55 33.41 -8.33
C LEU D 171 14.51 34.10 -7.43
N ALA D 172 14.88 34.43 -6.18
CA ALA D 172 13.93 35.16 -5.30
C ALA D 172 13.56 36.48 -5.95
N THR D 173 14.58 37.20 -6.41
CA THR D 173 14.43 38.54 -6.99
C THR D 173 13.62 38.48 -8.29
N GLU D 174 13.90 37.48 -9.13
CA GLU D 174 13.17 37.23 -10.36
C GLU D 174 11.70 36.94 -10.11
N ARG D 175 11.40 36.02 -9.19
CA ARG D 175 9.97 35.72 -8.91
C ARG D 175 9.25 36.96 -8.42
N ALA D 176 9.97 37.79 -7.66
CA ALA D 176 9.47 39.07 -7.14
C ALA D 176 9.12 40.05 -8.25
N VAL D 177 10.07 40.28 -9.16
CA VAL D 177 9.84 41.16 -10.32
C VAL D 177 8.63 40.74 -11.11
N THR D 178 8.60 39.48 -11.55
CA THR D 178 7.48 38.86 -12.26
C THR D 178 6.13 39.04 -11.52
N ALA D 179 6.08 38.71 -10.24
CA ALA D 179 4.85 38.89 -9.47
C ALA D 179 4.46 40.37 -9.50
N ALA D 180 5.46 41.26 -9.42
CA ALA D 180 5.17 42.70 -9.44
C ALA D 180 4.68 43.10 -10.82
N GLU D 181 5.28 42.51 -11.87
CA GLU D 181 4.80 42.76 -13.25
C GLU D 181 3.36 42.28 -13.43
N LEU D 182 2.99 41.17 -12.78
CA LEU D 182 1.61 40.68 -12.85
C LEU D 182 0.62 41.50 -12.00
N GLY D 183 1.11 42.50 -11.26
CA GLY D 183 0.21 43.39 -10.50
C GLY D 183 -0.01 43.05 -9.00
N PHE D 184 0.64 41.99 -8.52
CA PHE D 184 0.70 41.74 -7.07
C PHE D 184 1.39 42.85 -6.34
N ARG D 185 0.87 43.17 -5.15
CA ARG D 185 1.39 44.28 -4.34
C ARG D 185 2.30 43.79 -3.18
N ALA D 186 2.45 42.47 -3.06
CA ALA D 186 3.40 41.88 -2.09
C ALA D 186 3.73 40.46 -2.50
N VAL D 187 4.81 39.93 -1.94
CA VAL D 187 5.24 38.57 -2.16
C VAL D 187 5.70 38.06 -0.82
N LYS D 188 5.76 36.73 -0.67
CA LYS D 188 6.37 36.15 0.52
C LYS D 188 7.53 35.32 0.06
N THR D 189 8.66 35.46 0.74
CA THR D 189 9.79 34.58 0.52
C THR D 189 10.05 33.79 1.81
N LYS D 190 10.47 32.54 1.67
CA LYS D 190 10.77 31.73 2.84
C LYS D 190 12.25 31.92 3.09
N ILE D 191 12.60 32.16 4.35
CA ILE D 191 13.98 32.41 4.77
C ILE D 191 14.39 31.44 5.88
N GLY D 192 15.54 31.70 6.50
CA GLY D 192 16.19 30.71 7.37
C GLY D 192 17.42 30.05 6.75
N TYR D 193 18.14 30.81 5.92
CA TYR D 193 19.43 30.37 5.36
C TYR D 193 20.40 30.14 6.49
N PRO D 194 21.46 29.36 6.24
CA PRO D 194 22.46 29.11 7.31
C PRO D 194 22.93 30.36 8.05
N ALA D 195 23.00 31.49 7.36
CA ALA D 195 23.47 32.69 8.02
C ALA D 195 22.47 33.81 7.88
N LEU D 196 22.33 34.58 8.96
CA LEU D 196 21.52 35.80 8.95
C LEU D 196 21.86 36.73 7.75
N ASP D 197 23.14 36.96 7.48
CA ASP D 197 23.50 37.82 6.31
C ASP D 197 22.81 37.35 5.00
N GLN D 198 22.66 36.04 4.83
CA GLN D 198 22.00 35.51 3.64
C GLN D 198 20.48 35.82 3.65
N ASP D 199 19.85 35.82 4.84
CA ASP D 199 18.44 36.25 4.97
C ASP D 199 18.33 37.69 4.48
N LEU D 200 19.25 38.52 4.96
CA LEU D 200 19.19 39.96 4.70
C LEU D 200 19.48 40.28 3.23
N ALA D 201 20.44 39.57 2.62
CA ALA D 201 20.79 39.79 1.18
C ALA D 201 19.60 39.50 0.24
N VAL D 202 18.93 38.38 0.47
CA VAL D 202 17.69 38.05 -0.24
C VAL D 202 16.64 39.16 -0.10
N VAL D 203 16.39 39.58 1.13
CA VAL D 203 15.36 40.59 1.33
C VAL D 203 15.80 41.94 0.71
N ARG D 204 17.03 42.35 0.95
CA ARG D 204 17.57 43.59 0.33
C ARG D 204 17.46 43.57 -1.19
N SER D 205 17.75 42.42 -1.80
CA SER D 205 17.72 42.29 -3.26
C SER D 205 16.27 42.32 -3.84
N ILE D 206 15.34 41.66 -3.16
CA ILE D 206 13.92 41.81 -3.50
C ILE D 206 13.45 43.25 -3.41
N ARG D 207 13.86 43.93 -2.33
CA ARG D 207 13.50 45.35 -2.06
C ARG D 207 14.09 46.35 -3.12
N GLN D 208 15.38 46.23 -3.40
CA GLN D 208 16.05 46.95 -4.50
C GLN D 208 15.14 46.89 -5.75
N ALA D 209 14.67 45.70 -6.10
CA ALA D 209 13.91 45.45 -7.34
C ALA D 209 12.42 45.73 -7.33
N VAL D 210 11.78 45.77 -6.16
CA VAL D 210 10.34 46.03 -6.13
C VAL D 210 10.06 47.48 -5.74
N GLY D 211 11.05 48.14 -5.14
CA GLY D 211 10.88 49.49 -4.58
C GLY D 211 10.27 49.52 -3.17
N ASP D 212 10.14 50.70 -2.60
CA ASP D 212 9.68 50.81 -1.24
C ASP D 212 8.21 50.57 -1.02
N ASP D 213 7.45 50.61 -2.07
CA ASP D 213 6.00 50.53 -1.87
C ASP D 213 5.40 49.18 -2.23
N PHE D 214 5.77 48.17 -1.47
CA PHE D 214 5.54 46.80 -1.85
C PHE D 214 5.81 45.94 -0.63
N GLY D 215 4.93 44.99 -0.36
CA GLY D 215 5.10 44.09 0.77
C GLY D 215 6.07 42.93 0.53
N ILE D 216 6.94 42.71 1.51
CA ILE D 216 7.81 41.57 1.54
C ILE D 216 7.53 40.83 2.86
N MET D 217 6.75 39.76 2.80
CA MET D 217 6.55 38.91 3.99
C MET D 217 7.66 37.86 4.01
N VAL D 218 8.13 37.50 5.21
CA VAL D 218 9.13 36.48 5.34
C VAL D 218 8.65 35.34 6.25
N ASP D 219 9.11 34.13 5.97
CA ASP D 219 8.62 32.95 6.66
C ASP D 219 9.80 32.08 7.06
N TYR D 220 9.98 31.85 8.36
CA TYR D 220 11.09 31.04 8.89
C TYR D 220 10.81 29.55 8.96
N ASN D 221 9.55 29.18 8.73
CA ASN D 221 9.15 27.78 8.81
C ASN D 221 9.72 27.07 10.03
N GLN D 222 9.61 27.71 11.18
CA GLN D 222 9.78 27.01 12.46
C GLN D 222 11.22 26.72 12.73
N SER D 223 12.12 27.34 11.96
CA SER D 223 13.51 26.87 11.96
C SER D 223 14.39 27.41 13.07
N LEU D 224 13.96 28.45 13.77
CA LEU D 224 14.83 29.10 14.74
C LEU D 224 14.39 28.82 16.17
N ASP D 225 15.34 28.83 17.09
CA ASP D 225 14.98 28.76 18.49
C ASP D 225 14.67 30.21 18.92
N VAL D 226 14.09 30.41 20.10
CA VAL D 226 13.59 31.74 20.48
C VAL D 226 14.69 32.83 20.47
N PRO D 227 15.87 32.54 21.01
CA PRO D 227 16.88 33.65 20.93
C PRO D 227 17.32 33.99 19.50
N ALA D 228 17.58 32.98 18.69
CA ALA D 228 17.93 33.18 17.28
C ALA D 228 16.83 33.94 16.56
N ALA D 229 15.58 33.56 16.83
CA ALA D 229 14.43 34.29 16.28
C ALA D 229 14.36 35.77 16.69
N ILE D 230 14.78 36.10 17.92
CA ILE D 230 14.75 37.48 18.36
C ILE D 230 15.85 38.25 17.59
N LYS D 231 17.03 37.67 17.49
CA LYS D 231 18.15 38.31 16.84
C LYS D 231 17.88 38.52 15.38
N ARG D 232 17.47 37.46 14.70
CA ARG D 232 17.20 37.53 13.27
C ARG D 232 16.05 38.45 13.00
N SER D 233 14.99 38.32 13.83
CA SER D 233 13.80 39.12 13.56
C SER D 233 14.04 40.60 13.78
N GLN D 234 14.86 40.99 14.75
CA GLN D 234 15.10 42.41 14.95
C GLN D 234 15.96 43.00 13.79
N ALA D 235 16.77 42.18 13.15
CA ALA D 235 17.58 42.68 12.05
C ALA D 235 16.66 42.74 10.83
N LEU D 236 15.76 41.75 10.69
CA LEU D 236 14.82 41.83 9.55
C LEU D 236 13.91 43.00 9.68
N GLN D 237 13.53 43.31 10.91
CA GLN D 237 12.67 44.45 11.13
C GLN D 237 13.31 45.81 10.73
N GLN D 238 14.60 45.96 10.85
CA GLN D 238 15.35 47.11 10.40
C GLN D 238 15.24 47.22 8.90
N GLU D 239 15.25 46.10 8.20
CA GLU D 239 15.09 46.03 6.74
C GLU D 239 13.74 46.49 6.22
N GLY D 240 12.72 46.46 7.06
CA GLY D 240 11.34 46.60 6.59
C GLY D 240 10.96 45.26 5.99
N VAL D 241 10.16 44.49 6.70
CA VAL D 241 9.45 43.33 6.20
C VAL D 241 8.02 43.48 6.70
N THR D 242 7.08 42.84 6.04
CA THR D 242 5.68 43.08 6.33
C THR D 242 5.22 42.20 7.53
N TRP D 243 5.86 41.05 7.66
CA TRP D 243 5.59 40.20 8.81
C TRP D 243 6.57 39.10 8.87
N ILE D 244 6.78 38.57 10.08
CA ILE D 244 7.67 37.45 10.30
C ILE D 244 6.83 36.26 10.74
N GLU D 245 6.84 35.24 9.88
CA GLU D 245 5.97 34.09 9.95
C GLU D 245 6.71 32.88 10.56
N GLU D 246 6.01 32.19 11.45
CA GLU D 246 6.49 31.00 12.15
C GLU D 246 7.97 31.04 12.48
N PRO D 247 8.36 31.98 13.32
CA PRO D 247 9.79 32.06 13.67
C PRO D 247 10.32 30.81 14.39
N THR D 248 9.48 30.15 15.22
CA THR D 248 9.93 29.01 15.97
C THR D 248 8.95 27.82 15.85
N LEU D 249 9.24 26.73 16.56
CA LEU D 249 8.34 25.55 16.58
C LEU D 249 6.89 25.94 16.66
N GLN D 250 6.08 25.44 15.72
CA GLN D 250 4.72 25.89 15.51
C GLN D 250 3.86 25.78 16.81
N HIS D 251 3.99 24.69 17.56
CA HIS D 251 3.13 24.47 18.73
C HIS D 251 3.58 25.33 19.90
N ASP D 252 4.73 26.01 19.75
CA ASP D 252 5.27 26.72 20.90
C ASP D 252 4.77 28.15 20.94
N TYR D 253 3.54 28.27 21.43
CA TYR D 253 2.85 29.55 21.50
C TYR D 253 3.54 30.50 22.48
N GLU D 254 3.93 29.99 23.64
CA GLU D 254 4.68 30.83 24.63
C GLU D 254 5.98 31.42 24.01
N GLY D 255 6.65 30.61 23.21
CA GLY D 255 7.89 31.03 22.61
C GLY D 255 7.62 32.08 21.56
N HIS D 256 6.54 31.92 20.79
CA HIS D 256 6.12 32.95 19.85
C HIS D 256 5.80 34.26 20.53
N GLN D 257 5.06 34.18 21.63
CA GLN D 257 4.77 35.36 22.43
C GLN D 257 6.09 36.01 22.85
N ARG D 258 7.08 35.22 23.32
CA ARG D 258 8.36 35.80 23.79
C ARG D 258 9.06 36.58 22.61
N ILE D 259 9.16 35.95 21.44
CA ILE D 259 9.65 36.60 20.21
C ILE D 259 8.83 37.83 19.88
N GLN D 260 7.50 37.71 19.87
CA GLN D 260 6.63 38.86 19.62
C GLN D 260 6.87 40.03 20.57
N SER D 261 7.14 39.74 21.86
CA SER D 261 7.36 40.80 22.84
C SER D 261 8.60 41.65 22.50
N LYS D 262 9.49 41.14 21.67
CA LYS D 262 10.72 41.91 21.40
C LYS D 262 10.65 42.63 20.06
N LEU D 263 9.45 42.69 19.48
CA LEU D 263 9.31 43.13 18.10
C LEU D 263 8.17 44.11 17.93
N ASN D 264 8.37 45.05 17.00
CA ASN D 264 7.32 45.96 16.52
C ASN D 264 6.57 45.39 15.33
N VAL D 265 7.33 44.79 14.41
CA VAL D 265 6.75 44.11 13.26
C VAL D 265 5.93 42.92 13.76
N PRO D 266 4.84 42.58 13.08
CA PRO D 266 4.00 41.49 13.61
C PRO D 266 4.54 40.10 13.34
N VAL D 267 4.43 39.25 14.37
CA VAL D 267 4.66 37.85 14.21
C VAL D 267 3.37 37.31 13.62
N GLN D 268 3.49 36.39 12.65
CA GLN D 268 2.41 35.81 11.90
C GLN D 268 2.48 34.30 12.11
N MET D 269 1.34 33.64 12.27
CA MET D 269 1.33 32.17 12.37
C MET D 269 -0.08 31.70 12.15
N GLY D 270 -0.30 30.39 12.14
CA GLY D 270 -1.67 29.92 12.05
C GLY D 270 -1.81 28.73 11.13
N GLU D 271 -0.90 28.61 10.16
CA GLU D 271 -1.08 27.54 9.16
C GLU D 271 -1.15 26.18 9.79
N ASN D 272 -0.53 26.04 10.97
CA ASN D 272 -0.41 24.77 11.63
C ASN D 272 -1.44 24.51 12.73
N TRP D 273 -2.37 25.44 12.96
CA TRP D 273 -3.43 25.27 14.00
C TRP D 273 -4.37 24.19 13.59
N LEU D 274 -4.50 23.15 14.39
CA LEU D 274 -5.43 22.10 14.04
C LEU D 274 -6.70 22.34 14.81
N GLY D 275 -7.65 22.98 14.14
CA GLY D 275 -8.92 23.35 14.75
C GLY D 275 -8.87 24.76 15.40
N PRO D 276 -10.04 25.42 15.50
CA PRO D 276 -10.02 26.73 16.16
C PRO D 276 -9.65 26.69 17.67
N GLU D 277 -9.59 25.50 18.26
CA GLU D 277 -9.23 25.42 19.67
C GLU D 277 -7.74 25.65 19.80
N GLU D 278 -7.01 25.40 18.75
CA GLU D 278 -5.57 25.67 18.84
C GLU D 278 -5.31 27.14 18.65
N MET D 279 -6.01 27.73 17.68
CA MET D 279 -5.91 29.12 17.43
C MET D 279 -6.29 29.86 18.72
N PHE D 280 -7.33 29.38 19.40
CA PHE D 280 -7.78 30.02 20.65
C PHE D 280 -6.71 29.99 21.71
N LYS D 281 -6.00 28.88 21.87
CA LYS D 281 -4.90 28.84 22.83
C LYS D 281 -3.78 29.78 22.42
N ALA D 282 -3.46 29.90 21.14
CA ALA D 282 -2.33 30.72 20.72
C ALA D 282 -2.66 32.21 20.95
N LEU D 283 -3.86 32.62 20.57
CA LEU D 283 -4.28 34.02 20.76
C LEU D 283 -4.44 34.42 22.24
N SER D 284 -4.93 33.50 23.09
CA SER D 284 -5.10 33.73 24.50
C SER D 284 -3.82 34.09 25.24
N ILE D 285 -2.67 33.59 24.78
CA ILE D 285 -1.44 33.95 25.43
C ILE D 285 -0.60 34.93 24.63
N GLY D 286 -1.23 35.51 23.60
CA GLY D 286 -0.59 36.54 22.79
C GLY D 286 0.58 36.05 21.96
N ALA D 287 0.46 34.90 21.31
CA ALA D 287 1.56 34.35 20.50
C ALA D 287 1.94 35.26 19.30
N CYS D 288 0.96 35.96 18.73
CA CYS D 288 1.17 36.60 17.45
C CYS D 288 0.25 37.79 17.33
N ARG D 289 0.55 38.69 16.39
CA ARG D 289 -0.39 39.80 16.13
C ARG D 289 -1.19 39.69 14.83
N LEU D 290 -0.92 38.63 14.07
CA LEU D 290 -1.58 38.31 12.80
C LEU D 290 -1.84 36.83 12.84
N ALA D 291 -2.87 36.41 12.13
CA ALA D 291 -3.16 35.01 12.03
C ALA D 291 -3.43 34.64 10.57
N MET D 292 -3.17 33.37 10.23
CA MET D 292 -3.44 32.86 8.92
C MET D 292 -3.82 31.38 9.03
N PRO D 293 -5.06 31.09 9.45
CA PRO D 293 -5.47 29.72 9.42
C PRO D 293 -5.36 29.13 7.99
N ASP D 294 -5.32 27.80 7.94
CA ASP D 294 -5.26 26.96 6.76
C ASP D 294 -6.63 26.30 6.63
N ALA D 295 -7.32 26.58 5.53
CA ALA D 295 -8.68 26.05 5.40
C ALA D 295 -8.80 24.56 5.82
N MET D 296 -7.77 23.75 5.54
CA MET D 296 -7.79 22.32 5.87
C MET D 296 -7.57 22.11 7.36
N LYS D 297 -6.46 22.61 7.88
CA LYS D 297 -6.14 22.34 9.30
C LYS D 297 -7.09 23.00 10.30
N ILE D 298 -7.64 24.14 9.93
CA ILE D 298 -8.49 24.85 10.87
C ILE D 298 -9.85 24.16 10.97
N GLY D 299 -10.11 23.18 10.10
CA GLY D 299 -11.38 22.43 10.16
C GLY D 299 -12.36 22.78 9.05
N GLY D 300 -11.84 23.16 7.89
CA GLY D 300 -12.71 23.46 6.73
C GLY D 300 -13.47 24.78 6.87
N VAL D 301 -14.56 24.88 6.14
CA VAL D 301 -15.40 26.08 6.20
C VAL D 301 -15.97 26.24 7.62
N THR D 302 -16.49 25.15 8.18
CA THR D 302 -16.98 25.18 9.55
C THR D 302 -15.92 25.73 10.55
N GLY D 303 -14.71 25.20 10.53
CA GLY D 303 -13.70 25.71 11.45
C GLY D 303 -13.29 27.13 11.07
N TRP D 304 -13.28 27.44 9.76
CA TRP D 304 -12.81 28.77 9.34
C TRP D 304 -13.70 29.86 9.90
N ILE D 305 -14.99 29.61 9.86
CA ILE D 305 -16.01 30.56 10.33
C ILE D 305 -15.87 30.80 11.84
N ARG D 306 -15.68 29.72 12.62
CA ARG D 306 -15.35 29.85 14.05
C ARG D 306 -14.06 30.65 14.26
N ALA D 307 -13.02 30.29 13.51
CA ALA D 307 -11.74 31.01 13.51
C ALA D 307 -11.91 32.51 13.30
N SER D 308 -12.70 32.89 12.30
CA SER D 308 -12.97 34.30 12.02
C SER D 308 -13.61 35.07 13.14
N ALA D 309 -14.53 34.41 13.89
CA ALA D 309 -15.15 34.96 15.09
C ALA D 309 -14.08 35.24 16.15
N LEU D 310 -13.19 34.29 16.41
CA LEU D 310 -12.03 34.54 17.31
C LEU D 310 -11.10 35.71 16.84
N ALA D 311 -10.64 35.70 15.58
CA ALA D 311 -9.72 36.77 15.16
C ALA D 311 -10.33 38.13 15.37
N GLN D 312 -11.64 38.21 15.15
CA GLN D 312 -12.38 39.45 15.30
C GLN D 312 -12.40 39.93 16.74
N GLN D 313 -12.75 39.05 17.68
CA GLN D 313 -12.72 39.47 19.07
C GLN D 313 -11.31 39.75 19.57
N PHE D 314 -10.35 38.91 19.22
CA PHE D 314 -8.99 39.14 19.66
C PHE D 314 -8.31 40.34 18.88
N GLY D 315 -8.97 40.94 17.89
CA GLY D 315 -8.34 42.06 17.09
C GLY D 315 -7.18 41.61 16.25
N ILE D 316 -7.34 40.47 15.55
CA ILE D 316 -6.26 39.91 14.81
C ILE D 316 -6.66 39.86 13.36
N PRO D 317 -5.94 40.64 12.49
CA PRO D 317 -6.09 40.56 11.03
C PRO D 317 -5.83 39.16 10.52
N MET D 318 -6.78 38.61 9.76
CA MET D 318 -6.76 37.18 9.47
C MET D 318 -6.53 36.94 7.96
N SER D 319 -5.45 36.25 7.61
CA SER D 319 -5.15 35.85 6.26
C SER D 319 -5.39 34.35 6.08
N SER D 320 -5.22 33.88 4.86
CA SER D 320 -5.34 32.47 4.53
C SER D 320 -3.97 31.83 4.31
N HIS D 321 -3.97 30.51 4.35
CA HIS D 321 -2.78 29.72 4.05
C HIS D 321 -3.18 28.66 3.09
N LEU D 322 -2.57 28.70 1.92
CA LEU D 322 -2.90 27.78 0.83
C LEU D 322 -4.39 27.76 0.51
N PHE D 323 -4.88 26.68 -0.12
CA PHE D 323 -6.29 26.53 -0.43
C PHE D 323 -6.90 27.79 -1.02
N GLN D 324 -6.17 28.36 -1.97
CA GLN D 324 -6.56 29.65 -2.52
C GLN D 324 -7.98 29.69 -3.09
N GLU D 325 -8.45 28.58 -3.63
CA GLU D 325 -9.76 28.57 -4.22
C GLU D 325 -10.87 28.78 -3.20
N ILE D 326 -10.84 28.09 -2.07
CA ILE D 326 -11.95 28.24 -1.14
C ILE D 326 -11.65 29.47 -0.27
N SER D 327 -10.39 29.83 -0.12
CA SER D 327 -10.02 30.95 0.74
C SER D 327 -10.46 32.31 0.23
N ALA D 328 -10.52 32.49 -1.10
CA ALA D 328 -11.16 33.67 -1.69
C ALA D 328 -12.61 33.87 -1.18
N HIS D 329 -13.43 32.81 -1.17
CA HIS D 329 -14.75 32.88 -0.58
C HIS D 329 -14.71 33.16 0.92
N LEU D 330 -13.83 32.45 1.61
CA LEU D 330 -13.90 32.44 3.06
C LEU D 330 -13.52 33.81 3.60
N LEU D 331 -12.47 34.37 3.02
CA LEU D 331 -11.98 35.69 3.37
C LEU D 331 -12.97 36.80 3.16
N ALA D 332 -13.78 36.71 2.11
CA ALA D 332 -14.86 37.67 1.88
C ALA D 332 -15.90 37.66 3.02
N ALA D 333 -16.00 36.56 3.74
CA ALA D 333 -16.92 36.47 4.88
C ALA D 333 -16.20 36.73 6.22
N THR D 334 -14.95 37.17 6.19
CA THR D 334 -14.10 37.22 7.42
C THR D 334 -13.95 38.65 7.87
N PRO D 335 -14.50 38.99 9.08
CA PRO D 335 -14.53 40.44 9.46
C PRO D 335 -13.16 41.13 9.50
N THR D 336 -12.08 40.41 9.85
CA THR D 336 -10.75 41.02 9.82
C THR D 336 -9.85 40.55 8.63
N ALA D 337 -10.46 40.14 7.52
CA ALA D 337 -9.76 39.63 6.35
C ALA D 337 -8.57 40.53 6.03
N HIS D 338 -7.42 39.90 5.82
CA HIS D 338 -6.20 40.65 5.63
C HIS D 338 -5.60 40.37 4.24
N TRP D 339 -4.92 39.23 4.04
CA TRP D 339 -4.41 38.81 2.72
C TRP D 339 -4.82 37.40 2.36
N LEU D 340 -4.93 37.16 1.05
CA LEU D 340 -5.03 35.79 0.52
C LEU D 340 -3.64 35.36 0.08
N GLU D 341 -3.26 34.15 0.47
CA GLU D 341 -1.98 33.63 0.05
C GLU D 341 -2.13 32.97 -1.32
N ARG D 342 -1.34 33.44 -2.28
CA ARG D 342 -1.35 32.82 -3.60
C ARG D 342 -0.19 31.84 -3.78
N LEU D 343 -0.57 30.58 -3.72
CA LEU D 343 0.36 29.50 -3.95
C LEU D 343 -0.52 28.41 -4.53
N ASP D 344 -0.40 28.24 -5.84
CA ASP D 344 -1.35 27.45 -6.58
C ASP D 344 -0.93 26.01 -6.55
N LEU D 345 -1.29 25.30 -5.48
CA LEU D 345 -0.79 23.93 -5.32
C LEU D 345 -1.52 23.01 -6.24
N ALA D 346 -2.77 23.31 -6.54
CA ALA D 346 -3.64 22.33 -7.23
C ALA D 346 -3.98 22.72 -8.69
N GLY D 347 -3.29 23.75 -9.19
CA GLY D 347 -3.49 24.28 -10.57
C GLY D 347 -3.45 23.22 -11.66
N SER D 348 -2.63 22.19 -11.46
CA SER D 348 -2.49 21.11 -12.44
C SER D 348 -3.72 20.25 -12.54
N VAL D 349 -4.57 20.22 -11.52
CA VAL D 349 -5.76 19.36 -11.61
C VAL D 349 -7.07 20.08 -11.39
N ILE D 350 -7.00 21.41 -11.25
CA ILE D 350 -8.21 22.27 -11.05
C ILE D 350 -8.30 23.40 -12.08
N GLU D 351 -9.48 23.55 -12.71
CA GLU D 351 -9.72 24.60 -13.71
C GLU D 351 -9.42 25.98 -13.11
N PRO D 352 -8.72 26.86 -13.88
CA PRO D 352 -8.37 28.16 -13.31
C PRO D 352 -9.55 29.17 -13.27
N THR D 353 -10.62 28.84 -12.56
CA THR D 353 -11.78 29.73 -12.46
C THR D 353 -11.54 30.91 -11.51
N LEU D 354 -10.61 30.74 -10.57
CA LEU D 354 -10.14 31.84 -9.75
C LEU D 354 -9.16 32.65 -10.59
N THR D 355 -9.34 33.96 -10.64
CA THR D 355 -8.44 34.82 -11.43
C THR D 355 -7.90 35.91 -10.54
N PHE D 356 -6.90 36.62 -11.04
CA PHE D 356 -6.28 37.70 -10.34
C PHE D 356 -6.30 38.97 -11.21
N GLU D 357 -7.02 40.00 -10.72
CA GLU D 357 -7.08 41.34 -11.29
C GLU D 357 -6.43 42.37 -10.33
N GLY D 358 -5.30 42.95 -10.76
CA GLY D 358 -4.64 44.00 -10.00
C GLY D 358 -4.10 43.49 -8.66
N GLY D 359 -3.80 42.20 -8.62
CA GLY D 359 -3.24 41.60 -7.44
C GLY D 359 -4.32 41.07 -6.51
N ASN D 360 -5.59 41.17 -6.86
CA ASN D 360 -6.64 40.67 -6.00
C ASN D 360 -7.25 39.45 -6.58
N ALA D 361 -7.53 38.49 -5.71
CA ALA D 361 -8.28 37.29 -6.07
C ALA D 361 -9.73 37.66 -6.40
N VAL D 362 -10.26 37.07 -7.48
CA VAL D 362 -11.64 37.33 -7.90
C VAL D 362 -12.44 36.02 -7.87
N ILE D 363 -13.45 35.95 -6.99
CA ILE D 363 -14.23 34.73 -6.81
C ILE D 363 -15.01 34.50 -8.11
N PRO D 364 -14.98 33.28 -8.66
CA PRO D 364 -15.77 33.04 -9.88
C PRO D 364 -17.29 32.94 -9.63
N ASP D 365 -18.09 33.21 -10.66
CA ASP D 365 -19.55 33.18 -10.58
C ASP D 365 -20.12 31.76 -10.68
N LEU D 366 -19.57 30.83 -9.92
CA LEU D 366 -20.03 29.45 -9.97
C LEU D 366 -20.65 29.05 -8.65
N PRO D 367 -21.54 28.06 -8.66
CA PRO D 367 -22.09 27.64 -7.38
C PRO D 367 -21.01 26.95 -6.48
N GLY D 368 -21.31 26.84 -5.18
CA GLY D 368 -20.30 26.40 -4.22
C GLY D 368 -18.97 27.09 -4.39
N VAL D 369 -17.88 26.31 -4.46
CA VAL D 369 -16.54 26.88 -4.38
C VAL D 369 -15.99 27.27 -5.75
N GLY D 370 -16.53 26.63 -6.77
CA GLY D 370 -16.07 26.91 -8.15
C GLY D 370 -14.85 26.09 -8.53
N ILE D 371 -14.74 24.93 -7.92
CA ILE D 371 -13.68 24.00 -8.19
C ILE D 371 -14.22 23.05 -9.21
N ILE D 372 -13.53 23.01 -10.36
CA ILE D 372 -13.85 22.00 -11.40
C ILE D 372 -12.58 21.24 -11.75
N TRP D 373 -12.68 19.92 -11.63
CA TRP D 373 -11.55 19.00 -11.89
C TRP D 373 -11.14 19.03 -13.35
N ARG D 374 -9.83 19.05 -13.60
CA ARG D 374 -9.35 18.79 -14.96
C ARG D 374 -9.14 17.27 -15.05
N GLU D 375 -10.21 16.56 -15.36
CA GLU D 375 -10.22 15.09 -15.41
C GLU D 375 -9.21 14.52 -16.41
N LYS D 376 -8.95 15.22 -17.49
CA LYS D 376 -7.97 14.76 -18.47
C LYS D 376 -6.55 14.80 -17.87
N GLU D 377 -6.34 15.61 -16.82
CA GLU D 377 -5.00 15.76 -16.22
C GLU D 377 -4.72 14.90 -14.99
N ILE D 378 -5.78 14.53 -14.29
CA ILE D 378 -5.65 13.80 -13.02
C ILE D 378 -4.94 12.47 -13.28
N GLY D 379 -5.34 11.81 -14.38
CA GLY D 379 -4.67 10.62 -14.90
C GLY D 379 -3.14 10.62 -14.77
N LYS D 380 -2.43 11.69 -15.18
CA LYS D 380 -0.95 11.68 -15.16
C LYS D 380 -0.33 11.63 -13.76
N TYR D 381 -1.12 11.96 -12.74
CA TYR D 381 -0.50 12.19 -11.43
C TYR D 381 -0.91 11.21 -10.35
N LEU D 382 -1.84 10.32 -10.66
CA LEU D 382 -2.29 9.29 -9.71
C LEU D 382 -1.14 8.49 -9.11
N VAL D 383 -1.12 8.36 -7.78
CA VAL D 383 -0.32 7.34 -7.15
C VAL D 383 -1.31 6.24 -6.82
#